data_5Y93
# 
_entry.id   5Y93 
# 
_audit_conform.dict_name       mmcif_pdbx.dic 
_audit_conform.dict_version    5.387 
_audit_conform.dict_location   http://mmcif.pdb.org/dictionaries/ascii/mmcif_pdbx.dic 
# 
loop_
_database_2.database_id 
_database_2.database_code 
_database_2.pdbx_database_accession 
_database_2.pdbx_DOI 
PDB   5Y93         pdb_00005y93 10.2210/pdb5y93/pdb 
WWPDB D_1300004856 ?            ?                   
# 
loop_
_pdbx_audit_revision_history.ordinal 
_pdbx_audit_revision_history.data_content_type 
_pdbx_audit_revision_history.major_revision 
_pdbx_audit_revision_history.minor_revision 
_pdbx_audit_revision_history.revision_date 
1 'Structure model' 1 0 2018-06-13 
2 'Structure model' 1 1 2019-12-04 
3 'Structure model' 1 2 2024-03-27 
# 
_pdbx_audit_revision_details.ordinal             1 
_pdbx_audit_revision_details.revision_ordinal    1 
_pdbx_audit_revision_details.data_content_type   'Structure model' 
_pdbx_audit_revision_details.provider            repository 
_pdbx_audit_revision_details.type                'Initial release' 
_pdbx_audit_revision_details.description         ? 
_pdbx_audit_revision_details.details             ? 
# 
loop_
_pdbx_audit_revision_group.ordinal 
_pdbx_audit_revision_group.revision_ordinal 
_pdbx_audit_revision_group.data_content_type 
_pdbx_audit_revision_group.group 
1 2 'Structure model' 'Data collection'     
2 3 'Structure model' 'Data collection'     
3 3 'Structure model' 'Database references' 
# 
loop_
_pdbx_audit_revision_category.ordinal 
_pdbx_audit_revision_category.revision_ordinal 
_pdbx_audit_revision_category.data_content_type 
_pdbx_audit_revision_category.category 
1 2 'Structure model' reflns_shell   
2 3 'Structure model' chem_comp_atom 
3 3 'Structure model' chem_comp_bond 
4 3 'Structure model' database_2     
# 
loop_
_pdbx_audit_revision_item.ordinal 
_pdbx_audit_revision_item.revision_ordinal 
_pdbx_audit_revision_item.data_content_type 
_pdbx_audit_revision_item.item 
1 3 'Structure model' '_database_2.pdbx_DOI'                
2 3 'Structure model' '_database_2.pdbx_database_accession' 
# 
_pdbx_database_status.status_code                     REL 
_pdbx_database_status.status_code_sf                  REL 
_pdbx_database_status.status_code_mr                  ? 
_pdbx_database_status.entry_id                        5Y93 
_pdbx_database_status.recvd_initial_deposition_date   2017-08-22 
_pdbx_database_status.SG_entry                        N 
_pdbx_database_status.deposit_site                    PDBJ 
_pdbx_database_status.process_site                    PDBJ 
_pdbx_database_status.status_code_cs                  ? 
_pdbx_database_status.methods_development_category    ? 
_pdbx_database_status.pdb_format_compatible           Y 
_pdbx_database_status.status_code_nmr_data            ? 
# 
loop_
_audit_author.name 
_audit_author.pdbx_ordinal 
_audit_author.identifier_ORCID 
'Xu, Y.'    1 ? 
'Zhang, Y.' 2 ? 
'Song, M.'  3 ? 
'Wang, C.'  4 ? 
# 
_citation.abstract                  ? 
_citation.abstract_id_CAS           ? 
_citation.book_id_ISBN              ? 
_citation.book_publisher            ? 
_citation.book_publisher_city       ? 
_citation.book_title                ? 
_citation.coordinate_linkage        ? 
_citation.country                   US 
_citation.database_id_Medline       ? 
_citation.details                   ? 
_citation.id                        primary 
_citation.journal_abbrev            'J. Med. Chem.' 
_citation.journal_id_ASTM           JMCMAR 
_citation.journal_id_CSD            0151 
_citation.journal_id_ISSN           1520-4804 
_citation.journal_full              ? 
_citation.journal_issue             ? 
_citation.journal_volume            61 
_citation.language                  ? 
_citation.page_first                3037 
_citation.page_last                 3058 
_citation.title                     
;Structure-Based Discovery and Optimization of Benzo[ d]isoxazole Derivatives as Potent and Selective BET Inhibitors for Potential Treatment of Castration-Resistant Prostate Cancer (CRPC)
;
_citation.year                      2018 
_citation.database_id_CSD           ? 
_citation.pdbx_database_id_DOI      10.1021/acs.jmedchem.8b00103 
_citation.pdbx_database_id_PubMed   29566488 
_citation.unpublished_flag          ? 
# 
loop_
_citation_author.citation_id 
_citation_author.name 
_citation_author.ordinal 
_citation_author.identifier_ORCID 
primary 'Zhang, M.' 1  ? 
primary 'Zhang, Y.' 2  ? 
primary 'Song, M.'  3  ? 
primary 'Xue, X.'   4  ? 
primary 'Wang, J.'  5  ? 
primary 'Wang, C.'  6  ? 
primary 'Zhang, C.' 7  ? 
primary 'Li, C.'    8  ? 
primary 'Xiang, Q.' 9  ? 
primary 'Zou, L.'   10 ? 
primary 'Wu, X.'    11 ? 
primary 'Wu, C.'    12 ? 
primary 'Dong, B.'  13 ? 
primary 'Xue, W.'   14 ? 
primary 'Zhou, Y.'  15 ? 
primary 'Chen, H.'  16 ? 
primary 'Wu, D.'    17 ? 
primary 'Ding, K.'  18 ? 
primary 'Xu, Y.'    19 ? 
# 
loop_
_entity.id 
_entity.type 
_entity.src_method 
_entity.pdbx_description 
_entity.formula_weight 
_entity.pdbx_number_of_molecules 
_entity.pdbx_ec 
_entity.pdbx_mutation 
_entity.pdbx_fragment 
_entity.details 
1 polymer     man 'Bromodomain-containing protein 4' 16767.326 1  ? ? 'UNP residues 44-168' 
;sequence from 28-43 are tags.
MKKGHHHHHHLVPRGS
;
2 non-polymer syn 
'2-[[5-[(5-bromanyl-2-methoxy-phenyl)sulfonylamino]-3-methyl-1,2-benzoxazol-6-yl]oxy]-N-(2-morpholin-4-ylethyl)ethanamide' 583.452 
1  ? ? ?                     ?                                                
3 non-polymer syn 'NITRATE ION' 62.005    2  ? ? ?                     ?                                                
4 non-polymer syn 1,2-ETHANEDIOL 62.068    1  ? ? ?                     ?                                                
5 non-polymer syn GLYCEROL 92.094    2  ? ? ?                     ?                                                
6 water       nat water 18.015    66 ? ? ?                     ?                                                
# 
_entity_name_com.entity_id   1 
_entity_name_com.name        'Protein HUNK1' 
# 
_entity_poly.entity_id                      1 
_entity_poly.type                           'polypeptide(L)' 
_entity_poly.nstd_linkage                   no 
_entity_poly.nstd_monomer                   no 
_entity_poly.pdbx_seq_one_letter_code       
;MKKGHHHHHHLVPRGSNPPPPETSNPNKPKRQTNQLQYLLRVVLKTLWKHQFAWPFQQPVDAVKLNLPDYYKIIKTPMDM
GTIKKRLENNYYWNAQECIQDFNTMFTNCYIYNKPGDDIVLMAEALEKLFLQKINELPTEE
;
_entity_poly.pdbx_seq_one_letter_code_can   
;MKKGHHHHHHLVPRGSNPPPPETSNPNKPKRQTNQLQYLLRVVLKTLWKHQFAWPFQQPVDAVKLNLPDYYKIIKTPMDM
GTIKKRLENNYYWNAQECIQDFNTMFTNCYIYNKPGDDIVLMAEALEKLFLQKINELPTEE
;
_entity_poly.pdbx_strand_id                 A 
_entity_poly.pdbx_target_identifier         ? 
# 
loop_
_pdbx_entity_nonpoly.entity_id 
_pdbx_entity_nonpoly.name 
_pdbx_entity_nonpoly.comp_id 
2 '2-[[5-[(5-bromanyl-2-methoxy-phenyl)sulfonylamino]-3-methyl-1,2-benzoxazol-6-yl]oxy]-N-(2-morpholin-4-ylethyl)ethanamide' 8Q9 
3 'NITRATE ION'                                                                                                              NO3 
4 1,2-ETHANEDIOL                                                                                                             EDO 
5 GLYCEROL                                                                                                                   GOL 
6 water                                                                                                                      HOH 
# 
loop_
_entity_poly_seq.entity_id 
_entity_poly_seq.num 
_entity_poly_seq.mon_id 
_entity_poly_seq.hetero 
1 1   MET n 
1 2   LYS n 
1 3   LYS n 
1 4   GLY n 
1 5   HIS n 
1 6   HIS n 
1 7   HIS n 
1 8   HIS n 
1 9   HIS n 
1 10  HIS n 
1 11  LEU n 
1 12  VAL n 
1 13  PRO n 
1 14  ARG n 
1 15  GLY n 
1 16  SER n 
1 17  ASN n 
1 18  PRO n 
1 19  PRO n 
1 20  PRO n 
1 21  PRO n 
1 22  GLU n 
1 23  THR n 
1 24  SER n 
1 25  ASN n 
1 26  PRO n 
1 27  ASN n 
1 28  LYS n 
1 29  PRO n 
1 30  LYS n 
1 31  ARG n 
1 32  GLN n 
1 33  THR n 
1 34  ASN n 
1 35  GLN n 
1 36  LEU n 
1 37  GLN n 
1 38  TYR n 
1 39  LEU n 
1 40  LEU n 
1 41  ARG n 
1 42  VAL n 
1 43  VAL n 
1 44  LEU n 
1 45  LYS n 
1 46  THR n 
1 47  LEU n 
1 48  TRP n 
1 49  LYS n 
1 50  HIS n 
1 51  GLN n 
1 52  PHE n 
1 53  ALA n 
1 54  TRP n 
1 55  PRO n 
1 56  PHE n 
1 57  GLN n 
1 58  GLN n 
1 59  PRO n 
1 60  VAL n 
1 61  ASP n 
1 62  ALA n 
1 63  VAL n 
1 64  LYS n 
1 65  LEU n 
1 66  ASN n 
1 67  LEU n 
1 68  PRO n 
1 69  ASP n 
1 70  TYR n 
1 71  TYR n 
1 72  LYS n 
1 73  ILE n 
1 74  ILE n 
1 75  LYS n 
1 76  THR n 
1 77  PRO n 
1 78  MET n 
1 79  ASP n 
1 80  MET n 
1 81  GLY n 
1 82  THR n 
1 83  ILE n 
1 84  LYS n 
1 85  LYS n 
1 86  ARG n 
1 87  LEU n 
1 88  GLU n 
1 89  ASN n 
1 90  ASN n 
1 91  TYR n 
1 92  TYR n 
1 93  TRP n 
1 94  ASN n 
1 95  ALA n 
1 96  GLN n 
1 97  GLU n 
1 98  CYS n 
1 99  ILE n 
1 100 GLN n 
1 101 ASP n 
1 102 PHE n 
1 103 ASN n 
1 104 THR n 
1 105 MET n 
1 106 PHE n 
1 107 THR n 
1 108 ASN n 
1 109 CYS n 
1 110 TYR n 
1 111 ILE n 
1 112 TYR n 
1 113 ASN n 
1 114 LYS n 
1 115 PRO n 
1 116 GLY n 
1 117 ASP n 
1 118 ASP n 
1 119 ILE n 
1 120 VAL n 
1 121 LEU n 
1 122 MET n 
1 123 ALA n 
1 124 GLU n 
1 125 ALA n 
1 126 LEU n 
1 127 GLU n 
1 128 LYS n 
1 129 LEU n 
1 130 PHE n 
1 131 LEU n 
1 132 GLN n 
1 133 LYS n 
1 134 ILE n 
1 135 ASN n 
1 136 GLU n 
1 137 LEU n 
1 138 PRO n 
1 139 THR n 
1 140 GLU n 
1 141 GLU n 
# 
_entity_src_gen.entity_id                          1 
_entity_src_gen.pdbx_src_id                        1 
_entity_src_gen.pdbx_alt_source_flag               sample 
_entity_src_gen.pdbx_seq_type                      'Biological sequence' 
_entity_src_gen.pdbx_beg_seq_num                   1 
_entity_src_gen.pdbx_end_seq_num                   141 
_entity_src_gen.gene_src_common_name               Human 
_entity_src_gen.gene_src_genus                     ? 
_entity_src_gen.pdbx_gene_src_gene                 'BRD4, HUNK1' 
_entity_src_gen.gene_src_species                   ? 
_entity_src_gen.gene_src_strain                    ? 
_entity_src_gen.gene_src_tissue                    ? 
_entity_src_gen.gene_src_tissue_fraction           ? 
_entity_src_gen.gene_src_details                   ? 
_entity_src_gen.pdbx_gene_src_fragment             ? 
_entity_src_gen.pdbx_gene_src_scientific_name      'Homo sapiens' 
_entity_src_gen.pdbx_gene_src_ncbi_taxonomy_id     9606 
_entity_src_gen.pdbx_gene_src_variant              ? 
_entity_src_gen.pdbx_gene_src_cell_line            ? 
_entity_src_gen.pdbx_gene_src_atcc                 ? 
_entity_src_gen.pdbx_gene_src_organ                ? 
_entity_src_gen.pdbx_gene_src_organelle            ? 
_entity_src_gen.pdbx_gene_src_cell                 ? 
_entity_src_gen.pdbx_gene_src_cellular_location    ? 
_entity_src_gen.host_org_common_name               ? 
_entity_src_gen.pdbx_host_org_scientific_name      'Escherichia coli BL21' 
_entity_src_gen.pdbx_host_org_ncbi_taxonomy_id     511693 
_entity_src_gen.host_org_genus                     ? 
_entity_src_gen.pdbx_host_org_gene                 ? 
_entity_src_gen.pdbx_host_org_organ                ? 
_entity_src_gen.host_org_species                   ? 
_entity_src_gen.pdbx_host_org_tissue               ? 
_entity_src_gen.pdbx_host_org_tissue_fraction      ? 
_entity_src_gen.pdbx_host_org_strain               BL21 
_entity_src_gen.pdbx_host_org_variant              ? 
_entity_src_gen.pdbx_host_org_cell_line            ? 
_entity_src_gen.pdbx_host_org_atcc                 ? 
_entity_src_gen.pdbx_host_org_culture_collection   ? 
_entity_src_gen.pdbx_host_org_cell                 ? 
_entity_src_gen.pdbx_host_org_organelle            ? 
_entity_src_gen.pdbx_host_org_cellular_location    ? 
_entity_src_gen.pdbx_host_org_vector_type          ? 
_entity_src_gen.pdbx_host_org_vector               ? 
_entity_src_gen.host_org_details                   ? 
_entity_src_gen.expression_system_id               ? 
_entity_src_gen.plasmid_name                       ? 
_entity_src_gen.plasmid_details                    ? 
_entity_src_gen.pdbx_description                   ? 
# 
loop_
_chem_comp.id 
_chem_comp.type 
_chem_comp.mon_nstd_flag 
_chem_comp.name 
_chem_comp.pdbx_synonyms 
_chem_comp.formula 
_chem_comp.formula_weight 
8Q9 non-polymer         . 
'2-[[5-[(5-bromanyl-2-methoxy-phenyl)sulfonylamino]-3-methyl-1,2-benzoxazol-6-yl]oxy]-N-(2-morpholin-4-ylethyl)ethanamide' ? 
'C23 H27 Br N4 O7 S' 583.452 
ALA 'L-peptide linking' y ALANINE ?                               'C3 H7 N O2'         89.093  
ARG 'L-peptide linking' y ARGININE ?                               'C6 H15 N4 O2 1'     175.209 
ASN 'L-peptide linking' y ASPARAGINE ?                               'C4 H8 N2 O3'        132.118 
ASP 'L-peptide linking' y 'ASPARTIC ACID' ?                               'C4 H7 N O4'         133.103 
CYS 'L-peptide linking' y CYSTEINE ?                               'C3 H7 N O2 S'       121.158 
EDO non-polymer         . 1,2-ETHANEDIOL 'ETHYLENE GLYCOL'               'C2 H6 O2'           62.068  
GLN 'L-peptide linking' y GLUTAMINE ?                               'C5 H10 N2 O3'       146.144 
GLU 'L-peptide linking' y 'GLUTAMIC ACID' ?                               'C5 H9 N O4'         147.129 
GLY 'peptide linking'   y GLYCINE ?                               'C2 H5 N O2'         75.067  
GOL non-polymer         . GLYCEROL 'GLYCERIN; PROPANE-1,2,3-TRIOL' 'C3 H8 O3'           92.094  
HIS 'L-peptide linking' y HISTIDINE ?                               'C6 H10 N3 O2 1'     156.162 
HOH non-polymer         . WATER ?                               'H2 O'               18.015  
ILE 'L-peptide linking' y ISOLEUCINE ?                               'C6 H13 N O2'        131.173 
LEU 'L-peptide linking' y LEUCINE ?                               'C6 H13 N O2'        131.173 
LYS 'L-peptide linking' y LYSINE ?                               'C6 H15 N2 O2 1'     147.195 
MET 'L-peptide linking' y METHIONINE ?                               'C5 H11 N O2 S'      149.211 
NO3 non-polymer         . 'NITRATE ION' ?                               'N O3 -1'            62.005  
PHE 'L-peptide linking' y PHENYLALANINE ?                               'C9 H11 N O2'        165.189 
PRO 'L-peptide linking' y PROLINE ?                               'C5 H9 N O2'         115.130 
SER 'L-peptide linking' y SERINE ?                               'C3 H7 N O3'         105.093 
THR 'L-peptide linking' y THREONINE ?                               'C4 H9 N O3'         119.119 
TRP 'L-peptide linking' y TRYPTOPHAN ?                               'C11 H12 N2 O2'      204.225 
TYR 'L-peptide linking' y TYROSINE ?                               'C9 H11 N O3'        181.189 
VAL 'L-peptide linking' y VALINE ?                               'C5 H11 N O2'        117.146 
# 
loop_
_pdbx_poly_seq_scheme.asym_id 
_pdbx_poly_seq_scheme.entity_id 
_pdbx_poly_seq_scheme.seq_id 
_pdbx_poly_seq_scheme.mon_id 
_pdbx_poly_seq_scheme.ndb_seq_num 
_pdbx_poly_seq_scheme.pdb_seq_num 
_pdbx_poly_seq_scheme.auth_seq_num 
_pdbx_poly_seq_scheme.pdb_mon_id 
_pdbx_poly_seq_scheme.auth_mon_id 
_pdbx_poly_seq_scheme.pdb_strand_id 
_pdbx_poly_seq_scheme.pdb_ins_code 
_pdbx_poly_seq_scheme.hetero 
A 1 1   MET 1   28  ?   ?   ?   A . n 
A 1 2   LYS 2   29  ?   ?   ?   A . n 
A 1 3   LYS 3   30  ?   ?   ?   A . n 
A 1 4   GLY 4   31  ?   ?   ?   A . n 
A 1 5   HIS 5   32  ?   ?   ?   A . n 
A 1 6   HIS 6   33  33  HIS HIS A . n 
A 1 7   HIS 7   34  34  HIS HIS A . n 
A 1 8   HIS 8   35  35  HIS HIS A . n 
A 1 9   HIS 9   36  36  HIS HIS A . n 
A 1 10  HIS 10  37  37  HIS HIS A . n 
A 1 11  LEU 11  38  38  LEU LEU A . n 
A 1 12  VAL 12  39  39  VAL VAL A . n 
A 1 13  PRO 13  40  40  PRO PRO A . n 
A 1 14  ARG 14  41  41  ARG ARG A . n 
A 1 15  GLY 15  42  42  GLY GLY A . n 
A 1 16  SER 16  43  43  SER SER A . n 
A 1 17  ASN 17  44  44  ASN ASN A . n 
A 1 18  PRO 18  45  45  PRO PRO A . n 
A 1 19  PRO 19  46  46  PRO PRO A . n 
A 1 20  PRO 20  47  47  PRO PRO A . n 
A 1 21  PRO 21  48  48  PRO PRO A . n 
A 1 22  GLU 22  49  49  GLU GLU A . n 
A 1 23  THR 23  50  50  THR THR A . n 
A 1 24  SER 24  51  51  SER SER A . n 
A 1 25  ASN 25  52  52  ASN ASN A . n 
A 1 26  PRO 26  53  53  PRO PRO A . n 
A 1 27  ASN 27  54  54  ASN ASN A . n 
A 1 28  LYS 28  55  55  LYS LYS A . n 
A 1 29  PRO 29  56  56  PRO PRO A . n 
A 1 30  LYS 30  57  57  LYS LYS A . n 
A 1 31  ARG 31  58  58  ARG ARG A . n 
A 1 32  GLN 32  59  59  GLN GLN A . n 
A 1 33  THR 33  60  60  THR THR A . n 
A 1 34  ASN 34  61  61  ASN ASN A . n 
A 1 35  GLN 35  62  62  GLN GLN A . n 
A 1 36  LEU 36  63  63  LEU LEU A . n 
A 1 37  GLN 37  64  64  GLN GLN A . n 
A 1 38  TYR 38  65  65  TYR TYR A . n 
A 1 39  LEU 39  66  66  LEU LEU A . n 
A 1 40  LEU 40  67  67  LEU LEU A . n 
A 1 41  ARG 41  68  68  ARG ARG A . n 
A 1 42  VAL 42  69  69  VAL VAL A . n 
A 1 43  VAL 43  70  70  VAL VAL A . n 
A 1 44  LEU 44  71  71  LEU LEU A . n 
A 1 45  LYS 45  72  72  LYS LYS A . n 
A 1 46  THR 46  73  73  THR THR A . n 
A 1 47  LEU 47  74  74  LEU LEU A . n 
A 1 48  TRP 48  75  75  TRP TRP A . n 
A 1 49  LYS 49  76  76  LYS LYS A . n 
A 1 50  HIS 50  77  77  HIS HIS A . n 
A 1 51  GLN 51  78  78  GLN GLN A . n 
A 1 52  PHE 52  79  79  PHE PHE A . n 
A 1 53  ALA 53  80  80  ALA ALA A . n 
A 1 54  TRP 54  81  81  TRP TRP A . n 
A 1 55  PRO 55  82  82  PRO PRO A . n 
A 1 56  PHE 56  83  83  PHE PHE A . n 
A 1 57  GLN 57  84  84  GLN GLN A . n 
A 1 58  GLN 58  85  85  GLN GLN A . n 
A 1 59  PRO 59  86  86  PRO PRO A . n 
A 1 60  VAL 60  87  87  VAL VAL A . n 
A 1 61  ASP 61  88  88  ASP ASP A . n 
A 1 62  ALA 62  89  89  ALA ALA A . n 
A 1 63  VAL 63  90  90  VAL VAL A . n 
A 1 64  LYS 64  91  91  LYS LYS A . n 
A 1 65  LEU 65  92  92  LEU LEU A . n 
A 1 66  ASN 66  93  93  ASN ASN A . n 
A 1 67  LEU 67  94  94  LEU LEU A . n 
A 1 68  PRO 68  95  95  PRO PRO A . n 
A 1 69  ASP 69  96  96  ASP ASP A . n 
A 1 70  TYR 70  97  97  TYR TYR A . n 
A 1 71  TYR 71  98  98  TYR TYR A . n 
A 1 72  LYS 72  99  99  LYS LYS A . n 
A 1 73  ILE 73  100 100 ILE ILE A . n 
A 1 74  ILE 74  101 101 ILE ILE A . n 
A 1 75  LYS 75  102 102 LYS LYS A . n 
A 1 76  THR 76  103 103 THR THR A . n 
A 1 77  PRO 77  104 104 PRO PRO A . n 
A 1 78  MET 78  105 105 MET MET A . n 
A 1 79  ASP 79  106 106 ASP ASP A . n 
A 1 80  MET 80  107 107 MET MET A . n 
A 1 81  GLY 81  108 108 GLY GLY A . n 
A 1 82  THR 82  109 109 THR THR A . n 
A 1 83  ILE 83  110 110 ILE ILE A . n 
A 1 84  LYS 84  111 111 LYS LYS A . n 
A 1 85  LYS 85  112 112 LYS LYS A . n 
A 1 86  ARG 86  113 113 ARG ARG A . n 
A 1 87  LEU 87  114 114 LEU LEU A . n 
A 1 88  GLU 88  115 115 GLU GLU A . n 
A 1 89  ASN 89  116 116 ASN ASN A . n 
A 1 90  ASN 90  117 117 ASN ASN A . n 
A 1 91  TYR 91  118 118 TYR TYR A . n 
A 1 92  TYR 92  119 119 TYR TYR A . n 
A 1 93  TRP 93  120 120 TRP TRP A . n 
A 1 94  ASN 94  121 121 ASN ASN A . n 
A 1 95  ALA 95  122 122 ALA ALA A . n 
A 1 96  GLN 96  123 123 GLN GLN A . n 
A 1 97  GLU 97  124 124 GLU GLU A . n 
A 1 98  CYS 98  125 125 CYS CYS A . n 
A 1 99  ILE 99  126 126 ILE ILE A . n 
A 1 100 GLN 100 127 127 GLN GLN A . n 
A 1 101 ASP 101 128 128 ASP ASP A . n 
A 1 102 PHE 102 129 129 PHE PHE A . n 
A 1 103 ASN 103 130 130 ASN ASN A . n 
A 1 104 THR 104 131 131 THR THR A . n 
A 1 105 MET 105 132 132 MET MET A . n 
A 1 106 PHE 106 133 133 PHE PHE A . n 
A 1 107 THR 107 134 134 THR THR A . n 
A 1 108 ASN 108 135 135 ASN ASN A . n 
A 1 109 CYS 109 136 136 CYS CYS A . n 
A 1 110 TYR 110 137 137 TYR TYR A . n 
A 1 111 ILE 111 138 138 ILE ILE A . n 
A 1 112 TYR 112 139 139 TYR TYR A . n 
A 1 113 ASN 113 140 140 ASN ASN A . n 
A 1 114 LYS 114 141 141 LYS LYS A . n 
A 1 115 PRO 115 142 142 PRO PRO A . n 
A 1 116 GLY 116 143 143 GLY GLY A . n 
A 1 117 ASP 117 144 144 ASP ASP A . n 
A 1 118 ASP 118 145 145 ASP ASP A . n 
A 1 119 ILE 119 146 146 ILE ILE A . n 
A 1 120 VAL 120 147 147 VAL VAL A . n 
A 1 121 LEU 121 148 148 LEU LEU A . n 
A 1 122 MET 122 149 149 MET MET A . n 
A 1 123 ALA 123 150 150 ALA ALA A . n 
A 1 124 GLU 124 151 151 GLU GLU A . n 
A 1 125 ALA 125 152 152 ALA ALA A . n 
A 1 126 LEU 126 153 153 LEU LEU A . n 
A 1 127 GLU 127 154 154 GLU GLU A . n 
A 1 128 LYS 128 155 155 LYS LYS A . n 
A 1 129 LEU 129 156 156 LEU LEU A . n 
A 1 130 PHE 130 157 157 PHE PHE A . n 
A 1 131 LEU 131 158 158 LEU LEU A . n 
A 1 132 GLN 132 159 159 GLN GLN A . n 
A 1 133 LYS 133 160 160 LYS LYS A . n 
A 1 134 ILE 134 161 161 ILE ILE A . n 
A 1 135 ASN 135 162 162 ASN ASN A . n 
A 1 136 GLU 136 163 163 GLU GLU A . n 
A 1 137 LEU 137 164 164 LEU LEU A . n 
A 1 138 PRO 138 165 165 PRO PRO A . n 
A 1 139 THR 139 166 ?   ?   ?   A . n 
A 1 140 GLU 140 167 ?   ?   ?   A . n 
A 1 141 GLU 141 168 ?   ?   ?   A . n 
# 
loop_
_pdbx_nonpoly_scheme.asym_id 
_pdbx_nonpoly_scheme.entity_id 
_pdbx_nonpoly_scheme.mon_id 
_pdbx_nonpoly_scheme.ndb_seq_num 
_pdbx_nonpoly_scheme.pdb_seq_num 
_pdbx_nonpoly_scheme.auth_seq_num 
_pdbx_nonpoly_scheme.pdb_mon_id 
_pdbx_nonpoly_scheme.auth_mon_id 
_pdbx_nonpoly_scheme.pdb_strand_id 
_pdbx_nonpoly_scheme.pdb_ins_code 
B 2 8Q9 1  201 1  8Q9 E0I A . 
C 3 NO3 1  202 1  NO3 NO3 A . 
D 3 NO3 1  203 2  NO3 NO3 A . 
E 4 EDO 1  204 1  EDO EDO A . 
F 5 GOL 1  205 1  GOL GOL A . 
G 5 GOL 1  206 2  GOL GOL A . 
H 6 HOH 1  301 56 HOH HOH A . 
H 6 HOH 2  302 9  HOH HOH A . 
H 6 HOH 3  303 2  HOH HOH A . 
H 6 HOH 4  304 47 HOH HOH A . 
H 6 HOH 5  305 43 HOH HOH A . 
H 6 HOH 6  306 30 HOH HOH A . 
H 6 HOH 7  307 61 HOH HOH A . 
H 6 HOH 8  308 60 HOH HOH A . 
H 6 HOH 9  309 18 HOH HOH A . 
H 6 HOH 10 310 11 HOH HOH A . 
H 6 HOH 11 311 5  HOH HOH A . 
H 6 HOH 12 312 14 HOH HOH A . 
H 6 HOH 13 313 38 HOH HOH A . 
H 6 HOH 14 314 36 HOH HOH A . 
H 6 HOH 15 315 46 HOH HOH A . 
H 6 HOH 16 316 27 HOH HOH A . 
H 6 HOH 17 317 41 HOH HOH A . 
H 6 HOH 18 318 29 HOH HOH A . 
H 6 HOH 19 319 16 HOH HOH A . 
H 6 HOH 20 320 48 HOH HOH A . 
H 6 HOH 21 321 21 HOH HOH A . 
H 6 HOH 22 322 34 HOH HOH A . 
H 6 HOH 23 323 10 HOH HOH A . 
H 6 HOH 24 324 58 HOH HOH A . 
H 6 HOH 25 325 39 HOH HOH A . 
H 6 HOH 26 326 1  HOH HOH A . 
H 6 HOH 27 327 37 HOH HOH A . 
H 6 HOH 28 328 22 HOH HOH A . 
H 6 HOH 29 329 62 HOH HOH A . 
H 6 HOH 30 330 40 HOH HOH A . 
H 6 HOH 31 331 23 HOH HOH A . 
H 6 HOH 32 332 3  HOH HOH A . 
H 6 HOH 33 333 32 HOH HOH A . 
H 6 HOH 34 334 15 HOH HOH A . 
H 6 HOH 35 335 25 HOH HOH A . 
H 6 HOH 36 336 24 HOH HOH A . 
H 6 HOH 37 337 49 HOH HOH A . 
H 6 HOH 38 338 13 HOH HOH A . 
H 6 HOH 39 339 6  HOH HOH A . 
H 6 HOH 40 340 33 HOH HOH A . 
H 6 HOH 41 341 28 HOH HOH A . 
H 6 HOH 42 342 52 HOH HOH A . 
H 6 HOH 43 343 45 HOH HOH A . 
H 6 HOH 44 344 67 HOH HOH A . 
H 6 HOH 45 345 17 HOH HOH A . 
H 6 HOH 46 346 55 HOH HOH A . 
H 6 HOH 47 347 66 HOH HOH A . 
H 6 HOH 48 348 12 HOH HOH A . 
H 6 HOH 49 349 65 HOH HOH A . 
H 6 HOH 50 350 8  HOH HOH A . 
H 6 HOH 51 351 4  HOH HOH A . 
H 6 HOH 52 352 35 HOH HOH A . 
H 6 HOH 53 353 31 HOH HOH A . 
H 6 HOH 54 354 19 HOH HOH A . 
H 6 HOH 55 355 7  HOH HOH A . 
H 6 HOH 56 356 20 HOH HOH A . 
H 6 HOH 57 357 42 HOH HOH A . 
H 6 HOH 58 358 26 HOH HOH A . 
H 6 HOH 59 359 54 HOH HOH A . 
H 6 HOH 60 360 51 HOH HOH A . 
H 6 HOH 61 361 50 HOH HOH A . 
H 6 HOH 62 362 64 HOH HOH A . 
H 6 HOH 63 363 59 HOH HOH A . 
H 6 HOH 64 364 63 HOH HOH A . 
H 6 HOH 65 365 53 HOH HOH A . 
H 6 HOH 66 366 44 HOH HOH A . 
# 
loop_
_software.citation_id 
_software.classification 
_software.compiler_name 
_software.compiler_version 
_software.contact_author 
_software.contact_author_email 
_software.date 
_software.description 
_software.dependencies 
_software.hardware 
_software.language 
_software.location 
_software.mods 
_software.name 
_software.os 
_software.os_version 
_software.type 
_software.version 
_software.pdbx_ordinal 
? 'data scaling'    ? ? ? ? ? ? ? ? ? ? ? Aimless     ? ? ? 0.5.14   1 
? refinement        ? ? ? ? ? ? ? ? ? ? ? REFMAC      ? ? ? 5.8.0135 2 
? 'data extraction' ? ? ? ? ? ? ? ? ? ? ? PDB_EXTRACT ? ? ? 3.22     3 
? 'data reduction'  ? ? ? ? ? ? ? ? ? ? ? iMOSFLM     ? ? ? .        4 
? phasing           ? ? ? ? ? ? ? ? ? ? ? MERLOT      ? ? ? .        5 
# 
_cell.angle_alpha                  90.000 
_cell.angle_alpha_esd              ? 
_cell.angle_beta                   90.000 
_cell.angle_beta_esd               ? 
_cell.angle_gamma                  90.000 
_cell.angle_gamma_esd              ? 
_cell.entry_id                     5Y93 
_cell.details                      ? 
_cell.formula_units_Z              ? 
_cell.length_a                     35.040 
_cell.length_a_esd                 ? 
_cell.length_b                     47.120 
_cell.length_b_esd                 ? 
_cell.length_c                     78.030 
_cell.length_c_esd                 ? 
_cell.volume                       ? 
_cell.volume_esd                   ? 
_cell.Z_PDB                        4 
_cell.reciprocal_angle_alpha       ? 
_cell.reciprocal_angle_beta        ? 
_cell.reciprocal_angle_gamma       ? 
_cell.reciprocal_angle_alpha_esd   ? 
_cell.reciprocal_angle_beta_esd    ? 
_cell.reciprocal_angle_gamma_esd   ? 
_cell.reciprocal_length_a          ? 
_cell.reciprocal_length_b          ? 
_cell.reciprocal_length_c          ? 
_cell.reciprocal_length_a_esd      ? 
_cell.reciprocal_length_b_esd      ? 
_cell.reciprocal_length_c_esd      ? 
_cell.pdbx_unique_axis             ? 
# 
_symmetry.entry_id                         5Y93 
_symmetry.cell_setting                     ? 
_symmetry.Int_Tables_number                19 
_symmetry.space_group_name_Hall            ? 
_symmetry.space_group_name_H-M             'P 21 21 21' 
_symmetry.pdbx_full_space_group_name_H-M   ? 
# 
_exptl.absorpt_coefficient_mu     ? 
_exptl.absorpt_correction_T_max   ? 
_exptl.absorpt_correction_T_min   ? 
_exptl.absorpt_correction_type    ? 
_exptl.absorpt_process_details    ? 
_exptl.entry_id                   5Y93 
_exptl.crystals_number            1 
_exptl.details                    ? 
_exptl.method                     'X-RAY DIFFRACTION' 
_exptl.method_details             ? 
# 
_exptl_crystal.colour                      ? 
_exptl_crystal.density_diffrn              ? 
_exptl_crystal.density_Matthews            1.92 
_exptl_crystal.density_method              ? 
_exptl_crystal.density_percent_sol         35.97 
_exptl_crystal.description                 ? 
_exptl_crystal.F_000                       ? 
_exptl_crystal.id                          1 
_exptl_crystal.preparation                 ? 
_exptl_crystal.size_max                    ? 
_exptl_crystal.size_mid                    ? 
_exptl_crystal.size_min                    ? 
_exptl_crystal.size_rad                    ? 
_exptl_crystal.colour_lustre               ? 
_exptl_crystal.colour_modifier             ? 
_exptl_crystal.colour_primary              ? 
_exptl_crystal.density_meas                ? 
_exptl_crystal.density_meas_esd            ? 
_exptl_crystal.density_meas_gt             ? 
_exptl_crystal.density_meas_lt             ? 
_exptl_crystal.density_meas_temp           ? 
_exptl_crystal.density_meas_temp_esd       ? 
_exptl_crystal.density_meas_temp_gt        ? 
_exptl_crystal.density_meas_temp_lt        ? 
_exptl_crystal.pdbx_crystal_image_url      ? 
_exptl_crystal.pdbx_crystal_image_format   ? 
_exptl_crystal.pdbx_mosaicity              ? 
_exptl_crystal.pdbx_mosaicity_esd          ? 
# 
_exptl_crystal_grow.apparatus       ? 
_exptl_crystal_grow.atmosphere      ? 
_exptl_crystal_grow.crystal_id      1 
_exptl_crystal_grow.details         ? 
_exptl_crystal_grow.method          'VAPOR DIFFUSION, SITTING DROP' 
_exptl_crystal_grow.method_ref      ? 
_exptl_crystal_grow.pH              8.3 
_exptl_crystal_grow.pressure        ? 
_exptl_crystal_grow.pressure_esd    ? 
_exptl_crystal_grow.seeding         ? 
_exptl_crystal_grow.seeding_ref     ? 
_exptl_crystal_grow.temp            277 
_exptl_crystal_grow.temp_details    ? 
_exptl_crystal_grow.temp_esd        ? 
_exptl_crystal_grow.time            ? 
_exptl_crystal_grow.pdbx_details    '20% PEG3350, 0.2M NaNO3, 0.1M HEPES, 10% EtGhly,pH8.3' 
_exptl_crystal_grow.pdbx_pH_range   ? 
# 
_diffrn.ambient_environment    ? 
_diffrn.ambient_temp           80 
_diffrn.ambient_temp_details   ? 
_diffrn.ambient_temp_esd       ? 
_diffrn.crystal_id             1 
_diffrn.crystal_support        ? 
_diffrn.crystal_treatment      ? 
_diffrn.details                ? 
_diffrn.id                     1 
_diffrn.ambient_pressure       ? 
_diffrn.ambient_pressure_esd   ? 
_diffrn.ambient_pressure_gt    ? 
_diffrn.ambient_pressure_lt    ? 
_diffrn.ambient_temp_gt        ? 
_diffrn.ambient_temp_lt        ? 
# 
_diffrn_detector.details                      ? 
_diffrn_detector.detector                     PIXEL 
_diffrn_detector.diffrn_id                    1 
_diffrn_detector.type                         'DECTRIS PILATUS 6M' 
_diffrn_detector.area_resol_mean              ? 
_diffrn_detector.dtime                        ? 
_diffrn_detector.pdbx_frames_total            ? 
_diffrn_detector.pdbx_collection_time_total   ? 
_diffrn_detector.pdbx_collection_date         2015-09-07 
# 
_diffrn_radiation.collimation                      ? 
_diffrn_radiation.diffrn_id                        1 
_diffrn_radiation.filter_edge                      ? 
_diffrn_radiation.inhomogeneity                    ? 
_diffrn_radiation.monochromator                    ? 
_diffrn_radiation.polarisn_norm                    ? 
_diffrn_radiation.polarisn_ratio                   ? 
_diffrn_radiation.probe                            ? 
_diffrn_radiation.type                             ? 
_diffrn_radiation.xray_symbol                      ? 
_diffrn_radiation.wavelength_id                    1 
_diffrn_radiation.pdbx_monochromatic_or_laue_m_l   M 
_diffrn_radiation.pdbx_wavelength_list             ? 
_diffrn_radiation.pdbx_wavelength                  ? 
_diffrn_radiation.pdbx_diffrn_protocol             'SINGLE WAVELENGTH' 
_diffrn_radiation.pdbx_analyzer                    ? 
_diffrn_radiation.pdbx_scattering_type             x-ray 
# 
_diffrn_radiation_wavelength.id           1 
_diffrn_radiation_wavelength.wavelength   0.97853 
_diffrn_radiation_wavelength.wt           1.0 
# 
_diffrn_source.current                     ? 
_diffrn_source.details                     ? 
_diffrn_source.diffrn_id                   1 
_diffrn_source.power                       ? 
_diffrn_source.size                        ? 
_diffrn_source.source                      SYNCHROTRON 
_diffrn_source.target                      ? 
_diffrn_source.type                        'SSRF BEAMLINE BL19U1' 
_diffrn_source.voltage                     ? 
_diffrn_source.take-off_angle              ? 
_diffrn_source.pdbx_wavelength_list        0.97853 
_diffrn_source.pdbx_wavelength             ? 
_diffrn_source.pdbx_synchrotron_beamline   BL19U1 
_diffrn_source.pdbx_synchrotron_site       SSRF 
# 
_reflns.B_iso_Wilson_estimate            ? 
_reflns.entry_id                         5Y93 
_reflns.data_reduction_details           ? 
_reflns.data_reduction_method            ? 
_reflns.d_resolution_high                1.620 
_reflns.d_resolution_low                 78.030 
_reflns.details                          ? 
_reflns.limit_h_max                      ? 
_reflns.limit_h_min                      ? 
_reflns.limit_k_max                      ? 
_reflns.limit_k_min                      ? 
_reflns.limit_l_max                      ? 
_reflns.limit_l_min                      ? 
_reflns.number_all                       ? 
_reflns.number_obs                       17128 
_reflns.observed_criterion               ? 
_reflns.observed_criterion_F_max         ? 
_reflns.observed_criterion_F_min         ? 
_reflns.observed_criterion_I_max         ? 
_reflns.observed_criterion_I_min         ? 
_reflns.observed_criterion_sigma_F       ? 
_reflns.observed_criterion_sigma_I       ? 
_reflns.percent_possible_obs             99.800 
_reflns.R_free_details                   ? 
_reflns.Rmerge_F_all                     ? 
_reflns.Rmerge_F_obs                     ? 
_reflns.Friedel_coverage                 ? 
_reflns.number_gt                        ? 
_reflns.threshold_expression             ? 
_reflns.pdbx_redundancy                  6.300 
_reflns.pdbx_Rmerge_I_obs                0.078 
_reflns.pdbx_Rmerge_I_all                ? 
_reflns.pdbx_Rsym_value                  ? 
_reflns.pdbx_netI_over_av_sigmaI         ? 
_reflns.pdbx_netI_over_sigmaI            13.600 
_reflns.pdbx_res_netI_over_av_sigmaI_2   ? 
_reflns.pdbx_res_netI_over_sigmaI_2      ? 
_reflns.pdbx_chi_squared                 ? 
_reflns.pdbx_scaling_rejects             ? 
_reflns.pdbx_d_res_high_opt              ? 
_reflns.pdbx_d_res_low_opt               ? 
_reflns.pdbx_d_res_opt_method            ? 
_reflns.phase_calculation_details        ? 
_reflns.pdbx_Rrim_I_all                  0.086 
_reflns.pdbx_Rpim_I_all                  0.034 
_reflns.pdbx_d_opt                       ? 
_reflns.pdbx_number_measured_all         ? 
_reflns.pdbx_diffrn_id                   1 
_reflns.pdbx_ordinal                     1 
_reflns.pdbx_CC_half                     0.996 
_reflns.pdbx_R_split                     ? 
# 
_reflns_shell.d_res_high                  1.620 
_reflns_shell.d_res_low                   1.640 
_reflns_shell.meanI_over_sigI_all         ? 
_reflns_shell.meanI_over_sigI_obs         ? 
_reflns_shell.number_measured_all         ? 
_reflns_shell.number_measured_obs         ? 
_reflns_shell.number_possible             ? 
_reflns_shell.number_unique_all           ? 
_reflns_shell.number_unique_obs           823 
_reflns_shell.percent_possible_all        99.900 
_reflns_shell.percent_possible_obs        ? 
_reflns_shell.Rmerge_F_all                ? 
_reflns_shell.Rmerge_F_obs                ? 
_reflns_shell.Rmerge_I_all                ? 
_reflns_shell.Rmerge_I_obs                0.307 
_reflns_shell.meanI_over_sigI_gt          ? 
_reflns_shell.meanI_over_uI_all           ? 
_reflns_shell.meanI_over_uI_gt            ? 
_reflns_shell.number_measured_gt          ? 
_reflns_shell.number_unique_gt            ? 
_reflns_shell.percent_possible_gt         ? 
_reflns_shell.Rmerge_F_gt                 ? 
_reflns_shell.Rmerge_I_gt                 ? 
_reflns_shell.pdbx_redundancy             6.600 
_reflns_shell.pdbx_Rsym_value             ? 
_reflns_shell.pdbx_chi_squared            ? 
_reflns_shell.pdbx_netI_over_sigmaI_all   ? 
_reflns_shell.pdbx_netI_over_sigmaI_obs   ? 
_reflns_shell.pdbx_Rrim_I_all             0.333 
_reflns_shell.pdbx_Rpim_I_all             0.128 
_reflns_shell.pdbx_rejects                ? 
_reflns_shell.pdbx_ordinal                1 
_reflns_shell.pdbx_diffrn_id              1 
_reflns_shell.pdbx_CC_half                0.968 
_reflns_shell.pdbx_R_split                ? 
# 
_refine.aniso_B[1][1]                            2.4800 
_refine.aniso_B[1][2]                            0.0000 
_refine.aniso_B[1][3]                            0.0000 
_refine.aniso_B[2][2]                            -1.1700 
_refine.aniso_B[2][3]                            0.0000 
_refine.aniso_B[3][3]                            -1.3100 
_refine.B_iso_max                                57.180 
_refine.B_iso_mean                               19.2160 
_refine.B_iso_min                                9.690 
_refine.correlation_coeff_Fo_to_Fc               0.9570 
_refine.correlation_coeff_Fo_to_Fc_free          0.9390 
_refine.details                                  
'HYDROGENS HAVE BEEN ADDED IN THE RIDING POSITIONS U VALUES      : REFINED INDIVIDUALLY' 
_refine.diff_density_max                         ? 
_refine.diff_density_max_esd                     ? 
_refine.diff_density_min                         ? 
_refine.diff_density_min_esd                     ? 
_refine.diff_density_rms                         ? 
_refine.diff_density_rms_esd                     ? 
_refine.entry_id                                 5Y93 
_refine.pdbx_refine_id                           'X-RAY DIFFRACTION' 
_refine.ls_abs_structure_details                 ? 
_refine.ls_abs_structure_Flack                   ? 
_refine.ls_abs_structure_Flack_esd               ? 
_refine.ls_abs_structure_Rogers                  ? 
_refine.ls_abs_structure_Rogers_esd              ? 
_refine.ls_d_res_high                            1.6200 
_refine.ls_d_res_low                             40.3400 
_refine.ls_extinction_coef                       ? 
_refine.ls_extinction_coef_esd                   ? 
_refine.ls_extinction_expression                 ? 
_refine.ls_extinction_method                     ? 
_refine.ls_goodness_of_fit_all                   ? 
_refine.ls_goodness_of_fit_all_esd               ? 
_refine.ls_goodness_of_fit_obs                   ? 
_refine.ls_goodness_of_fit_obs_esd               ? 
_refine.ls_hydrogen_treatment                    ? 
_refine.ls_matrix_type                           ? 
_refine.ls_number_constraints                    ? 
_refine.ls_number_parameters                     ? 
_refine.ls_number_reflns_all                     ? 
_refine.ls_number_reflns_obs                     16206 
_refine.ls_number_reflns_R_free                  877 
_refine.ls_number_reflns_R_work                  ? 
_refine.ls_number_restraints                     ? 
_refine.ls_percent_reflns_obs                    99.7000 
_refine.ls_percent_reflns_R_free                 5.1000 
_refine.ls_R_factor_all                          ? 
_refine.ls_R_factor_obs                          0.1852 
_refine.ls_R_factor_R_free                       0.2102 
_refine.ls_R_factor_R_free_error                 ? 
_refine.ls_R_factor_R_free_error_details         ? 
_refine.ls_R_factor_R_work                       0.1839 
_refine.ls_R_Fsqd_factor_obs                     ? 
_refine.ls_R_I_factor_obs                        ? 
_refine.ls_redundancy_reflns_all                 ? 
_refine.ls_redundancy_reflns_obs                 ? 
_refine.ls_restrained_S_all                      ? 
_refine.ls_restrained_S_obs                      ? 
_refine.ls_shift_over_esd_max                    ? 
_refine.ls_shift_over_esd_mean                   ? 
_refine.ls_structure_factor_coef                 ? 
_refine.ls_weighting_details                     ? 
_refine.ls_weighting_scheme                      ? 
_refine.ls_wR_factor_all                         ? 
_refine.ls_wR_factor_obs                         ? 
_refine.ls_wR_factor_R_free                      ? 
_refine.ls_wR_factor_R_work                      ? 
_refine.occupancy_max                            ? 
_refine.occupancy_min                            ? 
_refine.solvent_model_details                    ? 
_refine.solvent_model_param_bsol                 ? 
_refine.solvent_model_param_ksol                 ? 
_refine.ls_R_factor_gt                           ? 
_refine.ls_goodness_of_fit_gt                    ? 
_refine.ls_goodness_of_fit_ref                   ? 
_refine.ls_shift_over_su_max                     ? 
_refine.ls_shift_over_su_max_lt                  ? 
_refine.ls_shift_over_su_mean                    ? 
_refine.ls_shift_over_su_mean_lt                 ? 
_refine.pdbx_ls_sigma_I                          ? 
_refine.pdbx_ls_sigma_F                          0.000 
_refine.pdbx_ls_sigma_Fsqd                       ? 
_refine.pdbx_data_cutoff_high_absF               ? 
_refine.pdbx_data_cutoff_high_rms_absF           ? 
_refine.pdbx_data_cutoff_low_absF                ? 
_refine.pdbx_isotropic_thermal_model             ? 
_refine.pdbx_ls_cross_valid_method               THROUGHOUT 
_refine.pdbx_method_to_determine_struct          ? 
_refine.pdbx_starting_model                      ? 
_refine.pdbx_stereochemistry_target_values       ? 
_refine.pdbx_R_Free_selection_details            RANDOM 
_refine.pdbx_stereochem_target_val_spec_case     ? 
_refine.pdbx_overall_ESU_R                       0.1030 
_refine.pdbx_overall_ESU_R_Free                  0.0970 
_refine.pdbx_solvent_vdw_probe_radii             1.2000 
_refine.pdbx_solvent_ion_probe_radii             0.8000 
_refine.pdbx_solvent_shrinkage_radii             0.8000 
_refine.pdbx_real_space_R                        ? 
_refine.pdbx_density_correlation                 ? 
_refine.pdbx_pd_number_of_powder_patterns        ? 
_refine.pdbx_pd_number_of_points                 ? 
_refine.pdbx_pd_meas_number_of_points            ? 
_refine.pdbx_pd_proc_ls_prof_R_factor            ? 
_refine.pdbx_pd_proc_ls_prof_wR_factor           ? 
_refine.pdbx_pd_Marquardt_correlation_coeff      ? 
_refine.pdbx_pd_Fsqrd_R_factor                   ? 
_refine.pdbx_pd_ls_matrix_band_width             ? 
_refine.pdbx_overall_phase_error                 ? 
_refine.pdbx_overall_SU_R_free_Cruickshank_DPI   ? 
_refine.pdbx_overall_SU_R_free_Blow_DPI          ? 
_refine.pdbx_overall_SU_R_Blow_DPI               ? 
_refine.pdbx_TLS_residual_ADP_flag               ? 
_refine.pdbx_diffrn_id                           1 
_refine.overall_SU_B                             1.8220 
_refine.overall_SU_ML                            0.0630 
_refine.overall_SU_R_Cruickshank_DPI             ? 
_refine.overall_SU_R_free                        ? 
_refine.overall_FOM_free_R_set                   ? 
_refine.overall_FOM_work_R_set                   ? 
_refine.pdbx_average_fsc_overall                 ? 
_refine.pdbx_average_fsc_work                    ? 
_refine.pdbx_average_fsc_free                    ? 
# 
_refine_hist.cycle_id                         final 
_refine_hist.pdbx_refine_id                   'X-RAY DIFFRACTION' 
_refine_hist.d_res_high                       1.6200 
_refine_hist.d_res_low                        40.3400 
_refine_hist.pdbx_number_atoms_ligand         60 
_refine_hist.number_atoms_solvent             66 
_refine_hist.number_atoms_total               1241 
_refine_hist.pdbx_number_residues_total       133 
_refine_hist.pdbx_B_iso_mean_ligand           24.59 
_refine_hist.pdbx_B_iso_mean_solvent          24.23 
_refine_hist.pdbx_number_atoms_protein        1115 
_refine_hist.pdbx_number_atoms_nucleic_acid   0 
# 
loop_
_refine_ls_restr.pdbx_refine_id 
_refine_ls_restr.criterion 
_refine_ls_restr.dev_ideal 
_refine_ls_restr.dev_ideal_target 
_refine_ls_restr.number 
_refine_ls_restr.rejects 
_refine_ls_restr.type 
_refine_ls_restr.weight 
_refine_ls_restr.pdbx_restraint_function 
'X-RAY DIFFRACTION' ? 0.011  0.020  1246 ? r_bond_refined_d       ? ? 
'X-RAY DIFFRACTION' ? 0.004  0.020  1181 ? r_bond_other_d         ? ? 
'X-RAY DIFFRACTION' ? 1.557  1.996  1695 ? r_angle_refined_deg    ? ? 
'X-RAY DIFFRACTION' ? 1.194  3.012  2729 ? r_angle_other_deg      ? ? 
'X-RAY DIFFRACTION' ? 5.699  5.000  140  ? r_dihedral_angle_1_deg ? ? 
'X-RAY DIFFRACTION' ? 33.552 25.085 59   ? r_dihedral_angle_2_deg ? ? 
'X-RAY DIFFRACTION' ? 14.794 15.000 210  ? r_dihedral_angle_3_deg ? ? 
'X-RAY DIFFRACTION' ? 7.658  15.000 4    ? r_dihedral_angle_4_deg ? ? 
'X-RAY DIFFRACTION' ? 0.092  0.200  172  ? r_chiral_restr         ? ? 
'X-RAY DIFFRACTION' ? 0.007  0.021  1384 ? r_gen_planes_refined   ? ? 
'X-RAY DIFFRACTION' ? 0.002  0.020  288  ? r_gen_planes_other     ? ? 
# 
_refine_ls_shell.pdbx_refine_id                   'X-RAY DIFFRACTION' 
_refine_ls_shell.d_res_high                       1.6170 
_refine_ls_shell.d_res_low                        1.6590 
_refine_ls_shell.number_reflns_all                1244 
_refine_ls_shell.number_reflns_obs                ? 
_refine_ls_shell.number_reflns_R_free             66 
_refine_ls_shell.number_reflns_R_work             1178 
_refine_ls_shell.percent_reflns_obs               99.6800 
_refine_ls_shell.percent_reflns_R_free            ? 
_refine_ls_shell.R_factor_all                     ? 
_refine_ls_shell.R_factor_obs                     ? 
_refine_ls_shell.R_factor_R_free                  0.2080 
_refine_ls_shell.R_factor_R_free_error            0.0000 
_refine_ls_shell.R_factor_R_work                  0.2210 
_refine_ls_shell.redundancy_reflns_all            ? 
_refine_ls_shell.redundancy_reflns_obs            ? 
_refine_ls_shell.wR_factor_all                    ? 
_refine_ls_shell.wR_factor_obs                    ? 
_refine_ls_shell.wR_factor_R_free                 ? 
_refine_ls_shell.wR_factor_R_work                 ? 
_refine_ls_shell.pdbx_total_number_of_bins_used   20 
_refine_ls_shell.pdbx_phase_error                 ? 
_refine_ls_shell.pdbx_fsc_work                    ? 
_refine_ls_shell.pdbx_fsc_free                    ? 
# 
_struct.entry_id                     5Y93 
_struct.title                        'Crystal Structure Analysis of the BRD4' 
_struct.pdbx_model_details           ? 
_struct.pdbx_formula_weight          ? 
_struct.pdbx_formula_weight_method   ? 
_struct.pdbx_model_type_details      ? 
_struct.pdbx_CASP_flag               N 
# 
_struct_keywords.entry_id        5Y93 
_struct_keywords.text            'BRD4(1), Bromodomain, TRANSCRIPTION' 
_struct_keywords.pdbx_keywords   TRANSCRIPTION 
# 
loop_
_struct_asym.id 
_struct_asym.pdbx_blank_PDB_chainid_flag 
_struct_asym.pdbx_modified 
_struct_asym.entity_id 
_struct_asym.details 
A N N 1 ? 
B N N 2 ? 
C N N 3 ? 
D N N 3 ? 
E N N 4 ? 
F N N 5 ? 
G N N 5 ? 
H N N 6 ? 
# 
_struct_ref.id                         1 
_struct_ref.db_name                    UNP 
_struct_ref.db_code                    BRD4_HUMAN 
_struct_ref.pdbx_db_accession          O60885 
_struct_ref.pdbx_db_isoform            ? 
_struct_ref.entity_id                  1 
_struct_ref.pdbx_seq_one_letter_code   
;NPPPPETSNPNKPKRQTNQLQYLLRVVLKTLWKHQFAWPFQQPVDAVKLNLPDYYKIIKTPMDMGTIKKRLENNYYWNAQ
ECIQDFNTMFTNCYIYNKPGDDIVLMAEALEKLFLQKINELPTEE
;
_struct_ref.pdbx_align_begin           44 
# 
_struct_ref_seq.align_id                      1 
_struct_ref_seq.ref_id                        1 
_struct_ref_seq.pdbx_PDB_id_code              5Y93 
_struct_ref_seq.pdbx_strand_id                A 
_struct_ref_seq.seq_align_beg                 17 
_struct_ref_seq.pdbx_seq_align_beg_ins_code   ? 
_struct_ref_seq.seq_align_end                 141 
_struct_ref_seq.pdbx_seq_align_end_ins_code   ? 
_struct_ref_seq.pdbx_db_accession             O60885 
_struct_ref_seq.db_align_beg                  44 
_struct_ref_seq.pdbx_db_align_beg_ins_code    ? 
_struct_ref_seq.db_align_end                  168 
_struct_ref_seq.pdbx_db_align_end_ins_code    ? 
_struct_ref_seq.pdbx_auth_seq_align_beg       44 
_struct_ref_seq.pdbx_auth_seq_align_end       168 
# 
loop_
_struct_ref_seq_dif.align_id 
_struct_ref_seq_dif.pdbx_pdb_id_code 
_struct_ref_seq_dif.mon_id 
_struct_ref_seq_dif.pdbx_pdb_strand_id 
_struct_ref_seq_dif.seq_num 
_struct_ref_seq_dif.pdbx_pdb_ins_code 
_struct_ref_seq_dif.pdbx_seq_db_name 
_struct_ref_seq_dif.pdbx_seq_db_accession_code 
_struct_ref_seq_dif.db_mon_id 
_struct_ref_seq_dif.pdbx_seq_db_seq_num 
_struct_ref_seq_dif.details 
_struct_ref_seq_dif.pdbx_auth_seq_num 
_struct_ref_seq_dif.pdbx_ordinal 
1 5Y93 MET A 1  ? UNP O60885 ? ? 'expression tag' 28 1  
1 5Y93 LYS A 2  ? UNP O60885 ? ? 'expression tag' 29 2  
1 5Y93 LYS A 3  ? UNP O60885 ? ? 'expression tag' 30 3  
1 5Y93 GLY A 4  ? UNP O60885 ? ? 'expression tag' 31 4  
1 5Y93 HIS A 5  ? UNP O60885 ? ? 'expression tag' 32 5  
1 5Y93 HIS A 6  ? UNP O60885 ? ? 'expression tag' 33 6  
1 5Y93 HIS A 7  ? UNP O60885 ? ? 'expression tag' 34 7  
1 5Y93 HIS A 8  ? UNP O60885 ? ? 'expression tag' 35 8  
1 5Y93 HIS A 9  ? UNP O60885 ? ? 'expression tag' 36 9  
1 5Y93 HIS A 10 ? UNP O60885 ? ? 'expression tag' 37 10 
1 5Y93 LEU A 11 ? UNP O60885 ? ? 'expression tag' 38 11 
1 5Y93 VAL A 12 ? UNP O60885 ? ? 'expression tag' 39 12 
1 5Y93 PRO A 13 ? UNP O60885 ? ? 'expression tag' 40 13 
1 5Y93 ARG A 14 ? UNP O60885 ? ? 'expression tag' 41 14 
1 5Y93 GLY A 15 ? UNP O60885 ? ? 'expression tag' 42 15 
1 5Y93 SER A 16 ? UNP O60885 ? ? 'expression tag' 43 16 
# 
_pdbx_struct_assembly.id                   1 
_pdbx_struct_assembly.details              author_and_software_defined_assembly 
_pdbx_struct_assembly.method_details       PISA 
_pdbx_struct_assembly.oligomeric_details   monomeric 
_pdbx_struct_assembly.oligomeric_count     1 
# 
loop_
_pdbx_struct_assembly_prop.biol_id 
_pdbx_struct_assembly_prop.type 
_pdbx_struct_assembly_prop.value 
_pdbx_struct_assembly_prop.details 
1 'ABSA (A^2)' 120  ? 
1 MORE         1    ? 
1 'SSA (A^2)'  8710 ? 
# 
_pdbx_struct_assembly_gen.assembly_id       1 
_pdbx_struct_assembly_gen.oper_expression   1 
_pdbx_struct_assembly_gen.asym_id_list      A,B,C,D,E,F,G,H 
# 
_pdbx_struct_assembly_auth_evidence.id                     1 
_pdbx_struct_assembly_auth_evidence.assembly_id            1 
_pdbx_struct_assembly_auth_evidence.experimental_support   none 
_pdbx_struct_assembly_auth_evidence.details                ? 
# 
_pdbx_struct_oper_list.id                   1 
_pdbx_struct_oper_list.type                 'identity operation' 
_pdbx_struct_oper_list.name                 1_555 
_pdbx_struct_oper_list.symmetry_operation   x,y,z 
_pdbx_struct_oper_list.matrix[1][1]         1.0000000000 
_pdbx_struct_oper_list.matrix[1][2]         0.0000000000 
_pdbx_struct_oper_list.matrix[1][3]         0.0000000000 
_pdbx_struct_oper_list.vector[1]            0.0000000000 
_pdbx_struct_oper_list.matrix[2][1]         0.0000000000 
_pdbx_struct_oper_list.matrix[2][2]         1.0000000000 
_pdbx_struct_oper_list.matrix[2][3]         0.0000000000 
_pdbx_struct_oper_list.vector[2]            0.0000000000 
_pdbx_struct_oper_list.matrix[3][1]         0.0000000000 
_pdbx_struct_oper_list.matrix[3][2]         0.0000000000 
_pdbx_struct_oper_list.matrix[3][3]         1.0000000000 
_pdbx_struct_oper_list.vector[3]            0.0000000000 
# 
loop_
_struct_conf.conf_type_id 
_struct_conf.id 
_struct_conf.pdbx_PDB_helix_id 
_struct_conf.beg_label_comp_id 
_struct_conf.beg_label_asym_id 
_struct_conf.beg_label_seq_id 
_struct_conf.pdbx_beg_PDB_ins_code 
_struct_conf.end_label_comp_id 
_struct_conf.end_label_asym_id 
_struct_conf.end_label_seq_id 
_struct_conf.pdbx_end_PDB_ins_code 
_struct_conf.beg_auth_comp_id 
_struct_conf.beg_auth_asym_id 
_struct_conf.beg_auth_seq_id 
_struct_conf.end_auth_comp_id 
_struct_conf.end_auth_asym_id 
_struct_conf.end_auth_seq_id 
_struct_conf.pdbx_PDB_helix_class 
_struct_conf.details 
_struct_conf.pdbx_PDB_helix_length 
HELX_P HELX_P1 AA1 THR A 33  ? VAL A 42  ? THR A 60  VAL A 69  1 ? 10 
HELX_P HELX_P2 AA2 VAL A 42  ? LYS A 49  ? VAL A 69  LYS A 76  1 ? 8  
HELX_P HELX_P3 AA3 ALA A 53  ? GLN A 57  ? ALA A 80  GLN A 84  5 ? 5  
HELX_P HELX_P4 AA4 ASP A 69  ? ILE A 74  ? ASP A 96  ILE A 101 1 ? 6  
HELX_P HELX_P5 AA5 ASP A 79  ? ASN A 89  ? ASP A 106 ASN A 116 1 ? 11 
HELX_P HELX_P6 AA6 ASN A 94  ? ASN A 113 ? ASN A 121 ASN A 140 1 ? 20 
HELX_P HELX_P7 AA7 ASP A 117 ? ASN A 135 ? ASP A 144 ASN A 162 1 ? 19 
# 
_struct_conf_type.id          HELX_P 
_struct_conf_type.criteria    ? 
_struct_conf_type.reference   ? 
# 
_struct_mon_prot_cis.pdbx_id                1 
_struct_mon_prot_cis.label_comp_id          VAL 
_struct_mon_prot_cis.label_seq_id           12 
_struct_mon_prot_cis.label_asym_id          A 
_struct_mon_prot_cis.label_alt_id           . 
_struct_mon_prot_cis.pdbx_PDB_ins_code      ? 
_struct_mon_prot_cis.auth_comp_id           VAL 
_struct_mon_prot_cis.auth_seq_id            39 
_struct_mon_prot_cis.auth_asym_id           A 
_struct_mon_prot_cis.pdbx_label_comp_id_2   PRO 
_struct_mon_prot_cis.pdbx_label_seq_id_2    13 
_struct_mon_prot_cis.pdbx_label_asym_id_2   A 
_struct_mon_prot_cis.pdbx_PDB_ins_code_2    ? 
_struct_mon_prot_cis.pdbx_auth_comp_id_2    PRO 
_struct_mon_prot_cis.pdbx_auth_seq_id_2     40 
_struct_mon_prot_cis.pdbx_auth_asym_id_2    A 
_struct_mon_prot_cis.pdbx_PDB_model_num     1 
_struct_mon_prot_cis.pdbx_omega_angle       -5.25 
# 
loop_
_struct_site.id 
_struct_site.pdbx_evidence_code 
_struct_site.pdbx_auth_asym_id 
_struct_site.pdbx_auth_comp_id 
_struct_site.pdbx_auth_seq_id 
_struct_site.pdbx_auth_ins_code 
_struct_site.pdbx_num_residues 
_struct_site.details 
AC1 Software A 8Q9 201 ? 11 'binding site for residue 8Q9 A 201' 
AC2 Software A NO3 202 ? 5  'binding site for residue NO3 A 202' 
AC3 Software A NO3 203 ? 9  'binding site for residue NO3 A 203' 
AC4 Software A EDO 204 ? 5  'binding site for residue EDO A 204' 
AC5 Software A GOL 205 ? 6  'binding site for residue GOL A 205' 
AC6 Software A GOL 206 ? 6  'binding site for residue GOL A 206' 
# 
loop_
_struct_site_gen.id 
_struct_site_gen.site_id 
_struct_site_gen.pdbx_num_res 
_struct_site_gen.label_comp_id 
_struct_site_gen.label_asym_id 
_struct_site_gen.label_seq_id 
_struct_site_gen.pdbx_auth_ins_code 
_struct_site_gen.auth_comp_id 
_struct_site_gen.auth_asym_id 
_struct_site_gen.auth_seq_id 
_struct_site_gen.label_atom_id 
_struct_site_gen.label_alt_id 
_struct_site_gen.symmetry 
_struct_site_gen.details 
1  AC1 11 TRP A 54  ? TRP A 81  . ? 1_555 ? 
2  AC1 11 PRO A 55  ? PRO A 82  . ? 1_555 ? 
3  AC1 11 VAL A 60  ? VAL A 87  . ? 1_555 ? 
4  AC1 11 LEU A 65  ? LEU A 92  . ? 1_555 ? 
5  AC1 11 LEU A 67  ? LEU A 94  . ? 1_555 ? 
6  AC1 11 LYS A 72  ? LYS A 99  . ? 4_555 ? 
7  AC1 11 ASN A 113 ? ASN A 140 . ? 1_555 ? 
8  AC1 11 MET A 122 ? MET A 149 . ? 1_555 ? 
9  AC1 11 HOH H .   ? HOH A 312 . ? 1_555 ? 
10 AC1 11 HOH H .   ? HOH A 323 . ? 1_555 ? 
11 AC1 11 HOH H .   ? HOH A 338 . ? 1_555 ? 
12 AC2 5  LYS A 30  ? LYS A 57  . ? 3_455 ? 
13 AC2 5  TYR A 71  ? TYR A 98  . ? 1_555 ? 
14 AC2 5  LYS A 72  ? LYS A 99  . ? 1_555 ? 
15 AC2 5  LYS A 75  ? LYS A 102 . ? 1_555 ? 
16 AC2 5  ASP A 118 ? ASP A 145 . ? 4_455 ? 
17 AC3 9  HIS A 7   ? HIS A 34  . ? 1_555 ? 
18 AC3 9  HIS A 8   ? HIS A 35  . ? 1_555 ? 
19 AC3 9  HIS A 9   ? HIS A 36  . ? 1_555 ? 
20 AC3 9  HIS A 10  ? HIS A 37  . ? 1_555 ? 
21 AC3 9  LEU A 11  ? LEU A 38  . ? 1_555 ? 
22 AC3 9  VAL A 12  ? VAL A 39  . ? 1_555 ? 
23 AC3 9  GLN A 96  ? GLN A 123 . ? 1_565 ? 
24 AC3 9  ILE A 99  ? ILE A 126 . ? 1_565 ? 
25 AC3 9  ASN A 103 ? ASN A 130 . ? 1_565 ? 
26 AC4 5  ILE A 73  ? ILE A 100 . ? 1_555 ? 
27 AC4 5  ILE A 74  ? ILE A 101 . ? 1_555 ? 
28 AC4 5  LYS A 75  ? LYS A 102 . ? 1_555 ? 
29 AC4 5  THR A 76  ? THR A 103 . ? 1_555 ? 
30 AC4 5  ASN A 108 ? ASN A 135 . ? 1_555 ? 
31 AC5 6  TYR A 38  ? TYR A 65  . ? 4_445 ? 
32 AC5 6  TYR A 110 ? TYR A 137 . ? 1_555 ? 
33 AC5 6  GLU A 124 ? GLU A 151 . ? 1_555 ? 
34 AC5 6  LYS A 133 ? LYS A 160 . ? 4_445 ? 
35 AC5 6  GLU A 136 ? GLU A 163 . ? 4_445 ? 
36 AC5 6  HOH H .   ? HOH A 313 . ? 1_555 ? 
37 AC6 6  PRO A 19  ? PRO A 46  . ? 3_445 ? 
38 AC6 6  PRO A 21  ? PRO A 48  . ? 3_445 ? 
39 AC6 6  ARG A 31  ? ARG A 58  . ? 1_555 ? 
40 AC6 6  TRP A 93  ? TRP A 120 . ? 1_555 ? 
41 AC6 6  ASN A 94  ? ASN A 121 . ? 1_555 ? 
42 AC6 6  HOH H .   ? HOH A 311 . ? 3_445 ? 
# 
loop_
_pdbx_validate_torsion.id 
_pdbx_validate_torsion.PDB_model_num 
_pdbx_validate_torsion.auth_comp_id 
_pdbx_validate_torsion.auth_asym_id 
_pdbx_validate_torsion.auth_seq_id 
_pdbx_validate_torsion.PDB_ins_code 
_pdbx_validate_torsion.label_alt_id 
_pdbx_validate_torsion.phi 
_pdbx_validate_torsion.psi 
1 1 ASN A 52  ? ? -161.79 96.66   
2 1 ASN A 140 ? ? -106.42 -169.57 
# 
loop_
_pdbx_unobs_or_zero_occ_residues.id 
_pdbx_unobs_or_zero_occ_residues.PDB_model_num 
_pdbx_unobs_or_zero_occ_residues.polymer_flag 
_pdbx_unobs_or_zero_occ_residues.occupancy_flag 
_pdbx_unobs_or_zero_occ_residues.auth_asym_id 
_pdbx_unobs_or_zero_occ_residues.auth_comp_id 
_pdbx_unobs_or_zero_occ_residues.auth_seq_id 
_pdbx_unobs_or_zero_occ_residues.PDB_ins_code 
_pdbx_unobs_or_zero_occ_residues.label_asym_id 
_pdbx_unobs_or_zero_occ_residues.label_comp_id 
_pdbx_unobs_or_zero_occ_residues.label_seq_id 
1 1 Y 1 A MET 28  ? A MET 1   
2 1 Y 1 A LYS 29  ? A LYS 2   
3 1 Y 1 A LYS 30  ? A LYS 3   
4 1 Y 1 A GLY 31  ? A GLY 4   
5 1 Y 1 A HIS 32  ? A HIS 5   
6 1 Y 1 A THR 166 ? A THR 139 
7 1 Y 1 A GLU 167 ? A GLU 140 
8 1 Y 1 A GLU 168 ? A GLU 141 
# 
loop_
_chem_comp_atom.comp_id 
_chem_comp_atom.atom_id 
_chem_comp_atom.type_symbol 
_chem_comp_atom.pdbx_aromatic_flag 
_chem_comp_atom.pdbx_stereo_config 
_chem_comp_atom.pdbx_ordinal 
8Q9 CAX  C  N N 1   
8Q9 CAY  C  N N 2   
8Q9 OAZ  O  N N 3   
8Q9 CBA  C  N N 4   
8Q9 CBB  C  N N 5   
8Q9 NAW  N  N N 6   
8Q9 CAV  C  N N 7   
8Q9 CAU  C  N N 8   
8Q9 NAT  N  N N 9   
8Q9 CAR  C  N N 10  
8Q9 OAS  O  N N 11  
8Q9 CAQ  C  N N 12  
8Q9 OAL  O  N N 13  
8Q9 CAB  C  Y N 14  
8Q9 CAC  C  Y N 15  
8Q9 CAD  C  Y N 16  
8Q9 OAG  O  Y N 17  
8Q9 NAH  N  Y N 18  
8Q9 CAI  C  Y N 19  
8Q9 CAJ  C  N N 20  
8Q9 CAE  C  Y N 21  
8Q9 CAF  C  Y N 22  
8Q9 CAA  C  Y N 23  
8Q9 NAK  N  N N 24  
8Q9 SAM  S  N N 25  
8Q9 OAN  O  N N 26  
8Q9 OAO  O  N N 27  
8Q9 CAP  C  Y N 28  
8Q9 CBG  C  Y N 29  
8Q9 CBF  C  Y N 30  
8Q9 BRBJ BR N N 31  
8Q9 CBE  C  Y N 32  
8Q9 CBD  C  Y N 33  
8Q9 CBC  C  Y N 34  
8Q9 OBH  O  N N 35  
8Q9 CBI  C  N N 36  
8Q9 H1   H  N N 37  
8Q9 H2   H  N N 38  
8Q9 H3   H  N N 39  
8Q9 H4   H  N N 40  
8Q9 H5   H  N N 41  
8Q9 H6   H  N N 42  
8Q9 H7   H  N N 43  
8Q9 H8   H  N N 44  
8Q9 H10  H  N N 45  
8Q9 H11  H  N N 46  
8Q9 H12  H  N N 47  
8Q9 H13  H  N N 48  
8Q9 H14  H  N N 49  
8Q9 H15  H  N N 50  
8Q9 H16  H  N N 51  
8Q9 H17  H  N N 52  
8Q9 H18  H  N N 53  
8Q9 H19  H  N N 54  
8Q9 H20  H  N N 55  
8Q9 H21  H  N N 56  
8Q9 H22  H  N N 57  
8Q9 H23  H  N N 58  
8Q9 H24  H  N N 59  
8Q9 H25  H  N N 60  
8Q9 H26  H  N N 61  
8Q9 H27  H  N N 62  
8Q9 H28  H  N N 63  
ALA N    N  N N 64  
ALA CA   C  N S 65  
ALA C    C  N N 66  
ALA O    O  N N 67  
ALA CB   C  N N 68  
ALA OXT  O  N N 69  
ALA H    H  N N 70  
ALA H2   H  N N 71  
ALA HA   H  N N 72  
ALA HB1  H  N N 73  
ALA HB2  H  N N 74  
ALA HB3  H  N N 75  
ALA HXT  H  N N 76  
ARG N    N  N N 77  
ARG CA   C  N S 78  
ARG C    C  N N 79  
ARG O    O  N N 80  
ARG CB   C  N N 81  
ARG CG   C  N N 82  
ARG CD   C  N N 83  
ARG NE   N  N N 84  
ARG CZ   C  N N 85  
ARG NH1  N  N N 86  
ARG NH2  N  N N 87  
ARG OXT  O  N N 88  
ARG H    H  N N 89  
ARG H2   H  N N 90  
ARG HA   H  N N 91  
ARG HB2  H  N N 92  
ARG HB3  H  N N 93  
ARG HG2  H  N N 94  
ARG HG3  H  N N 95  
ARG HD2  H  N N 96  
ARG HD3  H  N N 97  
ARG HE   H  N N 98  
ARG HH11 H  N N 99  
ARG HH12 H  N N 100 
ARG HH21 H  N N 101 
ARG HH22 H  N N 102 
ARG HXT  H  N N 103 
ASN N    N  N N 104 
ASN CA   C  N S 105 
ASN C    C  N N 106 
ASN O    O  N N 107 
ASN CB   C  N N 108 
ASN CG   C  N N 109 
ASN OD1  O  N N 110 
ASN ND2  N  N N 111 
ASN OXT  O  N N 112 
ASN H    H  N N 113 
ASN H2   H  N N 114 
ASN HA   H  N N 115 
ASN HB2  H  N N 116 
ASN HB3  H  N N 117 
ASN HD21 H  N N 118 
ASN HD22 H  N N 119 
ASN HXT  H  N N 120 
ASP N    N  N N 121 
ASP CA   C  N S 122 
ASP C    C  N N 123 
ASP O    O  N N 124 
ASP CB   C  N N 125 
ASP CG   C  N N 126 
ASP OD1  O  N N 127 
ASP OD2  O  N N 128 
ASP OXT  O  N N 129 
ASP H    H  N N 130 
ASP H2   H  N N 131 
ASP HA   H  N N 132 
ASP HB2  H  N N 133 
ASP HB3  H  N N 134 
ASP HD2  H  N N 135 
ASP HXT  H  N N 136 
CYS N    N  N N 137 
CYS CA   C  N R 138 
CYS C    C  N N 139 
CYS O    O  N N 140 
CYS CB   C  N N 141 
CYS SG   S  N N 142 
CYS OXT  O  N N 143 
CYS H    H  N N 144 
CYS H2   H  N N 145 
CYS HA   H  N N 146 
CYS HB2  H  N N 147 
CYS HB3  H  N N 148 
CYS HG   H  N N 149 
CYS HXT  H  N N 150 
EDO C1   C  N N 151 
EDO O1   O  N N 152 
EDO C2   C  N N 153 
EDO O2   O  N N 154 
EDO H11  H  N N 155 
EDO H12  H  N N 156 
EDO HO1  H  N N 157 
EDO H21  H  N N 158 
EDO H22  H  N N 159 
EDO HO2  H  N N 160 
GLN N    N  N N 161 
GLN CA   C  N S 162 
GLN C    C  N N 163 
GLN O    O  N N 164 
GLN CB   C  N N 165 
GLN CG   C  N N 166 
GLN CD   C  N N 167 
GLN OE1  O  N N 168 
GLN NE2  N  N N 169 
GLN OXT  O  N N 170 
GLN H    H  N N 171 
GLN H2   H  N N 172 
GLN HA   H  N N 173 
GLN HB2  H  N N 174 
GLN HB3  H  N N 175 
GLN HG2  H  N N 176 
GLN HG3  H  N N 177 
GLN HE21 H  N N 178 
GLN HE22 H  N N 179 
GLN HXT  H  N N 180 
GLU N    N  N N 181 
GLU CA   C  N S 182 
GLU C    C  N N 183 
GLU O    O  N N 184 
GLU CB   C  N N 185 
GLU CG   C  N N 186 
GLU CD   C  N N 187 
GLU OE1  O  N N 188 
GLU OE2  O  N N 189 
GLU OXT  O  N N 190 
GLU H    H  N N 191 
GLU H2   H  N N 192 
GLU HA   H  N N 193 
GLU HB2  H  N N 194 
GLU HB3  H  N N 195 
GLU HG2  H  N N 196 
GLU HG3  H  N N 197 
GLU HE2  H  N N 198 
GLU HXT  H  N N 199 
GLY N    N  N N 200 
GLY CA   C  N N 201 
GLY C    C  N N 202 
GLY O    O  N N 203 
GLY OXT  O  N N 204 
GLY H    H  N N 205 
GLY H2   H  N N 206 
GLY HA2  H  N N 207 
GLY HA3  H  N N 208 
GLY HXT  H  N N 209 
GOL C1   C  N N 210 
GOL O1   O  N N 211 
GOL C2   C  N N 212 
GOL O2   O  N N 213 
GOL C3   C  N N 214 
GOL O3   O  N N 215 
GOL H11  H  N N 216 
GOL H12  H  N N 217 
GOL HO1  H  N N 218 
GOL H2   H  N N 219 
GOL HO2  H  N N 220 
GOL H31  H  N N 221 
GOL H32  H  N N 222 
GOL HO3  H  N N 223 
HIS N    N  N N 224 
HIS CA   C  N S 225 
HIS C    C  N N 226 
HIS O    O  N N 227 
HIS CB   C  N N 228 
HIS CG   C  Y N 229 
HIS ND1  N  Y N 230 
HIS CD2  C  Y N 231 
HIS CE1  C  Y N 232 
HIS NE2  N  Y N 233 
HIS OXT  O  N N 234 
HIS H    H  N N 235 
HIS H2   H  N N 236 
HIS HA   H  N N 237 
HIS HB2  H  N N 238 
HIS HB3  H  N N 239 
HIS HD1  H  N N 240 
HIS HD2  H  N N 241 
HIS HE1  H  N N 242 
HIS HE2  H  N N 243 
HIS HXT  H  N N 244 
HOH O    O  N N 245 
HOH H1   H  N N 246 
HOH H2   H  N N 247 
ILE N    N  N N 248 
ILE CA   C  N S 249 
ILE C    C  N N 250 
ILE O    O  N N 251 
ILE CB   C  N S 252 
ILE CG1  C  N N 253 
ILE CG2  C  N N 254 
ILE CD1  C  N N 255 
ILE OXT  O  N N 256 
ILE H    H  N N 257 
ILE H2   H  N N 258 
ILE HA   H  N N 259 
ILE HB   H  N N 260 
ILE HG12 H  N N 261 
ILE HG13 H  N N 262 
ILE HG21 H  N N 263 
ILE HG22 H  N N 264 
ILE HG23 H  N N 265 
ILE HD11 H  N N 266 
ILE HD12 H  N N 267 
ILE HD13 H  N N 268 
ILE HXT  H  N N 269 
LEU N    N  N N 270 
LEU CA   C  N S 271 
LEU C    C  N N 272 
LEU O    O  N N 273 
LEU CB   C  N N 274 
LEU CG   C  N N 275 
LEU CD1  C  N N 276 
LEU CD2  C  N N 277 
LEU OXT  O  N N 278 
LEU H    H  N N 279 
LEU H2   H  N N 280 
LEU HA   H  N N 281 
LEU HB2  H  N N 282 
LEU HB3  H  N N 283 
LEU HG   H  N N 284 
LEU HD11 H  N N 285 
LEU HD12 H  N N 286 
LEU HD13 H  N N 287 
LEU HD21 H  N N 288 
LEU HD22 H  N N 289 
LEU HD23 H  N N 290 
LEU HXT  H  N N 291 
LYS N    N  N N 292 
LYS CA   C  N S 293 
LYS C    C  N N 294 
LYS O    O  N N 295 
LYS CB   C  N N 296 
LYS CG   C  N N 297 
LYS CD   C  N N 298 
LYS CE   C  N N 299 
LYS NZ   N  N N 300 
LYS OXT  O  N N 301 
LYS H    H  N N 302 
LYS H2   H  N N 303 
LYS HA   H  N N 304 
LYS HB2  H  N N 305 
LYS HB3  H  N N 306 
LYS HG2  H  N N 307 
LYS HG3  H  N N 308 
LYS HD2  H  N N 309 
LYS HD3  H  N N 310 
LYS HE2  H  N N 311 
LYS HE3  H  N N 312 
LYS HZ1  H  N N 313 
LYS HZ2  H  N N 314 
LYS HZ3  H  N N 315 
LYS HXT  H  N N 316 
MET N    N  N N 317 
MET CA   C  N S 318 
MET C    C  N N 319 
MET O    O  N N 320 
MET CB   C  N N 321 
MET CG   C  N N 322 
MET SD   S  N N 323 
MET CE   C  N N 324 
MET OXT  O  N N 325 
MET H    H  N N 326 
MET H2   H  N N 327 
MET HA   H  N N 328 
MET HB2  H  N N 329 
MET HB3  H  N N 330 
MET HG2  H  N N 331 
MET HG3  H  N N 332 
MET HE1  H  N N 333 
MET HE2  H  N N 334 
MET HE3  H  N N 335 
MET HXT  H  N N 336 
NO3 N    N  N N 337 
NO3 O1   O  N N 338 
NO3 O2   O  N N 339 
NO3 O3   O  N N 340 
PHE N    N  N N 341 
PHE CA   C  N S 342 
PHE C    C  N N 343 
PHE O    O  N N 344 
PHE CB   C  N N 345 
PHE CG   C  Y N 346 
PHE CD1  C  Y N 347 
PHE CD2  C  Y N 348 
PHE CE1  C  Y N 349 
PHE CE2  C  Y N 350 
PHE CZ   C  Y N 351 
PHE OXT  O  N N 352 
PHE H    H  N N 353 
PHE H2   H  N N 354 
PHE HA   H  N N 355 
PHE HB2  H  N N 356 
PHE HB3  H  N N 357 
PHE HD1  H  N N 358 
PHE HD2  H  N N 359 
PHE HE1  H  N N 360 
PHE HE2  H  N N 361 
PHE HZ   H  N N 362 
PHE HXT  H  N N 363 
PRO N    N  N N 364 
PRO CA   C  N S 365 
PRO C    C  N N 366 
PRO O    O  N N 367 
PRO CB   C  N N 368 
PRO CG   C  N N 369 
PRO CD   C  N N 370 
PRO OXT  O  N N 371 
PRO H    H  N N 372 
PRO HA   H  N N 373 
PRO HB2  H  N N 374 
PRO HB3  H  N N 375 
PRO HG2  H  N N 376 
PRO HG3  H  N N 377 
PRO HD2  H  N N 378 
PRO HD3  H  N N 379 
PRO HXT  H  N N 380 
SER N    N  N N 381 
SER CA   C  N S 382 
SER C    C  N N 383 
SER O    O  N N 384 
SER CB   C  N N 385 
SER OG   O  N N 386 
SER OXT  O  N N 387 
SER H    H  N N 388 
SER H2   H  N N 389 
SER HA   H  N N 390 
SER HB2  H  N N 391 
SER HB3  H  N N 392 
SER HG   H  N N 393 
SER HXT  H  N N 394 
THR N    N  N N 395 
THR CA   C  N S 396 
THR C    C  N N 397 
THR O    O  N N 398 
THR CB   C  N R 399 
THR OG1  O  N N 400 
THR CG2  C  N N 401 
THR OXT  O  N N 402 
THR H    H  N N 403 
THR H2   H  N N 404 
THR HA   H  N N 405 
THR HB   H  N N 406 
THR HG1  H  N N 407 
THR HG21 H  N N 408 
THR HG22 H  N N 409 
THR HG23 H  N N 410 
THR HXT  H  N N 411 
TRP N    N  N N 412 
TRP CA   C  N S 413 
TRP C    C  N N 414 
TRP O    O  N N 415 
TRP CB   C  N N 416 
TRP CG   C  Y N 417 
TRP CD1  C  Y N 418 
TRP CD2  C  Y N 419 
TRP NE1  N  Y N 420 
TRP CE2  C  Y N 421 
TRP CE3  C  Y N 422 
TRP CZ2  C  Y N 423 
TRP CZ3  C  Y N 424 
TRP CH2  C  Y N 425 
TRP OXT  O  N N 426 
TRP H    H  N N 427 
TRP H2   H  N N 428 
TRP HA   H  N N 429 
TRP HB2  H  N N 430 
TRP HB3  H  N N 431 
TRP HD1  H  N N 432 
TRP HE1  H  N N 433 
TRP HE3  H  N N 434 
TRP HZ2  H  N N 435 
TRP HZ3  H  N N 436 
TRP HH2  H  N N 437 
TRP HXT  H  N N 438 
TYR N    N  N N 439 
TYR CA   C  N S 440 
TYR C    C  N N 441 
TYR O    O  N N 442 
TYR CB   C  N N 443 
TYR CG   C  Y N 444 
TYR CD1  C  Y N 445 
TYR CD2  C  Y N 446 
TYR CE1  C  Y N 447 
TYR CE2  C  Y N 448 
TYR CZ   C  Y N 449 
TYR OH   O  N N 450 
TYR OXT  O  N N 451 
TYR H    H  N N 452 
TYR H2   H  N N 453 
TYR HA   H  N N 454 
TYR HB2  H  N N 455 
TYR HB3  H  N N 456 
TYR HD1  H  N N 457 
TYR HD2  H  N N 458 
TYR HE1  H  N N 459 
TYR HE2  H  N N 460 
TYR HH   H  N N 461 
TYR HXT  H  N N 462 
VAL N    N  N N 463 
VAL CA   C  N S 464 
VAL C    C  N N 465 
VAL O    O  N N 466 
VAL CB   C  N N 467 
VAL CG1  C  N N 468 
VAL CG2  C  N N 469 
VAL OXT  O  N N 470 
VAL H    H  N N 471 
VAL H2   H  N N 472 
VAL HA   H  N N 473 
VAL HB   H  N N 474 
VAL HG11 H  N N 475 
VAL HG12 H  N N 476 
VAL HG13 H  N N 477 
VAL HG21 H  N N 478 
VAL HG22 H  N N 479 
VAL HG23 H  N N 480 
VAL HXT  H  N N 481 
# 
loop_
_chem_comp_bond.comp_id 
_chem_comp_bond.atom_id_1 
_chem_comp_bond.atom_id_2 
_chem_comp_bond.value_order 
_chem_comp_bond.pdbx_aromatic_flag 
_chem_comp_bond.pdbx_stereo_config 
_chem_comp_bond.pdbx_ordinal 
8Q9 OAZ  CAY  sing N N 1   
8Q9 OAZ  CBA  sing N N 2   
8Q9 CBE  CBD  doub Y N 3   
8Q9 CBE  CBF  sing Y N 4   
8Q9 CBD  CBC  sing Y N 5   
8Q9 CAY  CAX  sing N N 6   
8Q9 CBI  OBH  sing N N 7   
8Q9 OAS  CAR  doub N N 8   
8Q9 CBA  CBB  sing N N 9   
8Q9 NAW  CAX  sing N N 10  
8Q9 NAW  CBB  sing N N 11  
8Q9 NAW  CAV  sing N N 12  
8Q9 CAU  CAV  sing N N 13  
8Q9 CAU  NAT  sing N N 14  
8Q9 BRBJ CBF  sing N N 15  
8Q9 CBF  CBG  doub Y N 16  
8Q9 CBC  OBH  sing N N 17  
8Q9 CBC  CAP  doub Y N 18  
8Q9 CAR  NAT  sing N N 19  
8Q9 CAR  CAQ  sing N N 20  
8Q9 CBG  CAP  sing Y N 21  
8Q9 CAQ  OAL  sing N N 22  
8Q9 CAP  SAM  sing N N 23  
8Q9 OAL  CAB  sing N N 24  
8Q9 OAO  SAM  doub N N 25  
8Q9 SAM  NAK  sing N N 26  
8Q9 SAM  OAN  doub N N 27  
8Q9 CAB  CAC  sing Y N 28  
8Q9 CAB  CAA  doub Y N 29  
8Q9 CAC  CAD  doub Y N 30  
8Q9 NAK  CAA  sing N N 31  
8Q9 CAA  CAF  sing Y N 32  
8Q9 CAD  OAG  sing Y N 33  
8Q9 CAD  CAE  sing Y N 34  
8Q9 CAF  CAE  doub Y N 35  
8Q9 OAG  NAH  sing Y N 36  
8Q9 CAE  CAI  sing Y N 37  
8Q9 NAH  CAI  doub Y N 38  
8Q9 CAI  CAJ  sing N N 39  
8Q9 CAX  H1   sing N N 40  
8Q9 CAX  H2   sing N N 41  
8Q9 CAY  H3   sing N N 42  
8Q9 CAY  H4   sing N N 43  
8Q9 CBA  H5   sing N N 44  
8Q9 CBA  H6   sing N N 45  
8Q9 CBB  H7   sing N N 46  
8Q9 CBB  H8   sing N N 47  
8Q9 CAV  H10  sing N N 48  
8Q9 CAV  H11  sing N N 49  
8Q9 CAU  H12  sing N N 50  
8Q9 CAU  H13  sing N N 51  
8Q9 NAT  H14  sing N N 52  
8Q9 CAQ  H15  sing N N 53  
8Q9 CAQ  H16  sing N N 54  
8Q9 CAC  H17  sing N N 55  
8Q9 CAJ  H18  sing N N 56  
8Q9 CAJ  H19  sing N N 57  
8Q9 CAJ  H20  sing N N 58  
8Q9 CAF  H21  sing N N 59  
8Q9 NAK  H22  sing N N 60  
8Q9 CBG  H23  sing N N 61  
8Q9 CBE  H24  sing N N 62  
8Q9 CBD  H25  sing N N 63  
8Q9 CBI  H26  sing N N 64  
8Q9 CBI  H27  sing N N 65  
8Q9 CBI  H28  sing N N 66  
ALA N    CA   sing N N 67  
ALA N    H    sing N N 68  
ALA N    H2   sing N N 69  
ALA CA   C    sing N N 70  
ALA CA   CB   sing N N 71  
ALA CA   HA   sing N N 72  
ALA C    O    doub N N 73  
ALA C    OXT  sing N N 74  
ALA CB   HB1  sing N N 75  
ALA CB   HB2  sing N N 76  
ALA CB   HB3  sing N N 77  
ALA OXT  HXT  sing N N 78  
ARG N    CA   sing N N 79  
ARG N    H    sing N N 80  
ARG N    H2   sing N N 81  
ARG CA   C    sing N N 82  
ARG CA   CB   sing N N 83  
ARG CA   HA   sing N N 84  
ARG C    O    doub N N 85  
ARG C    OXT  sing N N 86  
ARG CB   CG   sing N N 87  
ARG CB   HB2  sing N N 88  
ARG CB   HB3  sing N N 89  
ARG CG   CD   sing N N 90  
ARG CG   HG2  sing N N 91  
ARG CG   HG3  sing N N 92  
ARG CD   NE   sing N N 93  
ARG CD   HD2  sing N N 94  
ARG CD   HD3  sing N N 95  
ARG NE   CZ   sing N N 96  
ARG NE   HE   sing N N 97  
ARG CZ   NH1  sing N N 98  
ARG CZ   NH2  doub N N 99  
ARG NH1  HH11 sing N N 100 
ARG NH1  HH12 sing N N 101 
ARG NH2  HH21 sing N N 102 
ARG NH2  HH22 sing N N 103 
ARG OXT  HXT  sing N N 104 
ASN N    CA   sing N N 105 
ASN N    H    sing N N 106 
ASN N    H2   sing N N 107 
ASN CA   C    sing N N 108 
ASN CA   CB   sing N N 109 
ASN CA   HA   sing N N 110 
ASN C    O    doub N N 111 
ASN C    OXT  sing N N 112 
ASN CB   CG   sing N N 113 
ASN CB   HB2  sing N N 114 
ASN CB   HB3  sing N N 115 
ASN CG   OD1  doub N N 116 
ASN CG   ND2  sing N N 117 
ASN ND2  HD21 sing N N 118 
ASN ND2  HD22 sing N N 119 
ASN OXT  HXT  sing N N 120 
ASP N    CA   sing N N 121 
ASP N    H    sing N N 122 
ASP N    H2   sing N N 123 
ASP CA   C    sing N N 124 
ASP CA   CB   sing N N 125 
ASP CA   HA   sing N N 126 
ASP C    O    doub N N 127 
ASP C    OXT  sing N N 128 
ASP CB   CG   sing N N 129 
ASP CB   HB2  sing N N 130 
ASP CB   HB3  sing N N 131 
ASP CG   OD1  doub N N 132 
ASP CG   OD2  sing N N 133 
ASP OD2  HD2  sing N N 134 
ASP OXT  HXT  sing N N 135 
CYS N    CA   sing N N 136 
CYS N    H    sing N N 137 
CYS N    H2   sing N N 138 
CYS CA   C    sing N N 139 
CYS CA   CB   sing N N 140 
CYS CA   HA   sing N N 141 
CYS C    O    doub N N 142 
CYS C    OXT  sing N N 143 
CYS CB   SG   sing N N 144 
CYS CB   HB2  sing N N 145 
CYS CB   HB3  sing N N 146 
CYS SG   HG   sing N N 147 
CYS OXT  HXT  sing N N 148 
EDO C1   O1   sing N N 149 
EDO C1   C2   sing N N 150 
EDO C1   H11  sing N N 151 
EDO C1   H12  sing N N 152 
EDO O1   HO1  sing N N 153 
EDO C2   O2   sing N N 154 
EDO C2   H21  sing N N 155 
EDO C2   H22  sing N N 156 
EDO O2   HO2  sing N N 157 
GLN N    CA   sing N N 158 
GLN N    H    sing N N 159 
GLN N    H2   sing N N 160 
GLN CA   C    sing N N 161 
GLN CA   CB   sing N N 162 
GLN CA   HA   sing N N 163 
GLN C    O    doub N N 164 
GLN C    OXT  sing N N 165 
GLN CB   CG   sing N N 166 
GLN CB   HB2  sing N N 167 
GLN CB   HB3  sing N N 168 
GLN CG   CD   sing N N 169 
GLN CG   HG2  sing N N 170 
GLN CG   HG3  sing N N 171 
GLN CD   OE1  doub N N 172 
GLN CD   NE2  sing N N 173 
GLN NE2  HE21 sing N N 174 
GLN NE2  HE22 sing N N 175 
GLN OXT  HXT  sing N N 176 
GLU N    CA   sing N N 177 
GLU N    H    sing N N 178 
GLU N    H2   sing N N 179 
GLU CA   C    sing N N 180 
GLU CA   CB   sing N N 181 
GLU CA   HA   sing N N 182 
GLU C    O    doub N N 183 
GLU C    OXT  sing N N 184 
GLU CB   CG   sing N N 185 
GLU CB   HB2  sing N N 186 
GLU CB   HB3  sing N N 187 
GLU CG   CD   sing N N 188 
GLU CG   HG2  sing N N 189 
GLU CG   HG3  sing N N 190 
GLU CD   OE1  doub N N 191 
GLU CD   OE2  sing N N 192 
GLU OE2  HE2  sing N N 193 
GLU OXT  HXT  sing N N 194 
GLY N    CA   sing N N 195 
GLY N    H    sing N N 196 
GLY N    H2   sing N N 197 
GLY CA   C    sing N N 198 
GLY CA   HA2  sing N N 199 
GLY CA   HA3  sing N N 200 
GLY C    O    doub N N 201 
GLY C    OXT  sing N N 202 
GLY OXT  HXT  sing N N 203 
GOL C1   O1   sing N N 204 
GOL C1   C2   sing N N 205 
GOL C1   H11  sing N N 206 
GOL C1   H12  sing N N 207 
GOL O1   HO1  sing N N 208 
GOL C2   O2   sing N N 209 
GOL C2   C3   sing N N 210 
GOL C2   H2   sing N N 211 
GOL O2   HO2  sing N N 212 
GOL C3   O3   sing N N 213 
GOL C3   H31  sing N N 214 
GOL C3   H32  sing N N 215 
GOL O3   HO3  sing N N 216 
HIS N    CA   sing N N 217 
HIS N    H    sing N N 218 
HIS N    H2   sing N N 219 
HIS CA   C    sing N N 220 
HIS CA   CB   sing N N 221 
HIS CA   HA   sing N N 222 
HIS C    O    doub N N 223 
HIS C    OXT  sing N N 224 
HIS CB   CG   sing N N 225 
HIS CB   HB2  sing N N 226 
HIS CB   HB3  sing N N 227 
HIS CG   ND1  sing Y N 228 
HIS CG   CD2  doub Y N 229 
HIS ND1  CE1  doub Y N 230 
HIS ND1  HD1  sing N N 231 
HIS CD2  NE2  sing Y N 232 
HIS CD2  HD2  sing N N 233 
HIS CE1  NE2  sing Y N 234 
HIS CE1  HE1  sing N N 235 
HIS NE2  HE2  sing N N 236 
HIS OXT  HXT  sing N N 237 
HOH O    H1   sing N N 238 
HOH O    H2   sing N N 239 
ILE N    CA   sing N N 240 
ILE N    H    sing N N 241 
ILE N    H2   sing N N 242 
ILE CA   C    sing N N 243 
ILE CA   CB   sing N N 244 
ILE CA   HA   sing N N 245 
ILE C    O    doub N N 246 
ILE C    OXT  sing N N 247 
ILE CB   CG1  sing N N 248 
ILE CB   CG2  sing N N 249 
ILE CB   HB   sing N N 250 
ILE CG1  CD1  sing N N 251 
ILE CG1  HG12 sing N N 252 
ILE CG1  HG13 sing N N 253 
ILE CG2  HG21 sing N N 254 
ILE CG2  HG22 sing N N 255 
ILE CG2  HG23 sing N N 256 
ILE CD1  HD11 sing N N 257 
ILE CD1  HD12 sing N N 258 
ILE CD1  HD13 sing N N 259 
ILE OXT  HXT  sing N N 260 
LEU N    CA   sing N N 261 
LEU N    H    sing N N 262 
LEU N    H2   sing N N 263 
LEU CA   C    sing N N 264 
LEU CA   CB   sing N N 265 
LEU CA   HA   sing N N 266 
LEU C    O    doub N N 267 
LEU C    OXT  sing N N 268 
LEU CB   CG   sing N N 269 
LEU CB   HB2  sing N N 270 
LEU CB   HB3  sing N N 271 
LEU CG   CD1  sing N N 272 
LEU CG   CD2  sing N N 273 
LEU CG   HG   sing N N 274 
LEU CD1  HD11 sing N N 275 
LEU CD1  HD12 sing N N 276 
LEU CD1  HD13 sing N N 277 
LEU CD2  HD21 sing N N 278 
LEU CD2  HD22 sing N N 279 
LEU CD2  HD23 sing N N 280 
LEU OXT  HXT  sing N N 281 
LYS N    CA   sing N N 282 
LYS N    H    sing N N 283 
LYS N    H2   sing N N 284 
LYS CA   C    sing N N 285 
LYS CA   CB   sing N N 286 
LYS CA   HA   sing N N 287 
LYS C    O    doub N N 288 
LYS C    OXT  sing N N 289 
LYS CB   CG   sing N N 290 
LYS CB   HB2  sing N N 291 
LYS CB   HB3  sing N N 292 
LYS CG   CD   sing N N 293 
LYS CG   HG2  sing N N 294 
LYS CG   HG3  sing N N 295 
LYS CD   CE   sing N N 296 
LYS CD   HD2  sing N N 297 
LYS CD   HD3  sing N N 298 
LYS CE   NZ   sing N N 299 
LYS CE   HE2  sing N N 300 
LYS CE   HE3  sing N N 301 
LYS NZ   HZ1  sing N N 302 
LYS NZ   HZ2  sing N N 303 
LYS NZ   HZ3  sing N N 304 
LYS OXT  HXT  sing N N 305 
MET N    CA   sing N N 306 
MET N    H    sing N N 307 
MET N    H2   sing N N 308 
MET CA   C    sing N N 309 
MET CA   CB   sing N N 310 
MET CA   HA   sing N N 311 
MET C    O    doub N N 312 
MET C    OXT  sing N N 313 
MET CB   CG   sing N N 314 
MET CB   HB2  sing N N 315 
MET CB   HB3  sing N N 316 
MET CG   SD   sing N N 317 
MET CG   HG2  sing N N 318 
MET CG   HG3  sing N N 319 
MET SD   CE   sing N N 320 
MET CE   HE1  sing N N 321 
MET CE   HE2  sing N N 322 
MET CE   HE3  sing N N 323 
MET OXT  HXT  sing N N 324 
NO3 N    O1   doub N N 325 
NO3 N    O2   sing N N 326 
NO3 N    O3   sing N N 327 
PHE N    CA   sing N N 328 
PHE N    H    sing N N 329 
PHE N    H2   sing N N 330 
PHE CA   C    sing N N 331 
PHE CA   CB   sing N N 332 
PHE CA   HA   sing N N 333 
PHE C    O    doub N N 334 
PHE C    OXT  sing N N 335 
PHE CB   CG   sing N N 336 
PHE CB   HB2  sing N N 337 
PHE CB   HB3  sing N N 338 
PHE CG   CD1  doub Y N 339 
PHE CG   CD2  sing Y N 340 
PHE CD1  CE1  sing Y N 341 
PHE CD1  HD1  sing N N 342 
PHE CD2  CE2  doub Y N 343 
PHE CD2  HD2  sing N N 344 
PHE CE1  CZ   doub Y N 345 
PHE CE1  HE1  sing N N 346 
PHE CE2  CZ   sing Y N 347 
PHE CE2  HE2  sing N N 348 
PHE CZ   HZ   sing N N 349 
PHE OXT  HXT  sing N N 350 
PRO N    CA   sing N N 351 
PRO N    CD   sing N N 352 
PRO N    H    sing N N 353 
PRO CA   C    sing N N 354 
PRO CA   CB   sing N N 355 
PRO CA   HA   sing N N 356 
PRO C    O    doub N N 357 
PRO C    OXT  sing N N 358 
PRO CB   CG   sing N N 359 
PRO CB   HB2  sing N N 360 
PRO CB   HB3  sing N N 361 
PRO CG   CD   sing N N 362 
PRO CG   HG2  sing N N 363 
PRO CG   HG3  sing N N 364 
PRO CD   HD2  sing N N 365 
PRO CD   HD3  sing N N 366 
PRO OXT  HXT  sing N N 367 
SER N    CA   sing N N 368 
SER N    H    sing N N 369 
SER N    H2   sing N N 370 
SER CA   C    sing N N 371 
SER CA   CB   sing N N 372 
SER CA   HA   sing N N 373 
SER C    O    doub N N 374 
SER C    OXT  sing N N 375 
SER CB   OG   sing N N 376 
SER CB   HB2  sing N N 377 
SER CB   HB3  sing N N 378 
SER OG   HG   sing N N 379 
SER OXT  HXT  sing N N 380 
THR N    CA   sing N N 381 
THR N    H    sing N N 382 
THR N    H2   sing N N 383 
THR CA   C    sing N N 384 
THR CA   CB   sing N N 385 
THR CA   HA   sing N N 386 
THR C    O    doub N N 387 
THR C    OXT  sing N N 388 
THR CB   OG1  sing N N 389 
THR CB   CG2  sing N N 390 
THR CB   HB   sing N N 391 
THR OG1  HG1  sing N N 392 
THR CG2  HG21 sing N N 393 
THR CG2  HG22 sing N N 394 
THR CG2  HG23 sing N N 395 
THR OXT  HXT  sing N N 396 
TRP N    CA   sing N N 397 
TRP N    H    sing N N 398 
TRP N    H2   sing N N 399 
TRP CA   C    sing N N 400 
TRP CA   CB   sing N N 401 
TRP CA   HA   sing N N 402 
TRP C    O    doub N N 403 
TRP C    OXT  sing N N 404 
TRP CB   CG   sing N N 405 
TRP CB   HB2  sing N N 406 
TRP CB   HB3  sing N N 407 
TRP CG   CD1  doub Y N 408 
TRP CG   CD2  sing Y N 409 
TRP CD1  NE1  sing Y N 410 
TRP CD1  HD1  sing N N 411 
TRP CD2  CE2  doub Y N 412 
TRP CD2  CE3  sing Y N 413 
TRP NE1  CE2  sing Y N 414 
TRP NE1  HE1  sing N N 415 
TRP CE2  CZ2  sing Y N 416 
TRP CE3  CZ3  doub Y N 417 
TRP CE3  HE3  sing N N 418 
TRP CZ2  CH2  doub Y N 419 
TRP CZ2  HZ2  sing N N 420 
TRP CZ3  CH2  sing Y N 421 
TRP CZ3  HZ3  sing N N 422 
TRP CH2  HH2  sing N N 423 
TRP OXT  HXT  sing N N 424 
TYR N    CA   sing N N 425 
TYR N    H    sing N N 426 
TYR N    H2   sing N N 427 
TYR CA   C    sing N N 428 
TYR CA   CB   sing N N 429 
TYR CA   HA   sing N N 430 
TYR C    O    doub N N 431 
TYR C    OXT  sing N N 432 
TYR CB   CG   sing N N 433 
TYR CB   HB2  sing N N 434 
TYR CB   HB3  sing N N 435 
TYR CG   CD1  doub Y N 436 
TYR CG   CD2  sing Y N 437 
TYR CD1  CE1  sing Y N 438 
TYR CD1  HD1  sing N N 439 
TYR CD2  CE2  doub Y N 440 
TYR CD2  HD2  sing N N 441 
TYR CE1  CZ   doub Y N 442 
TYR CE1  HE1  sing N N 443 
TYR CE2  CZ   sing Y N 444 
TYR CE2  HE2  sing N N 445 
TYR CZ   OH   sing N N 446 
TYR OH   HH   sing N N 447 
TYR OXT  HXT  sing N N 448 
VAL N    CA   sing N N 449 
VAL N    H    sing N N 450 
VAL N    H2   sing N N 451 
VAL CA   C    sing N N 452 
VAL CA   CB   sing N N 453 
VAL CA   HA   sing N N 454 
VAL C    O    doub N N 455 
VAL C    OXT  sing N N 456 
VAL CB   CG1  sing N N 457 
VAL CB   CG2  sing N N 458 
VAL CB   HB   sing N N 459 
VAL CG1  HG11 sing N N 460 
VAL CG1  HG12 sing N N 461 
VAL CG1  HG13 sing N N 462 
VAL CG2  HG21 sing N N 463 
VAL CG2  HG22 sing N N 464 
VAL CG2  HG23 sing N N 465 
VAL OXT  HXT  sing N N 466 
# 
_atom_sites.entry_id                    5Y93 
_atom_sites.fract_transf_matrix[1][1]   -0.00104142 
_atom_sites.fract_transf_matrix[1][2]   -0.00472149 
_atom_sites.fract_transf_matrix[1][3]   -0.02812646 
_atom_sites.fract_transf_matrix[2][1]   -0.02103048 
_atom_sites.fract_transf_matrix[2][2]   0.00282840 
_atom_sites.fract_transf_matrix[2][3]   0.00030389 
_atom_sites.fract_transf_matrix[3][1]   0.00165302 
_atom_sites.fract_transf_matrix[3][2]   0.01252345 
_atom_sites.fract_transf_matrix[3][3]   -0.00216347 
_atom_sites.fract_transf_vector[1]      -0.338450 
_atom_sites.fract_transf_vector[2]      -0.004359 
_atom_sites.fract_transf_vector[3]      0.102348 
# 
loop_
_atom_type.symbol 
BR 
C  
N  
O  
S  
# 
loop_
_atom_site.group_PDB 
_atom_site.id 
_atom_site.type_symbol 
_atom_site.label_atom_id 
_atom_site.label_alt_id 
_atom_site.label_comp_id 
_atom_site.label_asym_id 
_atom_site.label_entity_id 
_atom_site.label_seq_id 
_atom_site.pdbx_PDB_ins_code 
_atom_site.Cartn_x 
_atom_site.Cartn_y 
_atom_site.Cartn_z 
_atom_site.occupancy 
_atom_site.B_iso_or_equiv 
_atom_site.pdbx_formal_charge 
_atom_site.auth_seq_id 
_atom_site.auth_comp_id 
_atom_site.auth_asym_id 
_atom_site.auth_atom_id 
_atom_site.pdbx_PDB_model_num 
ATOM   1    N  N    . HIS A 1 6   ? -40.877 7.497   15.415  1.00 44.86 ? 33  HIS A N    1 
ATOM   2    C  CA   . HIS A 1 6   ? -40.150 8.432   14.500  1.00 44.24 ? 33  HIS A CA   1 
ATOM   3    C  C    . HIS A 1 6   ? -39.667 7.695   13.247  1.00 38.23 ? 33  HIS A C    1 
ATOM   4    O  O    . HIS A 1 6   ? -39.240 6.539   13.309  1.00 37.89 ? 33  HIS A O    1 
ATOM   5    C  CB   . HIS A 1 6   ? -38.982 9.100   15.221  1.00 46.95 ? 33  HIS A CB   1 
ATOM   6    C  CG   . HIS A 1 6   ? -38.515 10.364  14.571  1.00 53.02 ? 33  HIS A CG   1 
ATOM   7    N  ND1  . HIS A 1 6   ? -37.246 10.517  14.056  1.00 56.38 ? 33  HIS A ND1  1 
ATOM   8    C  CD2  . HIS A 1 6   ? -39.154 11.537  14.346  1.00 55.92 ? 33  HIS A CD2  1 
ATOM   9    C  CE1  . HIS A 1 6   ? -37.120 11.728  13.546  1.00 57.18 ? 33  HIS A CE1  1 
ATOM   10   N  NE2  . HIS A 1 6   ? -38.265 12.367  13.708  1.00 57.11 ? 33  HIS A NE2  1 
ATOM   11   N  N    . HIS A 1 7   ? -39.729 8.394   12.118  1.00 33.81 ? 34  HIS A N    1 
ATOM   12   C  CA   . HIS A 1 7   ? -39.543 7.790   10.794  1.00 30.73 ? 34  HIS A CA   1 
ATOM   13   C  C    . HIS A 1 7   ? -38.131 7.985   10.208  1.00 29.02 ? 34  HIS A C    1 
ATOM   14   O  O    . HIS A 1 7   ? -37.890 7.623   9.056   1.00 26.72 ? 34  HIS A O    1 
ATOM   15   C  CB   . HIS A 1 7   ? -40.593 8.348   9.832   1.00 30.44 ? 34  HIS A CB   1 
ATOM   16   C  CG   . HIS A 1 7   ? -42.004 8.167   10.304  1.00 32.96 ? 34  HIS A CG   1 
ATOM   17   N  ND1  . HIS A 1 7   ? -42.512 6.944   10.686  1.00 33.97 ? 34  HIS A ND1  1 
ATOM   18   C  CD2  . HIS A 1 7   ? -43.024 9.054   10.437  1.00 33.52 ? 34  HIS A CD2  1 
ATOM   19   C  CE1  . HIS A 1 7   ? -43.776 7.085   11.047  1.00 34.68 ? 34  HIS A CE1  1 
ATOM   20   N  NE2  . HIS A 1 7   ? -44.110 8.355   10.904  1.00 34.88 ? 34  HIS A NE2  1 
ATOM   21   N  N    . HIS A 1 8   ? -37.206 8.537   10.994  1.00 27.02 ? 35  HIS A N    1 
ATOM   22   C  CA   . HIS A 1 8   ? -35.792 8.574   10.632  1.00 28.34 ? 35  HIS A CA   1 
ATOM   23   C  C    . HIS A 1 8   ? -35.229 7.231   11.076  1.00 27.66 ? 35  HIS A C    1 
ATOM   24   O  O    . HIS A 1 8   ? -35.169 6.958   12.275  1.00 26.00 ? 35  HIS A O    1 
ATOM   25   C  CB   . HIS A 1 8   ? -35.079 9.741   11.345  1.00 29.96 ? 35  HIS A CB   1 
ATOM   26   C  CG   . HIS A 1 8   ? -33.780 10.158  10.716  1.00 32.71 ? 35  HIS A CG   1 
ATOM   27   N  ND1  . HIS A 1 8   ? -33.045 9.345   9.882   1.00 36.48 ? 35  HIS A ND1  1 
ATOM   28   C  CD2  . HIS A 1 8   ? -33.075 11.309  10.827  1.00 35.47 ? 35  HIS A CD2  1 
ATOM   29   C  CE1  . HIS A 1 8   ? -31.946 9.975   9.500   1.00 36.09 ? 35  HIS A CE1  1 
ATOM   30   N  NE2  . HIS A 1 8   ? -31.942 11.172  10.058  1.00 35.70 ? 35  HIS A NE2  1 
ATOM   31   N  N    . HIS A 1 9   ? -34.887 6.375   10.108  1.00 25.91 ? 36  HIS A N    1 
ATOM   32   C  CA   . HIS A 1 9   ? -34.313 5.042   10.387  1.00 26.70 ? 36  HIS A CA   1 
ATOM   33   C  C    . HIS A 1 9   ? -32.778 4.958   10.204  1.00 26.96 ? 36  HIS A C    1 
ATOM   34   O  O    . HIS A 1 9   ? -32.214 3.865   10.225  1.00 24.61 ? 36  HIS A O    1 
ATOM   35   C  CB   . HIS A 1 9   ? -35.039 3.994   9.524   1.00 27.61 ? 36  HIS A CB   1 
ATOM   36   C  CG   . HIS A 1 9   ? -36.490 3.814   9.883   1.00 27.68 ? 36  HIS A CG   1 
ATOM   37   N  ND1  . HIS A 1 9   ? -37.284 2.848   9.300   1.00 29.71 ? 36  HIS A ND1  1 
ATOM   38   C  CD2  . HIS A 1 9   ? -37.278 4.447   10.788  1.00 28.18 ? 36  HIS A CD2  1 
ATOM   39   C  CE1  . HIS A 1 9   ? -38.504 2.912   9.808   1.00 27.99 ? 36  HIS A CE1  1 
ATOM   40   N  NE2  . HIS A 1 9   ? -38.523 3.866   10.723  1.00 28.49 ? 36  HIS A NE2  1 
ATOM   41   N  N    . HIS A 1 10  ? -32.125 6.116   10.054  1.00 25.39 ? 37  HIS A N    1 
ATOM   42   C  CA   . HIS A 1 10  ? -30.662 6.245   9.903   1.00 26.14 ? 37  HIS A CA   1 
ATOM   43   C  C    . HIS A 1 10  ? -30.074 5.419   8.751   1.00 24.45 ? 37  HIS A C    1 
ATOM   44   O  O    . HIS A 1 10  ? -28.969 4.869   8.851   1.00 23.88 ? 37  HIS A O    1 
ATOM   45   C  CB   . HIS A 1 10  ? -29.969 5.905   11.223  1.00 28.82 ? 37  HIS A CB   1 
ATOM   46   C  CG   . HIS A 1 10  ? -30.638 6.508   12.416  1.00 30.39 ? 37  HIS A CG   1 
ATOM   47   N  ND1  . HIS A 1 10  ? -30.275 7.727   12.944  1.00 34.57 ? 37  HIS A ND1  1 
ATOM   48   C  CD2  . HIS A 1 10  ? -31.672 6.065   13.165  1.00 32.34 ? 37  HIS A CD2  1 
ATOM   49   C  CE1  . HIS A 1 10  ? -31.048 8.001   13.981  1.00 34.18 ? 37  HIS A CE1  1 
ATOM   50   N  NE2  . HIS A 1 10  ? -31.908 7.009   14.135  1.00 33.63 ? 37  HIS A NE2  1 
ATOM   51   N  N    . LEU A 1 11  ? -30.816 5.353   7.644   1.00 22.91 ? 38  LEU A N    1 
ATOM   52   C  CA   . LEU A 1 11  ? -30.327 4.716   6.414   1.00 21.40 ? 38  LEU A CA   1 
ATOM   53   C  C    . LEU A 1 11  ? -29.417 5.628   5.585   1.00 21.06 ? 38  LEU A C    1 
ATOM   54   O  O    . LEU A 1 11  ? -28.776 5.171   4.654   1.00 20.91 ? 38  LEU A O    1 
ATOM   55   C  CB   . LEU A 1 11  ? -31.513 4.258   5.556   1.00 19.39 ? 38  LEU A CB   1 
ATOM   56   C  CG   . LEU A 1 11  ? -32.392 3.209   6.235   1.00 19.67 ? 38  LEU A CG   1 
ATOM   57   C  CD1  . LEU A 1 11  ? -33.704 3.013   5.499   1.00 19.36 ? 38  LEU A CD1  1 
ATOM   58   C  CD2  . LEU A 1 11  ? -31.652 1.893   6.367   1.00 19.62 ? 38  LEU A CD2  1 
ATOM   59   N  N    . VAL A 1 12  ? -29.432 6.920   5.891   1.00 21.16 ? 39  VAL A N    1 
ATOM   60   C  CA   . VAL A 1 12  ? -28.451 7.879   5.409   1.00 22.08 ? 39  VAL A CA   1 
ATOM   61   C  C    . VAL A 1 12  ? -28.092 8.775   6.607   1.00 22.95 ? 39  VAL A C    1 
ATOM   62   O  O    . VAL A 1 12  ? -28.872 8.835   7.575   1.00 23.06 ? 39  VAL A O    1 
ATOM   63   C  CB   . VAL A 1 12  ? -28.987 8.749   4.232   1.00 21.88 ? 39  VAL A CB   1 
ATOM   64   C  CG1  . VAL A 1 12  ? -28.968 7.969   2.936   1.00 21.83 ? 39  VAL A CG1  1 
ATOM   65   C  CG2  . VAL A 1 12  ? -30.375 9.311   4.510   1.00 21.70 ? 39  VAL A CG2  1 
ATOM   66   N  N    . PRO A 1 13  ? -26.939 9.455   6.585   1.00 22.59 ? 40  PRO A N    1 
ATOM   67   C  CA   . PRO A 1 13  ? -25.887 9.358   5.551   1.00 22.61 ? 40  PRO A CA   1 
ATOM   68   C  C    . PRO A 1 13  ? -25.148 8.012   5.523   1.00 23.06 ? 40  PRO A C    1 
ATOM   69   O  O    . PRO A 1 13  ? -25.239 7.210   6.463   1.00 22.06 ? 40  PRO A O    1 
ATOM   70   C  CB   . PRO A 1 13  ? -24.918 10.462  5.960   1.00 22.72 ? 40  PRO A CB   1 
ATOM   71   C  CG   . PRO A 1 13  ? -25.045 10.498  7.434   1.00 23.21 ? 40  PRO A CG   1 
ATOM   72   C  CD   . PRO A 1 13  ? -26.490 10.226  7.752   1.00 22.90 ? 40  PRO A CD   1 
ATOM   73   N  N    . ARG A 1 14  ? -24.423 7.780   4.432   1.00 22.52 ? 41  ARG A N    1 
ATOM   74   C  CA   . ARG A 1 14  ? -23.779 6.494   4.167   1.00 23.51 ? 41  ARG A CA   1 
ATOM   75   C  C    . ARG A 1 14  ? -22.301 6.542   4.505   1.00 24.74 ? 41  ARG A C    1 
ATOM   76   O  O    . ARG A 1 14  ? -21.737 7.616   4.733   1.00 24.67 ? 41  ARG A O    1 
ATOM   77   C  CB   . ARG A 1 14  ? -23.935 6.121   2.681   1.00 23.83 ? 41  ARG A CB   1 
ATOM   78   C  CG   . ARG A 1 14  ? -25.367 6.121   2.145   1.00 23.55 ? 41  ARG A CG   1 
ATOM   79   C  CD   . ARG A 1 14  ? -26.247 5.064   2.789   1.00 22.79 ? 41  ARG A CD   1 
ATOM   80   N  NE   . ARG A 1 14  ? -25.798 3.679   2.571   1.00 22.34 ? 41  ARG A NE   1 
ATOM   81   C  CZ   . ARG A 1 14  ? -26.394 2.610   3.107   1.00 20.90 ? 41  ARG A CZ   1 
ATOM   82   N  NH1  . ARG A 1 14  ? -25.922 1.394   2.866   1.00 19.95 ? 41  ARG A NH1  1 
ATOM   83   N  NH2  . ARG A 1 14  ? -27.472 2.749   3.887   1.00 20.38 ? 41  ARG A NH2  1 
ATOM   84   N  N    . GLY A 1 15  ? -21.697 5.359   4.551   1.00 23.59 ? 42  GLY A N    1 
ATOM   85   C  CA   . GLY A 1 15  ? -20.243 5.215   4.627   1.00 24.32 ? 42  GLY A CA   1 
ATOM   86   C  C    . GLY A 1 15  ? -19.550 5.655   3.349   1.00 24.42 ? 42  GLY A C    1 
ATOM   87   O  O    . GLY A 1 15  ? -20.190 6.090   2.375   1.00 24.21 ? 42  GLY A O    1 
ATOM   88   N  N    . SER A 1 16  ? -18.225 5.540   3.369   1.00 21.45 ? 43  SER A N    1 
ATOM   89   C  CA   . SER A 1 16  ? -17.409 5.933   2.254   1.00 21.43 ? 43  SER A CA   1 
ATOM   90   C  C    . SER A 1 16  ? -15.995 5.483   2.558   1.00 18.57 ? 43  SER A C    1 
ATOM   91   O  O    . SER A 1 16  ? -15.657 5.057   3.674   1.00 18.11 ? 43  SER A O    1 
ATOM   92   C  CB   . SER A 1 16  ? -17.428 7.450   2.070   1.00 21.48 ? 43  SER A CB   1 
ATOM   93   O  OG   . SER A 1 16  ? -17.124 8.100   3.303   1.00 22.81 ? 43  SER A OG   1 
ATOM   94   N  N    . ASN A 1 17  ? -15.186 5.574   1.536   1.00 18.18 ? 44  ASN A N    1 
ATOM   95   C  CA   . ASN A 1 17  ? -13.767 5.422   1.695   1.00 16.56 ? 44  ASN A CA   1 
ATOM   96   C  C    . ASN A 1 17  ? -13.172 6.785   2.057   1.00 15.63 ? 44  ASN A C    1 
ATOM   97   O  O    . ASN A 1 17  ? -13.668 7.834   1.606   1.00 16.28 ? 44  ASN A O    1 
ATOM   98   C  CB   . ASN A 1 17  ? -13.177 4.915   0.396   1.00 16.12 ? 44  ASN A CB   1 
ATOM   99   C  CG   . ASN A 1 17  ? -13.565 3.498   0.113   1.00 16.53 ? 44  ASN A CG   1 
ATOM   100  O  OD1  . ASN A 1 17  ? -13.438 2.631   0.981   1.00 15.74 ? 44  ASN A OD1  1 
ATOM   101  N  ND2  . ASN A 1 17  ? -14.064 3.250   -1.100  1.00 16.93 ? 44  ASN A ND2  1 
ATOM   102  N  N    . PRO A 1 18  ? -12.079 6.776   2.827   1.00 14.07 ? 45  PRO A N    1 
ATOM   103  C  CA   . PRO A 1 18  ? -11.396 8.036   3.055   1.00 14.12 ? 45  PRO A CA   1 
ATOM   104  C  C    . PRO A 1 18  ? -10.728 8.495   1.781   1.00 14.61 ? 45  PRO A C    1 
ATOM   105  O  O    . PRO A 1 18  ? -10.520 7.700   0.846   1.00 14.18 ? 45  PRO A O    1 
ATOM   106  C  CB   . PRO A 1 18  ? -10.339 7.682   4.097   1.00 14.21 ? 45  PRO A CB   1 
ATOM   107  C  CG   . PRO A 1 18  ? -10.003 6.271   3.770   1.00 13.93 ? 45  PRO A CG   1 
ATOM   108  C  CD   . PRO A 1 18  ? -11.296 5.641   3.334   1.00 13.97 ? 45  PRO A CD   1 
ATOM   109  N  N    . PRO A 1 19  ? -10.357 9.771   1.742   1.00 15.08 ? 46  PRO A N    1 
ATOM   110  C  CA   . PRO A 1 19  ? -9.543  10.191  0.602   1.00 16.45 ? 46  PRO A CA   1 
ATOM   111  C  C    . PRO A 1 19  ? -8.258  9.376   0.561   1.00 16.04 ? 46  PRO A C    1 
ATOM   112  O  O    . PRO A 1 19  ? -7.716  9.075   1.623   1.00 16.50 ? 46  PRO A O    1 
ATOM   113  C  CB   . PRO A 1 19  ? -9.231  11.652  0.893   1.00 16.82 ? 46  PRO A CB   1 
ATOM   114  C  CG   . PRO A 1 19  ? -9.554  11.887  2.317   1.00 17.17 ? 46  PRO A CG   1 
ATOM   115  C  CD   . PRO A 1 19  ? -10.457 10.793  2.793   1.00 16.06 ? 46  PRO A CD   1 
ATOM   116  N  N    . PRO A 1 20  ? -7.793  8.992   -0.640  1.00 16.04 ? 47  PRO A N    1 
ATOM   117  C  CA   . PRO A 1 20  ? -6.576  8.190   -0.720  1.00 16.20 ? 47  PRO A CA   1 
ATOM   118  C  C    . PRO A 1 20  ? -5.326  8.967   -0.320  1.00 15.88 ? 47  PRO A C    1 
ATOM   119  O  O    . PRO A 1 20  ? -5.366  10.210  -0.234  1.00 15.41 ? 47  PRO A O    1 
ATOM   120  C  CB   . PRO A 1 20  ? -6.529  7.770   -2.188  1.00 16.85 ? 47  PRO A CB   1 
ATOM   121  C  CG   . PRO A 1 20  ? -7.224  8.872   -2.898  1.00 17.71 ? 47  PRO A CG   1 
ATOM   122  C  CD   . PRO A 1 20  ? -8.256  9.425   -1.967  1.00 17.13 ? 47  PRO A CD   1 
ATOM   123  N  N    . PRO A 1 21  ? -4.213  8.261   -0.055  1.00 14.75 ? 48  PRO A N    1 
ATOM   124  C  CA   . PRO A 1 21  ? -2.977  8.989   0.283   1.00 14.81 ? 48  PRO A CA   1 
ATOM   125  C  C    . PRO A 1 21  ? -2.525  9.867   -0.885  1.00 15.29 ? 48  PRO A C    1 
ATOM   126  O  O    . PRO A 1 21  ? -2.760  9.536   -2.042  1.00 15.25 ? 48  PRO A O    1 
ATOM   127  C  CB   . PRO A 1 21  ? -1.968  7.867   0.552   1.00 15.07 ? 48  PRO A CB   1 
ATOM   128  C  CG   . PRO A 1 21  ? -2.789  6.651   0.805   1.00 15.03 ? 48  PRO A CG   1 
ATOM   129  C  CD   . PRO A 1 21  ? -4.013  6.802   -0.013  1.00 15.07 ? 48  PRO A CD   1 
ATOM   130  N  N    . GLU A 1 22  ? -1.896  10.995  -0.593  1.00 15.27 ? 49  GLU A N    1 
ATOM   131  C  CA   . GLU A 1 22  ? -1.440  11.861  -1.653  1.00 16.38 ? 49  GLU A CA   1 
ATOM   132  C  C    . GLU A 1 22  ? -0.353  11.189  -2.492  1.00 15.27 ? 49  GLU A C    1 
ATOM   133  O  O    . GLU A 1 22  ? 0.444   10.381  -1.981  1.00 13.95 ? 49  GLU A O    1 
ATOM   134  C  CB   . GLU A 1 22  ? -0.901  13.180  -1.079  1.00 19.31 ? 49  GLU A CB   1 
ATOM   135  C  CG   . GLU A 1 22  ? 0.433   13.071  -0.381  1.00 22.11 ? 49  GLU A CG   1 
ATOM   136  C  CD   . GLU A 1 22  ? 0.862   14.383  0.250   1.00 25.73 ? 49  GLU A CD   1 
ATOM   137  O  OE1  . GLU A 1 22  ? 2.012   14.507  0.745   1.00 26.91 ? 49  GLU A OE1  1 
ATOM   138  O  OE2  . GLU A 1 22  ? 0.027   15.303  0.253   1.00 28.55 ? 49  GLU A OE2  1 
ATOM   139  N  N    . THR A 1 23  ? -0.336  11.520  -3.767  1.00 15.03 ? 50  THR A N    1 
ATOM   140  C  CA   . THR A 1 23  ? 0.718   11.117  -4.683  1.00 15.86 ? 50  THR A CA   1 
ATOM   141  C  C    . THR A 1 23  ? 1.481   12.321  -5.289  1.00 16.13 ? 50  THR A C    1 
ATOM   142  O  O    . THR A 1 23  ? 2.419   12.123  -6.043  1.00 18.03 ? 50  THR A O    1 
ATOM   143  C  CB   . THR A 1 23  ? 0.134   10.283  -5.814  1.00 16.91 ? 50  THR A CB   1 
ATOM   144  O  OG1  . THR A 1 23  ? -0.876  11.046  -6.482  1.00 17.98 ? 50  THR A OG1  1 
ATOM   145  C  CG2  . THR A 1 23  ? -0.470  8.991   -5.248  1.00 17.91 ? 50  THR A CG2  1 
ATOM   146  N  N    . SER A 1 24  ? 1.032   13.529  -4.968  1.00 16.85 ? 51  SER A N    1 
ATOM   147  C  CA   . SER A 1 24  ? 1.673   14.780  -5.344  1.00 18.16 ? 51  SER A CA   1 
ATOM   148  C  C    . SER A 1 24  ? 1.676   15.675  -4.124  1.00 16.84 ? 51  SER A C    1 
ATOM   149  O  O    . SER A 1 24  ? 0.753   15.662  -3.314  1.00 18.26 ? 51  SER A O    1 
ATOM   150  C  CB   . SER A 1 24  ? 0.891   15.465  -6.465  1.00 20.48 ? 51  SER A CB   1 
ATOM   151  O  OG   . SER A 1 24  ? 1.198   14.822  -7.679  1.00 26.92 ? 51  SER A OG   1 
ATOM   152  N  N    . ASN A 1 25  ? 2.726   16.462  -3.997  1.00 15.02 ? 52  ASN A N    1 
ATOM   153  C  CA   . ASN A 1 25  ? 2.805   17.475  -2.961  1.00 15.04 ? 52  ASN A CA   1 
ATOM   154  C  C    . ASN A 1 25  ? 3.898   18.445  -3.413  1.00 14.39 ? 52  ASN A C    1 
ATOM   155  O  O    . ASN A 1 25  ? 5.074   18.193  -3.204  1.00 13.07 ? 52  ASN A O    1 
ATOM   156  C  CB   . ASN A 1 25  ? 3.108   16.875  -1.594  1.00 15.89 ? 52  ASN A CB   1 
ATOM   157  C  CG   . ASN A 1 25  ? 3.210   17.937  -0.501  1.00 17.41 ? 52  ASN A CG   1 
ATOM   158  O  OD1  . ASN A 1 25  ? 3.446   19.110  -0.785  1.00 17.29 ? 52  ASN A OD1  1 
ATOM   159  N  ND2  . ASN A 1 25  ? 3.071   17.516  0.753   1.00 18.80 ? 52  ASN A ND2  1 
ATOM   160  N  N    . PRO A 1 26  ? 3.502   19.556  -4.052  1.00 14.45 ? 53  PRO A N    1 
ATOM   161  C  CA   . PRO A 1 26  ? 4.546   20.369  -4.670  1.00 14.36 ? 53  PRO A CA   1 
ATOM   162  C  C    . PRO A 1 26  ? 5.584   20.958  -3.727  1.00 13.79 ? 53  PRO A C    1 
ATOM   163  O  O    . PRO A 1 26  ? 6.720   21.146  -4.146  1.00 14.99 ? 53  PRO A O    1 
ATOM   164  C  CB   . PRO A 1 26  ? 3.751   21.465  -5.383  1.00 14.71 ? 53  PRO A CB   1 
ATOM   165  C  CG   . PRO A 1 26  ? 2.464   20.804  -5.706  1.00 14.84 ? 53  PRO A CG   1 
ATOM   166  C  CD   . PRO A 1 26  ? 2.157   19.945  -4.528  1.00 15.13 ? 53  PRO A CD   1 
ATOM   167  N  N    . ASN A 1 27  ? 5.204   21.245  -2.486  1.00 13.45 ? 54  ASN A N    1 
ATOM   168  C  CA   . ASN A 1 27  ? 6.151   21.732  -1.505  1.00 13.41 ? 54  ASN A CA   1 
ATOM   169  C  C    . ASN A 1 27  ? 6.993   20.673  -0.797  1.00 13.97 ? 54  ASN A C    1 
ATOM   170  O  O    . ASN A 1 27  ? 7.867   21.034  -0.043  1.00 14.18 ? 54  ASN A O    1 
ATOM   171  C  CB   . ASN A 1 27  ? 5.472   22.600  -0.453  1.00 14.16 ? 54  ASN A CB   1 
ATOM   172  C  CG   . ASN A 1 27  ? 5.195   24.000  -0.958  1.00 14.28 ? 54  ASN A CG   1 
ATOM   173  O  OD1  . ASN A 1 27  ? 6.080   24.630  -1.548  1.00 14.47 ? 54  ASN A OD1  1 
ATOM   174  N  ND2  . ASN A 1 27  ? 4.010   24.520  -0.659  1.00 14.93 ? 54  ASN A ND2  1 
ATOM   175  N  N    . LYS A 1 28  ? 6.760   19.388  -1.057  1.00 13.56 ? 55  LYS A N    1 
ATOM   176  C  CA   . LYS A 1 28  ? 7.548   18.357  -0.389  1.00 14.18 ? 55  LYS A CA   1 
ATOM   177  C  C    . LYS A 1 28  ? 8.892   18.302  -1.076  1.00 14.28 ? 55  LYS A C    1 
ATOM   178  O  O    . LYS A 1 28  ? 8.933   18.390  -2.298  1.00 14.61 ? 55  LYS A O    1 
ATOM   179  C  CB   . LYS A 1 28  ? 6.860   17.003  -0.492  1.00 14.03 ? 55  LYS A CB   1 
ATOM   180  C  CG   . LYS A 1 28  ? 7.598   15.873  0.209   1.00 13.95 ? 55  LYS A CG   1 
ATOM   181  C  CD   . LYS A 1 28  ? 6.995   14.515  -0.113  1.00 13.68 ? 55  LYS A CD   1 
ATOM   182  C  CE   . LYS A 1 28  ? 7.825   13.370  0.479   1.00 13.80 ? 55  LYS A CE   1 
ATOM   183  N  NZ   . LYS A 1 28  ? 9.196   13.322  -0.070  1.00 13.99 ? 55  LYS A NZ   1 
ATOM   184  N  N    . PRO A 1 29  ? 9.986   18.162  -0.294  1.00 14.86 ? 56  PRO A N    1 
ATOM   185  C  CA   . PRO A 1 29  ? 11.293  17.963  -0.903  1.00 15.67 ? 56  PRO A CA   1 
ATOM   186  C  C    . PRO A 1 29  ? 11.389  16.630  -1.641  1.00 15.83 ? 56  PRO A C    1 
ATOM   187  O  O    . PRO A 1 29  ? 10.883  15.640  -1.149  1.00 15.02 ? 56  PRO A O    1 
ATOM   188  C  CB   . PRO A 1 29  ? 12.261  17.992  0.288   1.00 15.59 ? 56  PRO A CB   1 
ATOM   189  C  CG   . PRO A 1 29  ? 11.524  18.658  1.388   1.00 16.64 ? 56  PRO A CG   1 
ATOM   190  C  CD   . PRO A 1 29  ? 10.067  18.367  1.165   1.00 15.93 ? 56  PRO A CD   1 
ATOM   191  N  N    . LYS A 1 30  ? 11.998  16.640  -2.818  1.00 16.77 ? 57  LYS A N    1 
ATOM   192  C  CA   . LYS A 1 30  ? 12.165  15.406  -3.616  1.00 18.48 ? 57  LYS A CA   1 
ATOM   193  C  C    . LYS A 1 30  ? 13.487  15.360  -4.361  1.00 17.39 ? 57  LYS A C    1 
ATOM   194  O  O    . LYS A 1 30  ? 14.066  16.384  -4.678  1.00 15.22 ? 57  LYS A O    1 
ATOM   195  C  CB   . LYS A 1 30  ? 11.016  15.226  -4.621  1.00 20.20 ? 57  LYS A CB   1 
ATOM   196  C  CG   . LYS A 1 30  ? 10.395  16.465  -5.225  1.00 21.40 ? 57  LYS A CG   1 
ATOM   197  C  CD   . LYS A 1 30  ? 9.054   16.182  -5.888  1.00 21.33 ? 57  LYS A CD   1 
ATOM   198  C  CE   . LYS A 1 30  ? 7.885   16.197  -4.911  1.00 20.51 ? 57  LYS A CE   1 
ATOM   199  N  NZ   . LYS A 1 30  ? 7.446   17.595  -4.613  1.00 19.17 ? 57  LYS A NZ   1 
ATOM   200  N  N    . ARG A 1 31  ? 13.951  14.139  -4.617  1.00 18.31 ? 58  ARG A N    1 
ATOM   201  C  CA   . ARG A 1 31  ? 15.137  13.885  -5.432  1.00 20.96 ? 58  ARG A CA   1 
ATOM   202  C  C    . ARG A 1 31  ? 14.982  12.639  -6.244  1.00 23.61 ? 58  ARG A C    1 
ATOM   203  O  O    . ARG A 1 31  ? 14.193  11.764  -5.898  1.00 24.14 ? 58  ARG A O    1 
ATOM   204  C  CB   . ARG A 1 31  ? 16.341  13.611  -4.557  1.00 23.18 ? 58  ARG A CB   1 
ATOM   205  C  CG   . ARG A 1 31  ? 16.641  14.685  -3.589  1.00 24.13 ? 58  ARG A CG   1 
ATOM   206  C  CD   . ARG A 1 31  ? 17.959  14.425  -2.892  1.00 24.36 ? 58  ARG A CD   1 
ATOM   207  N  NE   . ARG A 1 31  ? 17.897  13.214  -2.107  1.00 25.20 ? 58  ARG A NE   1 
ATOM   208  C  CZ   . ARG A 1 31  ? 18.832  12.796  -1.273  1.00 25.55 ? 58  ARG A CZ   1 
ATOM   209  N  NH1  . ARG A 1 31  ? 19.941  13.516  -1.037  1.00 27.21 ? 58  ARG A NH1  1 
ATOM   210  N  NH2  . ARG A 1 31  ? 18.641  11.648  -0.636  1.00 26.33 ? 58  ARG A NH2  1 
ATOM   211  N  N    . GLN A 1 32  ? 15.784  12.533  -7.298  1.00 25.18 ? 59  GLN A N    1 
ATOM   212  C  CA   . GLN A 1 32  ? 15.989  11.255  -7.967  1.00 28.06 ? 59  GLN A CA   1 
ATOM   213  C  C    . GLN A 1 32  ? 17.309  10.689  -7.436  1.00 27.70 ? 59  GLN A C    1 
ATOM   214  O  O    . GLN A 1 32  ? 18.288  11.427  -7.247  1.00 28.70 ? 59  GLN A O    1 
ATOM   215  C  CB   . GLN A 1 32  ? 15.956  11.441  -9.486  1.00 32.18 ? 59  GLN A CB   1 
ATOM   216  C  CG   . GLN A 1 32  ? 14.596  11.941  -9.961  1.00 34.28 ? 59  GLN A CG   1 
ATOM   217  C  CD   . GLN A 1 32  ? 14.555  12.334  -11.425 1.00 37.51 ? 59  GLN A CD   1 
ATOM   218  O  OE1  . GLN A 1 32  ? 15.289  11.795  -12.252 1.00 40.32 ? 59  GLN A OE1  1 
ATOM   219  N  NE2  . GLN A 1 32  ? 13.685  13.282  -11.754 1.00 38.27 ? 59  GLN A NE2  1 
ATOM   220  N  N    . THR A 1 33  ? 17.316  9.405   -7.093  1.00 25.37 ? 60  THR A N    1 
ATOM   221  C  CA   . THR A 1 33  ? 18.522  8.718   -6.633  1.00 24.00 ? 60  THR A CA   1 
ATOM   222  C  C    . THR A 1 33  ? 18.556  7.371   -7.319  1.00 25.84 ? 60  THR A C    1 
ATOM   223  O  O    . THR A 1 33  ? 17.529  6.887   -7.816  1.00 24.13 ? 60  THR A O    1 
ATOM   224  C  CB   . THR A 1 33  ? 18.572  8.478   -5.110  1.00 24.69 ? 60  THR A CB   1 
ATOM   225  O  OG1  . THR A 1 33  ? 17.653  7.437   -4.739  1.00 24.55 ? 60  THR A OG1  1 
ATOM   226  C  CG2  . THR A 1 33  ? 18.237  9.757   -4.316  1.00 23.80 ? 60  THR A CG2  1 
ATOM   227  N  N    . ASN A 1 34  ? 19.739  6.770   -7.326  1.00 27.40 ? 61  ASN A N    1 
ATOM   228  C  CA   . ASN A 1 34  ? 19.904  5.439   -7.880  1.00 28.25 ? 61  ASN A CA   1 
ATOM   229  C  C    . ASN A 1 34  ? 19.090  4.398   -7.125  1.00 25.96 ? 61  ASN A C    1 
ATOM   230  O  O    . ASN A 1 34  ? 18.571  3.462   -7.737  1.00 27.72 ? 61  ASN A O    1 
ATOM   231  C  CB   . ASN A 1 34  ? 21.400  5.066   -7.970  1.00 31.28 ? 61  ASN A CB   1 
ATOM   232  C  CG   . ASN A 1 34  ? 22.096  5.750   -9.146  1.00 35.92 ? 61  ASN A CG   1 
ATOM   233  O  OD1  . ASN A 1 34  ? 21.450  6.211   -10.096 1.00 39.42 ? 61  ASN A OD1  1 
ATOM   234  N  ND2  . ASN A 1 34  ? 23.418  5.811   -9.093  1.00 41.09 ? 61  ASN A ND2  1 
ATOM   235  N  N    . GLN A 1 35  ? 18.966  4.566   -5.811  1.00 24.44 ? 62  GLN A N    1 
ATOM   236  C  CA   . GLN A 1 35  ? 18.160  3.674   -5.010  1.00 23.26 ? 62  GLN A CA   1 
ATOM   237  C  C    . GLN A 1 35  ? 16.664  3.805   -5.375  1.00 22.33 ? 62  GLN A C    1 
ATOM   238  O  O    . GLN A 1 35  ? 15.977  2.778   -5.498  1.00 21.13 ? 62  GLN A O    1 
ATOM   239  C  CB   . GLN A 1 35  ? 18.431  3.880   -3.520  1.00 24.80 ? 62  GLN A CB   1 
ATOM   240  C  CG   . GLN A 1 35  ? 19.875  3.589   -3.089  1.00 24.85 ? 62  GLN A CG   1 
ATOM   241  C  CD   . GLN A 1 35  ? 20.069  3.648   -1.582  1.00 25.38 ? 62  GLN A CD   1 
ATOM   242  O  OE1  . GLN A 1 35  ? 19.354  4.358   -0.888  1.00 26.61 ? 62  GLN A OE1  1 
ATOM   243  N  NE2  . GLN A 1 35  ? 21.049  2.903   -1.068  1.00 25.67 ? 62  GLN A NE2  1 
ATOM   244  N  N    . LEU A 1 36  ? 16.166  5.030   -5.581  1.00 20.39 ? 63  LEU A N    1 
ATOM   245  C  CA   . LEU A 1 36  ? 14.748  5.232   -5.978  1.00 19.18 ? 63  LEU A CA   1 
ATOM   246  C  C    . LEU A 1 36  ? 14.438  4.711   -7.394  1.00 21.95 ? 63  LEU A C    1 
ATOM   247  O  O    . LEU A 1 36  ? 13.364  4.141   -7.625  1.00 19.59 ? 63  LEU A O    1 
ATOM   248  C  CB   . LEU A 1 36  ? 14.312  6.698   -5.840  1.00 18.50 ? 63  LEU A CB   1 
ATOM   249  C  CG   . LEU A 1 36  ? 14.098  7.132   -4.394  1.00 17.29 ? 63  LEU A CG   1 
ATOM   250  C  CD1  . LEU A 1 36  ? 14.099  8.655   -4.282  1.00 17.53 ? 63  LEU A CD1  1 
ATOM   251  C  CD2  . LEU A 1 36  ? 12.768  6.569   -3.885  1.00 16.77 ? 63  LEU A CD2  1 
ATOM   252  N  N    . GLN A 1 37  ? 15.372  4.903   -8.332  1.00 23.42 ? 64  GLN A N    1 
ATOM   253  C  CA   . GLN A 1 37  ? 15.247  4.318   -9.673  1.00 26.15 ? 64  GLN A CA   1 
ATOM   254  C  C    . GLN A 1 37  ? 15.177  2.784   -9.645  1.00 23.67 ? 64  GLN A C    1 
ATOM   255  O  O    . GLN A 1 37  ? 14.350  2.202   -10.332 1.00 25.98 ? 64  GLN A O    1 
ATOM   256  C  CB   . GLN A 1 37  ? 16.387  4.799   -10.582 1.00 29.06 ? 64  GLN A CB   1 
ATOM   257  C  CG   . GLN A 1 37  ? 16.213  6.263   -10.977 1.00 32.87 ? 64  GLN A CG   1 
ATOM   258  C  CD   . GLN A 1 37  ? 17.215  6.711   -12.019 1.00 37.54 ? 64  GLN A CD   1 
ATOM   259  O  OE1  . GLN A 1 37  ? 18.402  6.392   -11.937 1.00 41.95 ? 64  GLN A OE1  1 
ATOM   260  N  NE2  . GLN A 1 37  ? 16.739  7.458   -13.007 1.00 40.99 ? 64  GLN A NE2  1 
ATOM   261  N  N    . TYR A 1 38  ? 15.991  2.142   -8.815  1.00 22.98 ? 65  TYR A N    1 
ATOM   262  C  CA   . TYR A 1 38  ? 15.912  0.686   -8.610  1.00 22.08 ? 65  TYR A CA   1 
ATOM   263  C  C    . TYR A 1 38  ? 14.583  0.269   -7.966  1.00 21.83 ? 65  TYR A C    1 
ATOM   264  O  O    . TYR A 1 38  ? 14.027  -0.777  -8.301  1.00 21.50 ? 65  TYR A O    1 
ATOM   265  C  CB   . TYR A 1 38  ? 17.091  0.211   -7.777  1.00 22.97 ? 65  TYR A CB   1 
ATOM   266  C  CG   . TYR A 1 38  ? 17.163  -1.272  -7.408  1.00 23.55 ? 65  TYR A CG   1 
ATOM   267  C  CD1  . TYR A 1 38  ? 16.527  -1.747  -6.275  1.00 22.81 ? 65  TYR A CD1  1 
ATOM   268  C  CD2  . TYR A 1 38  ? 17.934  -2.181  -8.157  1.00 25.15 ? 65  TYR A CD2  1 
ATOM   269  C  CE1  . TYR A 1 38  ? 16.610  -3.065  -5.887  1.00 24.18 ? 65  TYR A CE1  1 
ATOM   270  C  CE2  . TYR A 1 38  ? 18.018  -3.518  -7.777  1.00 23.84 ? 65  TYR A CE2  1 
ATOM   271  C  CZ   . TYR A 1 38  ? 17.366  -3.951  -6.636  1.00 25.55 ? 65  TYR A CZ   1 
ATOM   272  O  OH   . TYR A 1 38  ? 17.450  -5.259  -6.206  1.00 24.92 ? 65  TYR A OH   1 
ATOM   273  N  N    . LEU A 1 39  ? 14.087  1.075   -7.035  1.00 19.05 ? 66  LEU A N    1 
ATOM   274  C  CA   . LEU A 1 39  ? 12.791  0.780   -6.394  1.00 18.54 ? 66  LEU A CA   1 
ATOM   275  C  C    . LEU A 1 39  ? 11.624  0.750   -7.386  1.00 18.39 ? 66  LEU A C    1 
ATOM   276  O  O    . LEU A 1 39  ? 10.707  -0.088  -7.264  1.00 18.84 ? 66  LEU A O    1 
ATOM   277  C  CB   . LEU A 1 39  ? 12.537  1.752   -5.232  1.00 17.67 ? 66  LEU A CB   1 
ATOM   278  C  CG   . LEU A 1 39  ? 13.326  1.416   -3.962  1.00 18.37 ? 66  LEU A CG   1 
ATOM   279  C  CD1  . LEU A 1 39  ? 13.430  2.619   -3.042  1.00 18.56 ? 66  LEU A CD1  1 
ATOM   280  C  CD2  . LEU A 1 39  ? 12.700  0.246   -3.199  1.00 19.36 ? 66  LEU A CD2  1 
ATOM   281  N  N    . LEU A 1 40  ? 11.641  1.633   -8.382  1.00 18.52 ? 67  LEU A N    1 
ATOM   282  C  CA   . LEU A 1 40  ? 10.629  1.626   -9.417  1.00 19.35 ? 67  LEU A CA   1 
ATOM   283  C  C    . LEU A 1 40  ? 10.909  0.515   -10.417 1.00 23.05 ? 67  LEU A C    1 
ATOM   284  O  O    . LEU A 1 40  ? 10.037  -0.302  -10.695 1.00 21.75 ? 67  LEU A O    1 
ATOM   285  C  CB   . LEU A 1 40  ? 10.556  2.962   -10.154 1.00 20.55 ? 67  LEU A CB   1 
ATOM   286  C  CG   . LEU A 1 40  ? 9.521   3.117   -11.269 1.00 20.63 ? 67  LEU A CG   1 
ATOM   287  C  CD1  . LEU A 1 40  ? 8.117   2.708   -10.828 1.00 20.89 ? 67  LEU A CD1  1 
ATOM   288  C  CD2  . LEU A 1 40  ? 9.494   4.526   -11.853 1.00 22.22 ? 67  LEU A CD2  1 
ATOM   289  N  N    . ARG A 1 41  ? 12.125  0.512   -10.960 1.00 24.71 ? 68  ARG A N    1 
ATOM   290  C  CA   . ARG A 1 41  ? 12.467  -0.384  -12.077 1.00 28.28 ? 68  ARG A CA   1 
ATOM   291  C  C    . ARG A 1 41  ? 12.476  -1.847  -11.699 1.00 26.22 ? 68  ARG A C    1 
ATOM   292  O  O    . ARG A 1 41  ? 12.012  -2.673  -12.467 1.00 29.98 ? 68  ARG A O    1 
ATOM   293  C  CB   . ARG A 1 41  ? 13.839  -0.046  -12.674 1.00 31.08 ? 68  ARG A CB   1 
ATOM   294  C  CG   . ARG A 1 41  ? 13.881  1.154   -13.609 1.00 35.29 ? 68  ARG A CG   1 
ATOM   295  C  CD   . ARG A 1 41  ? 15.212  1.256   -14.376 1.00 38.76 ? 68  ARG A CD   1 
ATOM   296  N  NE   . ARG A 1 41  ? 15.964  -0.017  -14.417 1.00 41.18 ? 68  ARG A NE   1 
ATOM   297  C  CZ   . ARG A 1 41  ? 16.917  -0.396  -13.552 1.00 43.47 ? 68  ARG A CZ   1 
ATOM   298  N  NH1  . ARG A 1 41  ? 17.308  0.392   -12.542 1.00 45.93 ? 68  ARG A NH1  1 
ATOM   299  N  NH2  . ARG A 1 41  ? 17.500  -1.584  -13.701 1.00 44.50 ? 68  ARG A NH2  1 
ATOM   300  N  N    . VAL A 1 42  ? 13.010  -2.165  -10.528 1.00 26.67 ? 69  VAL A N    1 
ATOM   301  C  CA   . VAL A 1 42  ? 13.176  -3.548  -10.093 1.00 26.79 ? 69  VAL A CA   1 
ATOM   302  C  C    . VAL A 1 42  ? 12.128  -3.946  -9.062  1.00 26.89 ? 69  VAL A C    1 
ATOM   303  O  O    . VAL A 1 42  ? 11.400  -4.920  -9.277  1.00 27.36 ? 69  VAL A O    1 
ATOM   304  C  CB   . VAL A 1 42  ? 14.606  -3.779  -9.560  1.00 27.98 ? 69  VAL A CB   1 
ATOM   305  C  CG1  . VAL A 1 42  ? 14.762  -5.158  -8.900  1.00 28.00 ? 69  VAL A CG1  1 
ATOM   306  C  CG2  . VAL A 1 42  ? 15.595  -3.611  -10.710 1.00 28.68 ? 69  VAL A CG2  1 
ATOM   307  N  N    . VAL A 1 43  ? 12.043  -3.223  -7.948  1.00 22.90 ? 70  VAL A N    1 
ATOM   308  C  CA   . VAL A 1 43  ? 11.287  -3.712  -6.799  1.00 22.53 ? 70  VAL A CA   1 
ATOM   309  C  C    . VAL A 1 43  ? 9.784   -3.629  -7.083  1.00 23.11 ? 70  VAL A C    1 
ATOM   310  O  O    . VAL A 1 43  ? 9.080   -4.653  -7.033  1.00 23.50 ? 70  VAL A O    1 
ATOM   311  C  CB   . VAL A 1 43  ? 11.660  -2.968  -5.498  1.00 22.26 ? 70  VAL A CB   1 
ATOM   312  C  CG1  . VAL A 1 43  ? 10.866  -3.476  -4.311  1.00 22.45 ? 70  VAL A CG1  1 
ATOM   313  C  CG2  . VAL A 1 43  ? 13.165  -3.090  -5.227  1.00 22.64 ? 70  VAL A CG2  1 
ATOM   314  N  N    . LEU A 1 44  ? 9.302   -2.424  -7.389  1.00 21.07 ? 71  LEU A N    1 
ATOM   315  C  CA   . LEU A 1 44  ? 7.887   -2.214  -7.634  1.00 22.02 ? 71  LEU A CA   1 
ATOM   316  C  C    . LEU A 1 44  ? 7.421   -3.040  -8.828  1.00 24.78 ? 71  LEU A C    1 
ATOM   317  O  O    . LEU A 1 44  ? 6.456   -3.797  -8.725  1.00 22.98 ? 71  LEU A O    1 
ATOM   318  C  CB   . LEU A 1 44  ? 7.577   -0.730  -7.879  1.00 21.55 ? 71  LEU A CB   1 
ATOM   319  C  CG   . LEU A 1 44  ? 6.120   -0.239  -8.010  1.00 22.45 ? 71  LEU A CG   1 
ATOM   320  C  CD1  . LEU A 1 44  ? 5.521   -0.533  -9.382  1.00 22.74 ? 71  LEU A CD1  1 
ATOM   321  C  CD2  . LEU A 1 44  ? 5.229   -0.780  -6.901  1.00 22.88 ? 71  LEU A CD2  1 
ATOM   322  N  N    . LYS A 1 45  ? 8.104   -2.901  -9.957  1.00 26.65 ? 72  LYS A N    1 
ATOM   323  C  CA   . LYS A 1 45  ? 7.597   -3.512  -11.168 1.00 29.48 ? 72  LYS A CA   1 
ATOM   324  C  C    . LYS A 1 45  ? 7.616   -5.035  -11.128 1.00 28.90 ? 72  LYS A C    1 
ATOM   325  O  O    . LYS A 1 45  ? 6.754   -5.635  -11.741 1.00 31.00 ? 72  LYS A O    1 
ATOM   326  C  CB   . LYS A 1 45  ? 8.212   -2.902  -12.427 1.00 33.32 ? 72  LYS A CB   1 
ATOM   327  C  CG   . LYS A 1 45  ? 7.343   -1.753  -12.934 1.00 36.37 ? 72  LYS A CG   1 
ATOM   328  C  CD   . LYS A 1 45  ? 8.085   -0.723  -13.754 1.00 39.30 ? 72  LYS A CD   1 
ATOM   329  C  CE   . LYS A 1 45  ? 7.097   0.297   -14.295 1.00 41.84 ? 72  LYS A CE   1 
ATOM   330  N  NZ   . LYS A 1 45  ? 7.767   1.371   -15.072 1.00 44.70 ? 72  LYS A NZ   1 
ATOM   331  N  N    . THR A 1 46  ? 8.489   -5.656  -10.339 1.00 29.17 ? 73  THR A N    1 
ATOM   332  C  CA   . THR A 1 46  ? 8.436   -7.113  -10.171 1.00 30.86 ? 73  THR A CA   1 
ATOM   333  C  C    . THR A 1 46  ? 7.282   -7.546  -9.262  1.00 28.97 ? 73  THR A C    1 
ATOM   334  O  O    . THR A 1 46  ? 6.608   -8.535  -9.566  1.00 28.50 ? 73  THR A O    1 
ATOM   335  C  CB   . THR A 1 46  ? 9.741   -7.731  -9.630  1.00 32.48 ? 73  THR A CB   1 
ATOM   336  O  OG1  . THR A 1 46  ? 10.022  -7.236  -8.317  1.00 36.73 ? 73  THR A OG1  1 
ATOM   337  C  CG2  . THR A 1 46  ? 10.913  -7.463  -10.559 1.00 31.84 ? 73  THR A CG2  1 
ATOM   338  N  N    . LEU A 1 47  ? 7.059   -6.823  -8.162  1.00 24.09 ? 74  LEU A N    1 
ATOM   339  C  CA   . LEU A 1 47  ? 5.957   -7.135  -7.246  1.00 23.72 ? 74  LEU A CA   1 
ATOM   340  C  C    . LEU A 1 47  ? 4.635   -6.890  -7.933  1.00 21.22 ? 74  LEU A C    1 
ATOM   341  O  O    . LEU A 1 47  ? 3.697   -7.653  -7.706  1.00 19.66 ? 74  LEU A O    1 
ATOM   342  C  CB   . LEU A 1 47  ? 5.992   -6.312  -5.952  1.00 25.13 ? 74  LEU A CB   1 
ATOM   343  C  CG   . LEU A 1 47  ? 7.131   -6.467  -4.953  1.00 28.18 ? 74  LEU A CG   1 
ATOM   344  C  CD1  . LEU A 1 47  ? 6.786   -5.734  -3.663  1.00 29.37 ? 74  LEU A CD1  1 
ATOM   345  C  CD2  . LEU A 1 47  ? 7.447   -7.922  -4.676  1.00 30.67 ? 74  LEU A CD2  1 
ATOM   346  N  N    . TRP A 1 48  ? 4.565   -5.851  -8.774  1.00 19.71 ? 75  TRP A N    1 
ATOM   347  C  CA   . TRP A 1 48  ? 3.327   -5.469  -9.465  1.00 18.69 ? 75  TRP A CA   1 
ATOM   348  C  C    . TRP A 1 48  ? 2.777   -6.563  -10.401 1.00 19.81 ? 75  TRP A C    1 
ATOM   349  O  O    . TRP A 1 48  ? 1.556   -6.703  -10.544 1.00 21.53 ? 75  TRP A O    1 
ATOM   350  C  CB   . TRP A 1 48  ? 3.543   -4.172  -10.247 1.00 18.39 ? 75  TRP A CB   1 
ATOM   351  C  CG   . TRP A 1 48  ? 2.327   -3.570  -10.767 1.00 18.36 ? 75  TRP A CG   1 
ATOM   352  C  CD1  . TRP A 1 48  ? 1.781   -3.777  -11.987 1.00 18.02 ? 75  TRP A CD1  1 
ATOM   353  C  CD2  . TRP A 1 48  ? 1.473   -2.636  -10.099 1.00 16.66 ? 75  TRP A CD2  1 
ATOM   354  N  NE1  . TRP A 1 48  ? 0.635   -3.060  -12.129 1.00 19.31 ? 75  TRP A NE1  1 
ATOM   355  C  CE2  . TRP A 1 48  ? 0.416   -2.342  -10.980 1.00 17.67 ? 75  TRP A CE2  1 
ATOM   356  C  CE3  . TRP A 1 48  ? 1.487   -2.040  -8.831  1.00 17.07 ? 75  TRP A CE3  1 
ATOM   357  C  CZ2  . TRP A 1 48  ? -0.597  -1.452  -10.662 1.00 17.14 ? 75  TRP A CZ2  1 
ATOM   358  C  CZ3  . TRP A 1 48  ? 0.455   -1.175  -8.507  1.00 16.69 ? 75  TRP A CZ3  1 
ATOM   359  C  CH2  . TRP A 1 48  ? -0.562  -0.879  -9.412  1.00 17.03 ? 75  TRP A CH2  1 
ATOM   360  N  N    . LYS A 1 49  ? 3.674   -7.294  -11.048 1.00 19.87 ? 76  LYS A N    1 
ATOM   361  C  CA   . LYS A 1 49  ? 3.310   -8.377  -11.971 1.00 22.06 ? 76  LYS A CA   1 
ATOM   362  C  C    . LYS A 1 49  ? 3.032   -9.714  -11.278 1.00 20.49 ? 76  LYS A C    1 
ATOM   363  O  O    . LYS A 1 49  ? 2.642   -10.676 -11.950 1.00 21.34 ? 76  LYS A O    1 
ATOM   364  C  CB   . LYS A 1 49  ? 4.421   -8.571  -13.003 1.00 26.07 ? 76  LYS A CB   1 
ATOM   365  C  CG   . LYS A 1 49  ? 4.477   -7.455  -14.031 1.00 30.54 ? 76  LYS A CG   1 
ATOM   366  C  CD   . LYS A 1 49  ? 5.878   -6.930  -14.249 1.00 35.87 ? 76  LYS A CD   1 
ATOM   367  C  CE   . LYS A 1 49  ? 6.816   -7.951  -14.825 1.00 38.76 ? 76  LYS A CE   1 
ATOM   368  N  NZ   . LYS A 1 49  ? 8.178   -7.907  -14.236 1.00 41.46 ? 76  LYS A NZ   1 
ATOM   369  N  N    . HIS A 1 50  ? 3.264   -9.805  -9.973  1.00 17.13 ? 77  HIS A N    1 
ATOM   370  C  CA   . HIS A 1 50  ? 3.089   -11.059 -9.242  1.00 15.77 ? 77  HIS A CA   1 
ATOM   371  C  C    . HIS A 1 50  ? 1.601   -11.382 -9.136  1.00 15.25 ? 77  HIS A C    1 
ATOM   372  O  O    . HIS A 1 50  ? 0.791   -10.476 -9.018  1.00 14.71 ? 77  HIS A O    1 
ATOM   373  C  CB   . HIS A 1 50  ? 3.695   -10.939 -7.851  1.00 16.34 ? 77  HIS A CB   1 
ATOM   374  C  CG   . HIS A 1 50  ? 3.897   -12.243 -7.168  1.00 16.12 ? 77  HIS A CG   1 
ATOM   375  N  ND1  . HIS A 1 50  ? 2.880   -12.948 -6.566  1.00 16.20 ? 77  HIS A ND1  1 
ATOM   376  C  CD2  . HIS A 1 50  ? 5.013   -12.983 -6.991  1.00 16.26 ? 77  HIS A CD2  1 
ATOM   377  C  CE1  . HIS A 1 50  ? 3.353   -14.070 -6.062  1.00 17.05 ? 77  HIS A CE1  1 
ATOM   378  N  NE2  . HIS A 1 50  ? 4.653   -14.103 -6.291  1.00 16.93 ? 77  HIS A NE2  1 
ATOM   379  N  N    . GLN A 1 51  ? 1.246   -12.670 -9.170  1.00 14.90 ? 78  GLN A N    1 
ATOM   380  C  CA   . GLN A 1 51  ? -0.153  -13.083 -9.044  1.00 15.75 ? 78  GLN A CA   1 
ATOM   381  C  C    . GLN A 1 51  ? -0.825  -12.774 -7.703  1.00 14.32 ? 78  GLN A C    1 
ATOM   382  O  O    . GLN A 1 51  ? -2.028  -12.879 -7.587  1.00 13.95 ? 78  GLN A O    1 
ATOM   383  C  CB   . GLN A 1 51  ? -0.272  -14.586 -9.314  1.00 16.91 ? 78  GLN A CB   1 
ATOM   384  C  CG   . GLN A 1 51  ? 0.424   -15.485 -8.296  1.00 17.85 ? 78  GLN A CG   1 
ATOM   385  C  CD   . GLN A 1 51  ? -0.085  -16.911 -8.311  1.00 20.43 ? 78  GLN A CD   1 
ATOM   386  O  OE1  . GLN A 1 51  ? -1.187  -17.190 -8.798  1.00 21.77 ? 78  GLN A OE1  1 
ATOM   387  N  NE2  . GLN A 1 51  ? 0.711   -17.824 -7.773  1.00 19.05 ? 78  GLN A NE2  1 
ATOM   388  N  N    . PHE A 1 52  ? -0.039  -12.338 -6.716  1.00 13.34 ? 79  PHE A N    1 
ATOM   389  C  CA   . PHE A 1 52  ? -0.534  -11.960 -5.397  1.00 13.31 ? 79  PHE A CA   1 
ATOM   390  C  C    . PHE A 1 52  ? -0.585  -10.446 -5.261  1.00 13.58 ? 79  PHE A C    1 
ATOM   391  O  O    . PHE A 1 52  ? -0.929  -9.938  -4.179  1.00 13.71 ? 79  PHE A O    1 
ATOM   392  C  CB   . PHE A 1 52  ? 0.341   -12.522 -4.291  1.00 13.55 ? 79  PHE A CB   1 
ATOM   393  C  CG   . PHE A 1 52  ? 0.286   -14.022 -4.107  1.00 14.11 ? 79  PHE A CG   1 
ATOM   394  C  CD1  . PHE A 1 52  ? -0.669  -14.846 -4.719  1.00 13.95 ? 79  PHE A CD1  1 
ATOM   395  C  CD2  . PHE A 1 52  ? 1.217   -14.612 -3.266  1.00 14.32 ? 79  PHE A CD2  1 
ATOM   396  C  CE1  . PHE A 1 52  ? -0.656  -16.218 -4.480  1.00 15.18 ? 79  PHE A CE1  1 
ATOM   397  C  CE2  . PHE A 1 52  ? 1.229   -15.968 -3.026  1.00 14.77 ? 79  PHE A CE2  1 
ATOM   398  C  CZ   . PHE A 1 52  ? 0.299   -16.779 -3.647  1.00 14.93 ? 79  PHE A CZ   1 
ATOM   399  N  N    . ALA A 1 53  ? -0.276  -9.703  -6.325  1.00 13.31 ? 80  ALA A N    1 
ATOM   400  C  CA   . ALA A 1 53  ? -0.250  -8.230  -6.226  1.00 12.93 ? 80  ALA A CA   1 
ATOM   401  C  C    . ALA A 1 53  ? -1.614  -7.607  -6.128  1.00 12.49 ? 80  ALA A C    1 
ATOM   402  O  O    . ALA A 1 53  ? -1.754  -6.538  -5.538  1.00 11.72 ? 80  ALA A O    1 
ATOM   403  C  CB   . ALA A 1 53  ? 0.463   -7.618  -7.409  1.00 13.19 ? 80  ALA A CB   1 
ATOM   404  N  N    . TRP A 1 54  ? -2.608  -8.201  -6.790  1.00 11.68 ? 81  TRP A N    1 
ATOM   405  C  CA   . TRP A 1 54  ? -3.905  -7.527  -7.013  1.00 11.41 ? 81  TRP A CA   1 
ATOM   406  C  C    . TRP A 1 54  ? -4.606  -6.907  -5.802  1.00 11.08 ? 81  TRP A C    1 
ATOM   407  O  O    . TRP A 1 54  ? -5.167  -5.839  -5.954  1.00 11.85 ? 81  TRP A O    1 
ATOM   408  C  CB   . TRP A 1 54  ? -4.898  -8.403  -7.830  1.00 11.77 ? 81  TRP A CB   1 
ATOM   409  C  CG   . TRP A 1 54  ? -5.252  -9.709  -7.169  1.00 11.74 ? 81  TRP A CG   1 
ATOM   410  C  CD1  . TRP A 1 54  ? -4.615  -10.890 -7.317  1.00 11.97 ? 81  TRP A CD1  1 
ATOM   411  C  CD2  . TRP A 1 54  ? -6.308  -9.941  -6.228  1.00 11.83 ? 81  TRP A CD2  1 
ATOM   412  N  NE1  . TRP A 1 54  ? -5.200  -11.860 -6.549  1.00 11.63 ? 81  TRP A NE1  1 
ATOM   413  C  CE2  . TRP A 1 54  ? -6.239  -11.305 -5.859  1.00 11.66 ? 81  TRP A CE2  1 
ATOM   414  C  CE3  . TRP A 1 54  ? -7.301  -9.139  -5.659  1.00 11.97 ? 81  TRP A CE3  1 
ATOM   415  C  CZ2  . TRP A 1 54  ? -7.136  -11.886 -4.955  1.00 11.77 ? 81  TRP A CZ2  1 
ATOM   416  C  CZ3  . TRP A 1 54  ? -8.177  -9.713  -4.754  1.00 12.11 ? 81  TRP A CZ3  1 
ATOM   417  C  CH2  . TRP A 1 54  ? -8.106  -11.070 -4.430  1.00 11.51 ? 81  TRP A CH2  1 
ATOM   418  N  N    . PRO A 1 55  ? -4.558  -7.538  -4.606  1.00 10.99 ? 82  PRO A N    1 
ATOM   419  C  CA   . PRO A 1 55  ? -5.261  -6.826  -3.521  1.00 10.55 ? 82  PRO A CA   1 
ATOM   420  C  C    . PRO A 1 55  ? -4.563  -5.554  -3.066  1.00 10.88 ? 82  PRO A C    1 
ATOM   421  O  O    . PRO A 1 55  ? -5.168  -4.750  -2.324  1.00 10.80 ? 82  PRO A O    1 
ATOM   422  C  CB   . PRO A 1 55  ? -5.272  -7.836  -2.362  1.00 10.41 ? 82  PRO A CB   1 
ATOM   423  C  CG   . PRO A 1 55  ? -4.951  -9.145  -2.996  1.00 10.49 ? 82  PRO A CG   1 
ATOM   424  C  CD   . PRO A 1 55  ? -4.002  -8.810  -4.116  1.00 10.69 ? 82  PRO A CD   1 
ATOM   425  N  N    . PHE A 1 56  ? -3.298  -5.421  -3.465  1.00 10.85 ? 83  PHE A N    1 
ATOM   426  C  CA   . PHE A 1 56  ? -2.432  -4.326  -3.055  1.00 11.31 ? 83  PHE A CA   1 
ATOM   427  C  C    . PHE A 1 56  ? -2.176  -3.303  -4.149  1.00 11.38 ? 83  PHE A C    1 
ATOM   428  O  O    . PHE A 1 56  ? -1.400  -2.372  -3.930  1.00 11.63 ? 83  PHE A O    1 
ATOM   429  C  CB   . PHE A 1 56  ? -1.118  -4.920  -2.531  1.00 11.64 ? 83  PHE A CB   1 
ATOM   430  C  CG   . PHE A 1 56  ? -1.330  -5.995  -1.499  1.00 11.96 ? 83  PHE A CG   1 
ATOM   431  C  CD1  . PHE A 1 56  ? -1.667  -5.671  -0.192  1.00 12.73 ? 83  PHE A CD1  1 
ATOM   432  C  CD2  . PHE A 1 56  ? -1.251  -7.338  -1.848  1.00 12.36 ? 83  PHE A CD2  1 
ATOM   433  C  CE1  . PHE A 1 56  ? -1.879  -6.645  0.766   1.00 12.16 ? 83  PHE A CE1  1 
ATOM   434  C  CE2  . PHE A 1 56  ? -1.462  -8.321  -0.887  1.00 12.72 ? 83  PHE A CE2  1 
ATOM   435  C  CZ   . PHE A 1 56  ? -1.798  -7.980  0.419   1.00 12.44 ? 83  PHE A CZ   1 
ATOM   436  N  N    . GLN A 1 57  ? -2.862  -3.400  -5.287  1.00 11.82 ? 84  GLN A N    1 
ATOM   437  C  CA   . GLN A 1 57  ? -2.634  -2.490  -6.420  1.00 12.69 ? 84  GLN A CA   1 
ATOM   438  C  C    . GLN A 1 57  ? -3.406  -1.160  -6.365  1.00 12.72 ? 84  GLN A C    1 
ATOM   439  O  O    . GLN A 1 57  ? -3.232  -0.314  -7.251  1.00 13.64 ? 84  GLN A O    1 
ATOM   440  C  CB   . GLN A 1 57  ? -2.900  -3.204  -7.763  1.00 13.26 ? 84  GLN A CB   1 
ATOM   441  C  CG   . GLN A 1 57  ? -1.783  -4.154  -8.136  1.00 13.91 ? 84  GLN A CG   1 
ATOM   442  C  CD   . GLN A 1 57  ? -2.125  -5.006  -9.346  1.00 15.02 ? 84  GLN A CD   1 
ATOM   443  O  OE1  . GLN A 1 57  ? -3.292  -5.253  -9.648  1.00 15.96 ? 84  GLN A OE1  1 
ATOM   444  N  NE2  . GLN A 1 57  ? -1.096  -5.459  -10.041 1.00 16.03 ? 84  GLN A NE2  1 
ATOM   445  N  N    . GLN A 1 58  ? -4.226  -0.983  -5.335  1.00 12.16 ? 85  GLN A N    1 
ATOM   446  C  CA   . GLN A 1 58  ? -5.010  0.219   -5.139  1.00 12.36 ? 85  GLN A CA   1 
ATOM   447  C  C    . GLN A 1 58  ? -5.343  0.320   -3.667  1.00 12.31 ? 85  GLN A C    1 
ATOM   448  O  O    . GLN A 1 58  ? -5.260  -0.660  -2.944  1.00 11.76 ? 85  GLN A O    1 
ATOM   449  C  CB   . GLN A 1 58  ? -6.303  0.149   -5.965  1.00 12.86 ? 85  GLN A CB   1 
ATOM   450  C  CG   . GLN A 1 58  ? -7.242  -1.037  -5.665  1.00 12.87 ? 85  GLN A CG   1 
ATOM   451  C  CD   . GLN A 1 58  ? -6.694  -2.365  -6.176  1.00 14.22 ? 85  GLN A CD   1 
ATOM   452  O  OE1  . GLN A 1 58  ? -6.281  -2.457  -7.327  1.00 15.47 ? 85  GLN A OE1  1 
ATOM   453  N  NE2  . GLN A 1 58  ? -6.641  -3.381  -5.303  1.00 15.12 ? 85  GLN A NE2  1 
ATOM   454  N  N    . PRO A 1 59  ? -5.748  1.507   -3.219  1.00 12.65 ? 86  PRO A N    1 
ATOM   455  C  CA   . PRO A 1 59  ? -6.243  1.630   -1.864  1.00 12.61 ? 86  PRO A CA   1 
ATOM   456  C  C    . PRO A 1 59  ? -7.359  0.657   -1.528  1.00 12.76 ? 86  PRO A C    1 
ATOM   457  O  O    . PRO A 1 59  ? -8.202  0.352   -2.385  1.00 13.73 ? 86  PRO A O    1 
ATOM   458  C  CB   . PRO A 1 59  ? -6.755  3.055   -1.806  1.00 12.77 ? 86  PRO A CB   1 
ATOM   459  C  CG   . PRO A 1 59  ? -5.994  3.781   -2.858  1.00 12.89 ? 86  PRO A CG   1 
ATOM   460  C  CD   . PRO A 1 59  ? -5.664  2.791   -3.919  1.00 12.74 ? 86  PRO A CD   1 
ATOM   461  N  N    . VAL A 1 60  ? -7.405  0.196   -0.288  1.00 12.76 ? 87  VAL A N    1 
ATOM   462  C  CA   . VAL A 1 60  ? -8.474  -0.698  0.140   1.00 12.92 ? 87  VAL A CA   1 
ATOM   463  C  C    . VAL A 1 60  ? -9.828  0.013   -0.066  1.00 13.10 ? 87  VAL A C    1 
ATOM   464  O  O    . VAL A 1 60  ? -10.042 1.108   0.452   1.00 12.05 ? 87  VAL A O    1 
ATOM   465  C  CB   . VAL A 1 60  ? -8.294  -1.164  1.589   1.00 13.28 ? 87  VAL A CB   1 
ATOM   466  C  CG1  . VAL A 1 60  ? -9.522  -1.904  2.101   1.00 13.30 ? 87  VAL A CG1  1 
ATOM   467  C  CG2  . VAL A 1 60  ? -7.055  -2.048  1.701   1.00 13.18 ? 87  VAL A CG2  1 
ATOM   468  N  N    . ASP A 1 61  ? -10.680 -0.590  -0.891  1.00 14.21 ? 88  ASP A N    1 
ATOM   469  C  CA   . ASP A 1 61  ? -12.021 -0.102  -1.122  1.00 14.95 ? 88  ASP A CA   1 
ATOM   470  C  C    . ASP A 1 61  ? -12.915 -0.836  -0.147  1.00 15.51 ? 88  ASP A C    1 
ATOM   471  O  O    . ASP A 1 61  ? -13.384 -1.958  -0.397  1.00 15.14 ? 88  ASP A O    1 
ATOM   472  C  CB   . ASP A 1 61  ? -12.407 -0.327  -2.572  1.00 15.96 ? 88  ASP A CB   1 
ATOM   473  C  CG   . ASP A 1 61  ? -13.760 0.294   -2.923  1.00 16.95 ? 88  ASP A CG   1 
ATOM   474  O  OD1  . ASP A 1 61  ? -14.595 0.520   -2.009  1.00 16.24 ? 88  ASP A OD1  1 
ATOM   475  O  OD2  . ASP A 1 61  ? -13.965 0.544   -4.124  1.00 20.51 ? 88  ASP A OD2  1 
ATOM   476  N  N    . ALA A 1 62  ? -13.102 -0.212  1.015   1.00 15.66 ? 89  ALA A N    1 
ATOM   477  C  CA   . ALA A 1 62  ? -13.863 -0.808  2.106   1.00 15.22 ? 89  ALA A CA   1 
ATOM   478  C  C    . ALA A 1 62  ? -15.345 -1.015  1.757   1.00 15.05 ? 89  ALA A C    1 
ATOM   479  O  O    . ALA A 1 62  ? -15.986 -1.890  2.346   1.00 15.56 ? 89  ALA A O    1 
ATOM   480  C  CB   . ALA A 1 62  ? -13.724 0.025   3.379   1.00 15.32 ? 89  ALA A CB   1 
ATOM   481  N  N    . VAL A 1 63  ? -15.865 -0.208  0.832   1.00 15.66 ? 90  VAL A N    1 
ATOM   482  C  CA   . VAL A 1 63  ? -17.252 -0.313  0.372   1.00 16.49 ? 90  VAL A CA   1 
ATOM   483  C  C    . VAL A 1 63  ? -17.397 -1.531  -0.546  1.00 16.66 ? 90  VAL A C    1 
ATOM   484  O  O    . VAL A 1 63  ? -18.179 -2.425  -0.261  1.00 17.71 ? 90  VAL A O    1 
ATOM   485  C  CB   . VAL A 1 63  ? -17.721 0.969   -0.343  1.00 17.27 ? 90  VAL A CB   1 
ATOM   486  C  CG1  . VAL A 1 63  ? -19.145 0.810   -0.858  1.00 17.72 ? 90  VAL A CG1  1 
ATOM   487  C  CG2  . VAL A 1 63  ? -17.646 2.179   0.592   1.00 17.07 ? 90  VAL A CG2  1 
ATOM   488  N  N    . LYS A 1 64  ? -16.630 -1.564  -1.624  1.00 16.48 ? 91  LYS A N    1 
ATOM   489  C  CA   . LYS A 1 64  ? -16.638 -2.706  -2.563  1.00 17.62 ? 91  LYS A CA   1 
ATOM   490  C  C    . LYS A 1 64  ? -16.326 -4.016  -1.894  1.00 17.74 ? 91  LYS A C    1 
ATOM   491  O  O    . LYS A 1 64  ? -16.960 -5.045  -2.179  1.00 18.86 ? 91  LYS A O    1 
ATOM   492  C  CB   . LYS A 1 64  ? -15.652 -2.480  -3.716  1.00 18.61 ? 91  LYS A CB   1 
ATOM   493  C  CG   . LYS A 1 64  ? -15.643 -3.637  -4.715  1.00 19.27 ? 91  LYS A CG   1 
ATOM   494  C  CD   . LYS A 1 64  ? -14.675 -3.410  -5.840  1.00 20.81 ? 91  LYS A CD   1 
ATOM   495  C  CE   . LYS A 1 64  ? -14.571 -4.709  -6.615  1.00 20.70 ? 91  LYS A CE   1 
ATOM   496  N  NZ   . LYS A 1 64  ? -13.627 -4.566  -7.733  1.00 21.36 ? 91  LYS A NZ   1 
ATOM   497  N  N    . LEU A 1 65  ? -15.330 -4.038  -1.005  1.00 15.78 ? 92  LEU A N    1 
ATOM   498  C  CA   . LEU A 1 65  ? -14.908 -5.300  -0.420  1.00 15.66 ? 92  LEU A CA   1 
ATOM   499  C  C    . LEU A 1 65  ? -15.665 -5.686  0.858   1.00 15.54 ? 92  LEU A C    1 
ATOM   500  O  O    . LEU A 1 65  ? -15.352 -6.686  1.489   1.00 15.87 ? 92  LEU A O    1 
ATOM   501  C  CB   . LEU A 1 65  ? -13.402 -5.264  -0.167  1.00 15.00 ? 92  LEU A CB   1 
ATOM   502  C  CG   . LEU A 1 65  ? -12.536 -4.897  -1.363  1.00 15.08 ? 92  LEU A CG   1 
ATOM   503  C  CD1  . LEU A 1 65  ? -11.098 -4.685  -0.921  1.00 15.11 ? 92  LEU A CD1  1 
ATOM   504  C  CD2  . LEU A 1 65  ? -12.631 -5.966  -2.449  1.00 15.16 ? 92  LEU A CD2  1 
ATOM   505  N  N    A ASN A 1 66  ? -16.634 -4.864  1.266   0.50 16.26 ? 93  ASN A N    1 
ATOM   506  N  N    B ASN A 1 66  ? -16.629 -4.856  1.260   0.50 16.39 ? 93  ASN A N    1 
ATOM   507  C  CA   A ASN A 1 66  ? -17.451 -5.150  2.435   0.50 16.22 ? 93  ASN A CA   1 
ATOM   508  C  CA   B ASN A 1 66  ? -17.456 -5.125  2.425   0.50 16.38 ? 93  ASN A CA   1 
ATOM   509  C  C    A ASN A 1 66  ? -16.605 -5.303  3.697   0.50 15.60 ? 93  ASN A C    1 
ATOM   510  C  C    B ASN A 1 66  ? -16.611 -5.302  3.690   0.50 15.68 ? 93  ASN A C    1 
ATOM   511  O  O    A ASN A 1 66  ? -16.737 -6.275  4.439   0.50 15.19 ? 93  ASN A O    1 
ATOM   512  O  O    B ASN A 1 66  ? -16.750 -6.278  4.426   0.50 15.28 ? 93  ASN A O    1 
ATOM   513  C  CB   A ASN A 1 66  ? -18.306 -6.392  2.187   0.50 17.55 ? 93  ASN A CB   1 
ATOM   514  C  CB   B ASN A 1 66  ? -18.393 -6.308  2.135   0.50 17.80 ? 93  ASN A CB   1 
ATOM   515  C  CG   A ASN A 1 66  ? -19.631 -6.342  2.913   0.50 17.74 ? 93  ASN A CG   1 
ATOM   516  C  CG   B ASN A 1 66  ? -19.254 -6.064  0.911   0.50 18.24 ? 93  ASN A CG   1 
ATOM   517  O  OD1  A ASN A 1 66  ? -19.917 -5.401  3.656   0.50 18.48 ? 93  ASN A OD1  1 
ATOM   518  O  OD1  B ASN A 1 66  ? -19.836 -5.000  0.773   0.50 18.94 ? 93  ASN A OD1  1 
ATOM   519  N  ND2  A ASN A 1 66  ? -20.460 -7.345  2.682   0.50 18.77 ? 93  ASN A ND2  1 
ATOM   520  N  ND2  B ASN A 1 66  ? -19.330 -7.043  0.005   0.50 19.72 ? 93  ASN A ND2  1 
ATOM   521  N  N    . LEU A 1 67  ? -15.742 -4.309  3.920   1.00 14.75 ? 94  LEU A N    1 
ATOM   522  C  CA   . LEU A 1 67  ? -14.843 -4.248  5.061   1.00 14.43 ? 94  LEU A CA   1 
ATOM   523  C  C    . LEU A 1 67  ? -15.154 -2.959  5.828   1.00 13.85 ? 94  LEU A C    1 
ATOM   524  O  O    . LEU A 1 67  ? -14.292 -2.053  5.922   1.00 12.93 ? 94  LEU A O    1 
ATOM   525  C  CB   . LEU A 1 67  ? -13.367 -4.215  4.599   1.00 14.35 ? 94  LEU A CB   1 
ATOM   526  C  CG   . LEU A 1 67  ? -12.952 -5.321  3.641   1.00 15.29 ? 94  LEU A CG   1 
ATOM   527  C  CD1  . LEU A 1 67  ? -11.474 -5.196  3.312   1.00 15.15 ? 94  LEU A CD1  1 
ATOM   528  C  CD2  . LEU A 1 67  ? -13.189 -6.724  4.237   1.00 14.69 ? 94  LEU A CD2  1 
ATOM   529  N  N    . PRO A 1 68  ? -16.381 -2.844  6.377   1.00 13.93 ? 95  PRO A N    1 
ATOM   530  C  CA   . PRO A 1 68  ? -16.790 -1.594  7.008   1.00 13.80 ? 95  PRO A CA   1 
ATOM   531  C  C    . PRO A 1 68  ? -15.943 -1.197  8.230   1.00 13.18 ? 95  PRO A C    1 
ATOM   532  O  O    . PRO A 1 68  ? -15.907 0.013   8.599   1.00 13.29 ? 95  PRO A O    1 
ATOM   533  C  CB   . PRO A 1 68  ? -18.263 -1.864  7.393   1.00 14.13 ? 95  PRO A CB   1 
ATOM   534  C  CG   . PRO A 1 68  ? -18.376 -3.347  7.456   1.00 15.13 ? 95  PRO A CG   1 
ATOM   535  C  CD   . PRO A 1 68  ? -17.492 -3.827  6.358   1.00 15.08 ? 95  PRO A CD   1 
ATOM   536  N  N    . ASP A 1 69  ? -15.263 -2.174  8.839   1.00 13.06 ? 96  ASP A N    1 
ATOM   537  C  CA   . ASP A 1 69  ? -14.352 -1.918  9.956   1.00 12.70 ? 96  ASP A CA   1 
ATOM   538  C  C    . ASP A 1 69  ? -12.936 -1.496  9.546   1.00 11.99 ? 96  ASP A C    1 
ATOM   539  O  O    . ASP A 1 69  ? -12.135 -1.164  10.424  1.00 11.22 ? 96  ASP A O    1 
ATOM   540  C  CB   . ASP A 1 69  ? -14.258 -3.143  10.877  1.00 13.33 ? 96  ASP A CB   1 
ATOM   541  C  CG   . ASP A 1 69  ? -13.797 -4.402  10.159  1.00 13.43 ? 96  ASP A CG   1 
ATOM   542  O  OD1  . ASP A 1 69  ? -13.693 -4.380  8.912   1.00 14.57 ? 96  ASP A OD1  1 
ATOM   543  O  OD2  . ASP A 1 69  ? -13.568 -5.417  10.831  1.00 15.27 ? 96  ASP A OD2  1 
ATOM   544  N  N    . TYR A 1 70  ? -12.617 -1.543  8.243   1.00 11.39 ? 97  TYR A N    1 
ATOM   545  C  CA   . TYR A 1 70  ? -11.197 -1.436  7.840   1.00 11.34 ? 97  TYR A CA   1 
ATOM   546  C  C    . TYR A 1 70  ? -10.571 -0.134  8.319   1.00 11.08 ? 97  TYR A C    1 
ATOM   547  O  O    . TYR A 1 70  ? -9.509  -0.136  8.926   1.00 10.83 ? 97  TYR A O    1 
ATOM   548  C  CB   . TYR A 1 70  ? -11.007 -1.608  6.320   1.00 11.13 ? 97  TYR A CB   1 
ATOM   549  C  CG   . TYR A 1 70  ? -9.541  -1.678  5.938   1.00 11.03 ? 97  TYR A CG   1 
ATOM   550  C  CD1  . TYR A 1 70  ? -8.833  -2.874  6.048   1.00 11.41 ? 97  TYR A CD1  1 
ATOM   551  C  CD2  . TYR A 1 70  ? -8.832  -0.522  5.575   1.00 11.17 ? 97  TYR A CD2  1 
ATOM   552  C  CE1  . TYR A 1 70  ? -7.477  -2.948  5.726   1.00 11.23 ? 97  TYR A CE1  1 
ATOM   553  C  CE2  . TYR A 1 70  ? -7.481  -0.572  5.254   1.00 11.19 ? 97  TYR A CE2  1 
ATOM   554  C  CZ   . TYR A 1 70  ? -6.800  -1.783  5.343   1.00 11.54 ? 97  TYR A CZ   1 
ATOM   555  O  OH   . TYR A 1 70  ? -5.463  -1.855  5.048   1.00 11.90 ? 97  TYR A OH   1 
ATOM   556  N  N    . TYR A 1 71  ? -11.224 0.978   8.016   1.00 11.50 ? 98  TYR A N    1 
ATOM   557  C  CA   . TYR A 1 71  ? -10.663 2.284   8.363   1.00 11.83 ? 98  TYR A CA   1 
ATOM   558  C  C    . TYR A 1 71  ? -10.985 2.717   9.787   1.00 12.52 ? 98  TYR A C    1 
ATOM   559  O  O    . TYR A 1 71  ? -10.547 3.772   10.225  1.00 13.41 ? 98  TYR A O    1 
ATOM   560  C  CB   . TYR A 1 71  ? -11.067 3.321   7.330   1.00 11.62 ? 98  TYR A CB   1 
ATOM   561  C  CG   . TYR A 1 71  ? -10.426 3.052   5.963   1.00 11.12 ? 98  TYR A CG   1 
ATOM   562  C  CD1  . TYR A 1 71  ? -9.078  3.221   5.788   1.00 10.98 ? 98  TYR A CD1  1 
ATOM   563  C  CD2  . TYR A 1 71  ? -11.177 2.612   4.886   1.00 11.07 ? 98  TYR A CD2  1 
ATOM   564  C  CE1  . TYR A 1 71  ? -8.476  2.990   4.564   1.00 10.99 ? 98  TYR A CE1  1 
ATOM   565  C  CE2  . TYR A 1 71  ? -10.599 2.377   3.643   1.00 11.65 ? 98  TYR A CE2  1 
ATOM   566  C  CZ   . TYR A 1 71  ? -9.226  2.564   3.490   1.00 11.19 ? 98  TYR A CZ   1 
ATOM   567  O  OH   . TYR A 1 71  ? -8.566  2.379   2.285   1.00 10.82 ? 98  TYR A OH   1 
ATOM   568  N  N    . LYS A 1 72  ? -11.722 1.895   10.527  1.00 12.17 ? 99  LYS A N    1 
ATOM   569  C  CA   . LYS A 1 72  ? -11.761 2.015   11.992  1.00 13.30 ? 99  LYS A CA   1 
ATOM   570  C  C    . LYS A 1 72  ? -10.469 1.540   12.637  1.00 13.32 ? 99  LYS A C    1 
ATOM   571  O  O    . LYS A 1 72  ? -10.059 2.038   13.691  1.00 15.09 ? 99  LYS A O    1 
ATOM   572  C  CB   . LYS A 1 72  ? -12.915 1.204   12.594  1.00 14.17 ? 99  LYS A CB   1 
ATOM   573  C  CG   . LYS A 1 72  ? -14.292 1.466   12.031  1.00 15.33 ? 99  LYS A CG   1 
ATOM   574  C  CD   . LYS A 1 72  ? -14.705 2.902   12.071  1.00 16.02 ? 99  LYS A CD   1 
ATOM   575  C  CE   . LYS A 1 72  ? -16.136 3.106   11.565  1.00 16.80 ? 99  LYS A CE   1 
ATOM   576  N  NZ   . LYS A 1 72  ? -16.289 4.543   11.189  1.00 18.00 ? 99  LYS A NZ   1 
ATOM   577  N  N    . ILE A 1 73  ? -9.820  0.571   11.987  1.00 12.91 ? 100 ILE A N    1 
ATOM   578  C  CA   . ILE A 1 73  ? -8.654  -0.145  12.526  1.00 13.47 ? 100 ILE A CA   1 
ATOM   579  C  C    . ILE A 1 73  ? -7.351  0.405   11.915  1.00 13.29 ? 100 ILE A C    1 
ATOM   580  O  O    . ILE A 1 73  ? -6.350  0.598   12.614  1.00 14.01 ? 100 ILE A O    1 
ATOM   581  C  CB   . ILE A 1 73  ? -8.790  -1.663  12.209  1.00 13.81 ? 100 ILE A CB   1 
ATOM   582  C  CG1  . ILE A 1 73  ? -10.017 -2.254  12.912  1.00 14.88 ? 100 ILE A CG1  1 
ATOM   583  C  CG2  . ILE A 1 73  ? -7.528  -2.441  12.569  1.00 13.65 ? 100 ILE A CG2  1 
ATOM   584  C  CD1  . ILE A 1 73  ? -10.497 -3.577  12.364  1.00 16.51 ? 100 ILE A CD1  1 
ATOM   585  N  N    . ILE A 1 74  ? -7.366  0.635   10.609  1.00 12.42 ? 101 ILE A N    1 
ATOM   586  C  CA   . ILE A 1 74  ? -6.204  1.101   9.854   1.00 12.35 ? 101 ILE A CA   1 
ATOM   587  C  C    . ILE A 1 74  ? -6.270  2.602   9.617   1.00 12.21 ? 101 ILE A C    1 
ATOM   588  O  O    . ILE A 1 74  ? -7.099  3.082   8.839   1.00 11.80 ? 101 ILE A O    1 
ATOM   589  C  CB   . ILE A 1 74  ? -6.073  0.329   8.511   1.00 12.52 ? 101 ILE A CB   1 
ATOM   590  C  CG1  . ILE A 1 74  ? -5.930  -1.176  8.782   1.00 12.55 ? 101 ILE A CG1  1 
ATOM   591  C  CG2  . ILE A 1 74  ? -4.914  0.833   7.666   1.00 12.61 ? 101 ILE A CG2  1 
ATOM   592  C  CD1  . ILE A 1 74  ? -4.761  -1.572  9.668   1.00 12.51 ? 101 ILE A CD1  1 
ATOM   593  N  N    . LYS A 1 75  ? -5.386  3.333   10.296  1.00 12.87 ? 102 LYS A N    1 
ATOM   594  C  CA   . LYS A 1 75  ? -5.371  4.797   10.239  1.00 13.69 ? 102 LYS A CA   1 
ATOM   595  C  C    . LYS A 1 75  ? -4.271  5.386   9.356   1.00 14.48 ? 102 LYS A C    1 
ATOM   596  O  O    . LYS A 1 75  ? -4.305  6.580   9.089   1.00 14.66 ? 102 LYS A O    1 
ATOM   597  C  CB   . LYS A 1 75  ? -5.260  5.409   11.642  1.00 14.39 ? 102 LYS A CB   1 
ATOM   598  C  CG   . LYS A 1 75  ? -6.355  5.021   12.608  1.00 15.26 ? 102 LYS A CG   1 
ATOM   599  C  CD   . LYS A 1 75  ? -7.736  5.191   12.006  1.00 15.59 ? 102 LYS A CD   1 
ATOM   600  C  CE   . LYS A 1 75  ? -8.824  5.063   13.052  1.00 16.66 ? 102 LYS A CE   1 
ATOM   601  N  NZ   . LYS A 1 75  ? -10.141 5.333   12.473  1.00 16.53 ? 102 LYS A NZ   1 
ATOM   602  N  N    . THR A 1 76  ? -3.327  4.564   8.889   1.00 14.20 ? 103 THR A N    1 
ATOM   603  C  CA   . THR A 1 76  ? -2.275  5.003   7.963   1.00 15.03 ? 103 THR A CA   1 
ATOM   604  C  C    . THR A 1 76  ? -2.267  4.043   6.768   1.00 14.43 ? 103 THR A C    1 
ATOM   605  O  O    . THR A 1 76  ? -1.393  3.179   6.646   1.00 13.26 ? 103 THR A O    1 
ATOM   606  C  CB   . THR A 1 76  ? -0.897  5.059   8.646   1.00 17.79 ? 103 THR A CB   1 
ATOM   607  O  OG1  . THR A 1 76  ? -0.498  3.754   9.051   1.00 24.83 ? 103 THR A OG1  1 
ATOM   608  C  CG2  . THR A 1 76  ? -0.940  5.962   9.845   1.00 17.71 ? 103 THR A CG2  1 
ATOM   609  N  N    . PRO A 1 77  ? -3.301  4.134   5.913   1.00 13.44 ? 104 PRO A N    1 
ATOM   610  C  CA   . PRO A 1 77  ? -3.398  3.203   4.795   1.00 12.43 ? 104 PRO A CA   1 
ATOM   611  C  C    . PRO A 1 77  ? -2.270  3.435   3.770   1.00 12.01 ? 104 PRO A C    1 
ATOM   612  O  O    . PRO A 1 77  ? -1.763  4.554   3.606   1.00 11.05 ? 104 PRO A O    1 
ATOM   613  C  CB   . PRO A 1 77  ? -4.744  3.535   4.151   1.00 13.75 ? 104 PRO A CB   1 
ATOM   614  C  CG   . PRO A 1 77  ? -5.164  4.823   4.719   1.00 13.96 ? 104 PRO A CG   1 
ATOM   615  C  CD   . PRO A 1 77  ? -4.454  5.038   5.994   1.00 13.63 ? 104 PRO A CD   1 
ATOM   616  N  N    . MET A 1 78  ? -1.872  2.355   3.120   1.00 10.72 ? 105 MET A N    1 
ATOM   617  C  CA   . MET A 1 78  ? -0.926  2.446   2.025   1.00 11.02 ? 105 MET A CA   1 
ATOM   618  C  C    . MET A 1 78  ? -1.079  1.238   1.128   1.00 12.00 ? 105 MET A C    1 
ATOM   619  O  O    . MET A 1 78  ? -1.471  0.159   1.575   1.00 13.17 ? 105 MET A O    1 
ATOM   620  C  CB   . MET A 1 78  ? 0.498   2.503   2.561   1.00 11.04 ? 105 MET A CB   1 
ATOM   621  C  CG   . MET A 1 78  ? 1.587   2.779   1.556   1.00 11.11 ? 105 MET A CG   1 
ATOM   622  S  SD   . MET A 1 78  ? 1.307   4.191   0.496   1.00 11.60 ? 105 MET A SD   1 
ATOM   623  C  CE   . MET A 1 78  ? 1.070   5.538   1.666   1.00 11.50 ? 105 MET A CE   1 
ATOM   624  N  N    . ASP A 1 79  ? -0.743  1.430   -0.130  1.00 11.57 ? 106 ASP A N    1 
ATOM   625  C  CA   . ASP A 1 79  ? -0.923  0.402   -1.146  1.00 11.52 ? 106 ASP A CA   1 
ATOM   626  C  C    . ASP A 1 79  ? 0.080   0.632   -2.256  1.00 11.71 ? 106 ASP A C    1 
ATOM   627  O  O    . ASP A 1 79  ? 0.709   1.693   -2.324  1.00 10.69 ? 106 ASP A O    1 
ATOM   628  C  CB   . ASP A 1 79  ? -2.332  0.486   -1.701  1.00 11.60 ? 106 ASP A CB   1 
ATOM   629  C  CG   . ASP A 1 79  ? -2.558  1.779   -2.454  1.00 11.84 ? 106 ASP A CG   1 
ATOM   630  O  OD1  . ASP A 1 79  ? -2.806  2.821   -1.813  1.00 12.40 ? 106 ASP A OD1  1 
ATOM   631  O  OD2  . ASP A 1 79  ? -2.416  1.787   -3.688  1.00 11.73 ? 106 ASP A OD2  1 
ATOM   632  N  N    . MET A 1 80  ? 0.238   -0.359  -3.131  1.00 11.73 ? 107 MET A N    1 
ATOM   633  C  CA   . MET A 1 80  ? 1.243   -0.272  -4.189  1.00 12.69 ? 107 MET A CA   1 
ATOM   634  C  C    . MET A 1 80  ? 0.863   0.647   -5.344  1.00 12.44 ? 107 MET A C    1 
ATOM   635  O  O    . MET A 1 80  ? 1.755   1.095   -6.073  1.00 12.37 ? 107 MET A O    1 
ATOM   636  C  CB   . MET A 1 80  ? 1.584   -1.653  -4.777  1.00 14.26 ? 107 MET A CB   1 
ATOM   637  C  CG   . MET A 1 80  ? 2.387   -2.548  -3.866  1.00 15.45 ? 107 MET A CG   1 
ATOM   638  S  SD   . MET A 1 80  ? 3.322   -3.853  -4.746  1.00 16.86 ? 107 MET A SD   1 
ATOM   639  C  CE   . MET A 1 80  ? 1.985   -4.807  -5.442  1.00 17.25 ? 107 MET A CE   1 
ATOM   640  N  N    . GLY A 1 81  ? -0.446  0.870   -5.553  1.00 11.78 ? 108 GLY A N    1 
ATOM   641  C  CA   . GLY A 1 81  ? -0.911  1.829   -6.556  1.00 12.19 ? 108 GLY A CA   1 
ATOM   642  C  C    . GLY A 1 81  ? -0.384  3.212   -6.200  1.00 12.26 ? 108 GLY A C    1 
ATOM   643  O  O    . GLY A 1 81  ? 0.206   3.909   -7.034  1.00 12.61 ? 108 GLY A O    1 
ATOM   644  N  N    . THR A 1 82  ? -0.554  3.560   -4.925  1.00 11.69 ? 109 THR A N    1 
ATOM   645  C  CA   . THR A 1 82  ? -0.046  4.800   -4.360  1.00 11.98 ? 109 THR A CA   1 
ATOM   646  C  C    . THR A 1 82  ? 1.483   4.887   -4.460  1.00 11.47 ? 109 THR A C    1 
ATOM   647  O  O    . THR A 1 82  ? 2.013   5.907   -4.895  1.00 11.51 ? 109 THR A O    1 
ATOM   648  C  CB   . THR A 1 82  ? -0.481  4.960   -2.891  1.00 12.44 ? 109 THR A CB   1 
ATOM   649  O  OG1  . THR A 1 82  ? -1.908  5.042   -2.819  1.00 12.80 ? 109 THR A OG1  1 
ATOM   650  C  CG2  . THR A 1 82  ? 0.128   6.217   -2.240  1.00 12.84 ? 109 THR A CG2  1 
ATOM   651  N  N    . ILE A 1 83  ? 2.191   3.829   -4.089  1.00 11.28 ? 110 ILE A N    1 
ATOM   652  C  CA   . ILE A 1 83  ? 3.643   3.808   -4.154  1.00 11.41 ? 110 ILE A CA   1 
ATOM   653  C  C    . ILE A 1 83  ? 4.086   3.973   -5.621  1.00 11.94 ? 110 ILE A C    1 
ATOM   654  O  O    . ILE A 1 83  ? 5.022   4.706   -5.919  1.00 11.19 ? 110 ILE A O    1 
ATOM   655  C  CB   . ILE A 1 83  ? 4.224   2.505   -3.554  1.00 11.52 ? 110 ILE A CB   1 
ATOM   656  C  CG1  . ILE A 1 83  ? 3.915   2.436   -2.037  1.00 11.84 ? 110 ILE A CG1  1 
ATOM   657  C  CG2  . ILE A 1 83  ? 5.720   2.426   -3.791  1.00 11.63 ? 110 ILE A CG2  1 
ATOM   658  C  CD1  . ILE A 1 83  ? 4.164   1.088   -1.387  1.00 11.28 ? 110 ILE A CD1  1 
ATOM   659  N  N    . LYS A 1 84  ? 3.439   3.254   -6.525  1.00 13.24 ? 111 LYS A N    1 
ATOM   660  C  CA   . LYS A 1 84  ? 3.778   3.354   -7.942  1.00 14.39 ? 111 LYS A CA   1 
ATOM   661  C  C    . LYS A 1 84  ? 3.627   4.787   -8.471  1.00 15.14 ? 111 LYS A C    1 
ATOM   662  O  O    . LYS A 1 84  ? 4.511   5.278   -9.161  1.00 15.32 ? 111 LYS A O    1 
ATOM   663  C  CB   . LYS A 1 84  ? 2.904   2.396   -8.768  1.00 16.29 ? 111 LYS A CB   1 
ATOM   664  C  CG   . LYS A 1 84  ? 3.186   2.387   -10.269 1.00 17.36 ? 111 LYS A CG   1 
ATOM   665  C  CD   . LYS A 1 84  ? 2.361   1.291   -10.918 1.00 19.61 ? 111 LYS A CD   1 
ATOM   666  C  CE   . LYS A 1 84  ? 2.694   1.119   -12.396 1.00 22.05 ? 111 LYS A CE   1 
ATOM   667  N  NZ   . LYS A 1 84  ? 1.915   2.119   -13.155 1.00 22.95 ? 111 LYS A NZ   1 
ATOM   668  N  N    . LYS A 1 85  ? 2.522   5.445   -8.133  1.00 15.47 ? 112 LYS A N    1 
ATOM   669  C  CA   . LYS A 1 85  ? 2.282   6.832   -8.525  1.00 16.96 ? 112 LYS A CA   1 
ATOM   670  C  C    . LYS A 1 85  ? 3.329   7.749   -7.899  1.00 15.39 ? 112 LYS A C    1 
ATOM   671  O  O    . LYS A 1 85  ? 3.868   8.632   -8.577  1.00 14.94 ? 112 LYS A O    1 
ATOM   672  C  CB   . LYS A 1 85  ? 0.871   7.299   -8.153  1.00 20.51 ? 112 LYS A CB   1 
ATOM   673  C  CG   . LYS A 1 85  ? -0.232  6.780   -9.077  1.00 25.41 ? 112 LYS A CG   1 
ATOM   674  C  CD   . LYS A 1 85  ? -1.278  7.850   -9.403  1.00 30.04 ? 112 LYS A CD   1 
ATOM   675  C  CE   . LYS A 1 85  ? -2.440  7.851   -8.419  1.00 33.64 ? 112 LYS A CE   1 
ATOM   676  N  NZ   . LYS A 1 85  ? -3.023  9.212   -8.245  1.00 36.44 ? 112 LYS A NZ   1 
ATOM   677  N  N    . ARG A 1 86  ? 3.659   7.498   -6.627  1.00 12.90 ? 113 ARG A N    1 
ATOM   678  C  CA   . ARG A 1 86  ? 4.680   8.304   -5.958  1.00 12.87 ? 113 ARG A CA   1 
ATOM   679  C  C    . ARG A 1 86  ? 6.034   8.151   -6.651  1.00 13.24 ? 113 ARG A C    1 
ATOM   680  O  O    . ARG A 1 86  ? 6.728   9.153   -6.930  1.00 13.43 ? 113 ARG A O    1 
ATOM   681  C  CB   . ARG A 1 86  ? 4.770   7.929   -4.461  1.00 12.20 ? 113 ARG A CB   1 
ATOM   682  C  CG   . ARG A 1 86  ? 3.623   8.493   -3.651  1.00 12.00 ? 113 ARG A CG   1 
ATOM   683  C  CD   . ARG A 1 86  ? 3.671   8.066   -2.201  1.00 12.15 ? 113 ARG A CD   1 
ATOM   684  N  NE   . ARG A 1 86  ? 2.607   8.706   -1.450  1.00 11.92 ? 113 ARG A NE   1 
ATOM   685  C  CZ   . ARG A 1 86  ? 2.501   8.735   -0.113  1.00 12.34 ? 113 ARG A CZ   1 
ATOM   686  N  NH1  . ARG A 1 86  ? 3.410   8.163   0.676   1.00 11.79 ? 113 ARG A NH1  1 
ATOM   687  N  NH2  . ARG A 1 86  ? 1.464   9.369   0.453   1.00 13.25 ? 113 ARG A NH2  1 
ATOM   688  N  N    . LEU A 1 87  ? 6.399   6.919   -7.010  1.00 13.21 ? 114 LEU A N    1 
ATOM   689  C  CA   . LEU A 1 87  ? 7.657   6.707   -7.716  1.00 14.54 ? 114 LEU A CA   1 
ATOM   690  C  C    . LEU A 1 87  ? 7.649   7.359   -9.110  1.00 15.60 ? 114 LEU A C    1 
ATOM   691  O  O    . LEU A 1 87  ? 8.623   8.020   -9.470  1.00 16.77 ? 114 LEU A O    1 
ATOM   692  C  CB   . LEU A 1 87  ? 8.001   5.218   -7.820  1.00 14.37 ? 114 LEU A CB   1 
ATOM   693  C  CG   . LEU A 1 87  ? 8.422   4.567   -6.503  1.00 14.31 ? 114 LEU A CG   1 
ATOM   694  C  CD1  . LEU A 1 87  ? 8.300   3.064   -6.620  1.00 14.76 ? 114 LEU A CD1  1 
ATOM   695  C  CD2  . LEU A 1 87  ? 9.835   4.969   -6.057  1.00 14.50 ? 114 LEU A CD2  1 
ATOM   696  N  N    . GLU A 1 88  ? 6.549   7.224   -9.858  1.00 17.22 ? 115 GLU A N    1 
ATOM   697  C  CA   . GLU A 1 88  ? 6.424   7.842   -11.196 1.00 18.93 ? 115 GLU A CA   1 
ATOM   698  C  C    . GLU A 1 88  ? 6.452   9.365   -11.138 1.00 19.98 ? 115 GLU A C    1 
ATOM   699  O  O    . GLU A 1 88  ? 6.985   10.010  -12.041 1.00 21.94 ? 115 GLU A O    1 
ATOM   700  C  CB   . GLU A 1 88  ? 5.146   7.381   -11.895 1.00 19.27 ? 115 GLU A CB   1 
ATOM   701  C  CG   . GLU A 1 88  ? 5.212   5.922   -12.295 1.00 20.68 ? 115 GLU A CG   1 
ATOM   702  C  CD   . GLU A 1 88  ? 3.877   5.316   -12.706 1.00 20.87 ? 115 GLU A CD   1 
ATOM   703  O  OE1  . GLU A 1 88  ? 2.816   5.934   -12.509 1.00 23.89 ? 115 GLU A OE1  1 
ATOM   704  O  OE2  . GLU A 1 88  ? 3.909   4.183   -13.217 1.00 23.13 ? 115 GLU A OE2  1 
ATOM   705  N  N    . ASN A 1 89  ? 5.912   9.925   -10.060 1.00 19.23 ? 116 ASN A N    1 
ATOM   706  C  CA   . ASN A 1 89  ? 5.834   11.372  -9.864  1.00 20.49 ? 116 ASN A CA   1 
ATOM   707  C  C    . ASN A 1 89  ? 7.060   11.950  -9.157  1.00 18.76 ? 116 ASN A C    1 
ATOM   708  O  O    . ASN A 1 89  ? 7.059   13.149  -8.868  1.00 19.23 ? 116 ASN A O    1 
ATOM   709  C  CB   . ASN A 1 89  ? 4.581   11.731  -9.038  1.00 23.18 ? 116 ASN A CB   1 
ATOM   710  C  CG   . ASN A 1 89  ? 3.282   11.467  -9.760  1.00 26.47 ? 116 ASN A CG   1 
ATOM   711  O  OD1  . ASN A 1 89  ? 3.260   11.066  -10.932 1.00 30.07 ? 116 ASN A OD1  1 
ATOM   712  N  ND2  . ASN A 1 89  ? 2.172   11.667  -9.052  1.00 26.70 ? 116 ASN A ND2  1 
ATOM   713  N  N    . ASN A 1 90  ? 8.072   11.133  -8.852  1.00 17.76 ? 117 ASN A N    1 
ATOM   714  C  CA   . ASN A 1 90  ? 9.298   11.565  -8.147  1.00 18.46 ? 117 ASN A CA   1 
ATOM   715  C  C    . ASN A 1 90  ? 8.991   12.218  -6.798  1.00 18.29 ? 117 ASN A C    1 
ATOM   716  O  O    . ASN A 1 90  ? 9.665   13.167  -6.388  1.00 19.71 ? 117 ASN A O    1 
ATOM   717  C  CB   . ASN A 1 90  ? 10.131  12.485  -9.051  1.00 20.93 ? 117 ASN A CB   1 
ATOM   718  C  CG   . ASN A 1 90  ? 10.453  11.834  -10.392 1.00 22.78 ? 117 ASN A CG   1 
ATOM   719  O  OD1  . ASN A 1 90  ? 11.148  10.828  -10.440 1.00 25.28 ? 117 ASN A OD1  1 
ATOM   720  N  ND2  . ASN A 1 90  ? 9.923   12.390  -11.469 1.00 27.13 ? 117 ASN A ND2  1 
ATOM   721  N  N    . TYR A 1 91  ? 8.004   11.661  -6.097  1.00 14.98 ? 118 TYR A N    1 
ATOM   722  C  CA   . TYR A 1 91  ? 7.505   12.165  -4.797  1.00 13.75 ? 118 TYR A CA   1 
ATOM   723  C  C    . TYR A 1 91  ? 8.517   12.079  -3.663  1.00 12.92 ? 118 TYR A C    1 
ATOM   724  O  O    . TYR A 1 91  ? 8.441   12.832  -2.697  1.00 12.26 ? 118 TYR A O    1 
ATOM   725  C  CB   . TYR A 1 91  ? 6.254   11.361  -4.411  1.00 13.55 ? 118 TYR A CB   1 
ATOM   726  C  CG   . TYR A 1 91  ? 5.557   11.693  -3.113  1.00 12.75 ? 118 TYR A CG   1 
ATOM   727  C  CD1  . TYR A 1 91  ? 4.608   12.696  -3.052  1.00 13.14 ? 118 TYR A CD1  1 
ATOM   728  C  CD2  . TYR A 1 91  ? 5.815   10.966  -1.939  1.00 13.26 ? 118 TYR A CD2  1 
ATOM   729  C  CE1  . TYR A 1 91  ? 3.935   12.990  -1.878  1.00 13.27 ? 118 TYR A CE1  1 
ATOM   730  C  CE2  . TYR A 1 91  ? 5.148   11.256  -0.769  1.00 13.40 ? 118 TYR A CE2  1 
ATOM   731  C  CZ   . TYR A 1 91  ? 4.215   12.275  -0.742  1.00 14.16 ? 118 TYR A CZ   1 
ATOM   732  O  OH   . TYR A 1 91  ? 3.543   12.586  0.406   1.00 15.48 ? 118 TYR A OH   1 
ATOM   733  N  N    . TYR A 1 92  ? 9.420   11.114  -3.742  1.00 12.37 ? 119 TYR A N    1 
ATOM   734  C  CA   . TYR A 1 92  ? 10.271  10.785  -2.632  1.00 11.87 ? 119 TYR A CA   1 
ATOM   735  C  C    . TYR A 1 92  ? 11.577  11.571  -2.600  1.00 11.97 ? 119 TYR A C    1 
ATOM   736  O  O    . TYR A 1 92  ? 12.109  11.952  -3.627  1.00 12.09 ? 119 TYR A O    1 
ATOM   737  C  CB   . TYR A 1 92  ? 10.588  9.302   -2.673  1.00 11.71 ? 119 TYR A CB   1 
ATOM   738  C  CG   . TYR A 1 92  ? 9.381   8.411   -2.499  1.00 11.60 ? 119 TYR A CG   1 
ATOM   739  C  CD1  . TYR A 1 92  ? 8.730   8.321   -1.263  1.00 11.75 ? 119 TYR A CD1  1 
ATOM   740  C  CD2  . TYR A 1 92  ? 8.948   7.574   -3.518  1.00 12.26 ? 119 TYR A CD2  1 
ATOM   741  C  CE1  . TYR A 1 92  ? 7.658   7.461   -1.068  1.00 11.41 ? 119 TYR A CE1  1 
ATOM   742  C  CE2  . TYR A 1 92  ? 7.874   6.719   -3.320  1.00 11.86 ? 119 TYR A CE2  1 
ATOM   743  C  CZ   . TYR A 1 92  ? 7.255   6.642   -2.108  1.00 11.67 ? 119 TYR A CZ   1 
ATOM   744  O  OH   . TYR A 1 92  ? 6.202   5.765   -1.959  1.00 11.92 ? 119 TYR A OH   1 
ATOM   745  N  N    . TRP A 1 93  ? 12.084  11.785  -1.396  1.00 11.81 ? 120 TRP A N    1 
ATOM   746  C  CA   . TRP A 1 93  ? 13.416  12.364  -1.189  1.00 12.11 ? 120 TRP A CA   1 
ATOM   747  C  C    . TRP A 1 93  ? 14.515  11.305  -1.141  1.00 12.04 ? 120 TRP A C    1 
ATOM   748  O  O    . TRP A 1 93  ? 15.694  11.549  -1.503  1.00 12.44 ? 120 TRP A O    1 
ATOM   749  C  CB   . TRP A 1 93  ? 13.402  13.132  0.123   1.00 12.00 ? 120 TRP A CB   1 
ATOM   750  C  CG   . TRP A 1 93  ? 14.749  13.717  0.510   1.00 12.65 ? 120 TRP A CG   1 
ATOM   751  C  CD1  . TRP A 1 93  ? 15.654  13.181  1.356   1.00 12.63 ? 120 TRP A CD1  1 
ATOM   752  C  CD2  . TRP A 1 93  ? 15.326  14.911  0.007   1.00 12.18 ? 120 TRP A CD2  1 
ATOM   753  N  NE1  . TRP A 1 93  ? 16.749  13.987  1.455   1.00 12.54 ? 120 TRP A NE1  1 
ATOM   754  C  CE2  . TRP A 1 93  ? 16.572  15.067  0.642   1.00 12.49 ? 120 TRP A CE2  1 
ATOM   755  C  CE3  . TRP A 1 93  ? 14.892  15.901  -0.866  1.00 12.79 ? 120 TRP A CE3  1 
ATOM   756  C  CZ2  . TRP A 1 93  ? 17.399  16.162  0.404   1.00 12.89 ? 120 TRP A CZ2  1 
ATOM   757  C  CZ3  . TRP A 1 93  ? 15.730  17.002  -1.110  1.00 12.58 ? 120 TRP A CZ3  1 
ATOM   758  C  CH2  . TRP A 1 93  ? 16.965  17.106  -0.476  1.00 12.72 ? 120 TRP A CH2  1 
ATOM   759  N  N    . ASN A 1 94  ? 14.170  10.133  -0.619  1.00 12.65 ? 121 ASN A N    1 
ATOM   760  C  CA   . ASN A 1 94  ? 15.131  9.051   -0.531  1.00 12.60 ? 121 ASN A CA   1 
ATOM   761  C  C    . ASN A 1 94  ? 14.478  7.685   -0.555  1.00 13.03 ? 121 ASN A C    1 
ATOM   762  O  O    . ASN A 1 94  ? 13.269  7.588   -0.509  1.00 12.61 ? 121 ASN A O    1 
ATOM   763  C  CB   . ASN A 1 94  ? 16.021  9.208   0.728   1.00 13.43 ? 121 ASN A CB   1 
ATOM   764  C  CG   . ASN A 1 94  ? 15.257  9.126   2.047   1.00 14.63 ? 121 ASN A CG   1 
ATOM   765  O  OD1  . ASN A 1 94  ? 14.154  8.586   2.150   1.00 14.91 ? 121 ASN A OD1  1 
ATOM   766  N  ND2  . ASN A 1 94  ? 15.877  9.644   3.084   1.00 15.93 ? 121 ASN A ND2  1 
ATOM   767  N  N    . ALA A 1 95  ? 15.303  6.648   -0.594  1.00 13.50 ? 122 ALA A N    1 
ATOM   768  C  CA   . ALA A 1 95  ? 14.790  5.278   -0.632  1.00 14.02 ? 122 ALA A CA   1 
ATOM   769  C  C    . ALA A 1 95  ? 14.007  4.949   0.629   1.00 13.90 ? 122 ALA A C    1 
ATOM   770  O  O    . ALA A 1 95  ? 12.990  4.253   0.541   1.00 13.43 ? 122 ALA A O    1 
ATOM   771  C  CB   . ALA A 1 95  ? 15.928  4.280   -0.836  1.00 15.16 ? 122 ALA A CB   1 
ATOM   772  N  N    . GLN A 1 96  ? 14.480  5.403   1.791   1.00 14.29 ? 123 GLN A N    1 
ATOM   773  C  CA   . GLN A 1 96  ? 13.810  5.116   3.074   1.00 15.06 ? 123 GLN A CA   1 
ATOM   774  C  C    . GLN A 1 96  ? 12.338  5.484   3.045   1.00 14.07 ? 123 GLN A C    1 
ATOM   775  O  O    . GLN A 1 96  ? 11.506  4.726   3.539   1.00 14.34 ? 123 GLN A O    1 
ATOM   776  C  CB   . GLN A 1 96  ? 14.468  5.811   4.281   1.00 16.49 ? 123 GLN A CB   1 
ATOM   777  C  CG   . GLN A 1 96  ? 14.002  5.309   5.661   1.00 18.03 ? 123 GLN A CG   1 
ATOM   778  C  CD   . GLN A 1 96  ? 12.691  5.905   6.214   1.00 20.92 ? 123 GLN A CD   1 
ATOM   779  O  OE1  . GLN A 1 96  ? 12.398  7.099   6.046   1.00 22.49 ? 123 GLN A OE1  1 
ATOM   780  N  NE2  . GLN A 1 96  ? 11.896  5.063   6.908   1.00 23.04 ? 123 GLN A NE2  1 
ATOM   781  N  N    . GLU A 1 97  ? 12.006  6.649   2.488   1.00 13.28 ? 124 GLU A N    1 
ATOM   782  C  CA   . GLU A 1 97  ? 10.611  7.067   2.475   1.00 13.20 ? 124 GLU A CA   1 
ATOM   783  C  C    . GLU A 1 97  ? 9.728   6.069   1.721   1.00 12.62 ? 124 GLU A C    1 
ATOM   784  O  O    . GLU A 1 97  ? 8.586   5.817   2.088   1.00 13.02 ? 124 GLU A O    1 
ATOM   785  C  CB   . GLU A 1 97  ? 10.452  8.449   1.850   1.00 13.47 ? 124 GLU A CB   1 
ATOM   786  C  CG   . GLU A 1 97  ? 11.066  9.564   2.685   1.00 14.06 ? 124 GLU A CG   1 
ATOM   787  C  CD   . GLU A 1 97  ? 10.853  10.937  2.097   1.00 14.43 ? 124 GLU A CD   1 
ATOM   788  O  OE1  . GLU A 1 97  ? 10.575  11.059  0.894   1.00 12.50 ? 124 GLU A OE1  1 
ATOM   789  O  OE2  . GLU A 1 97  ? 10.956  11.923  2.865   1.00 15.93 ? 124 GLU A OE2  1 
ATOM   790  N  N    . CYS A 1 98  ? 10.263  5.557   0.620   1.00 12.40 ? 125 CYS A N    1 
ATOM   791  C  CA   . CYS A 1 98  ? 9.549   4.602   -0.206  1.00 12.32 ? 125 CYS A CA   1 
ATOM   792  C  C    . CYS A 1 98  ? 9.444   3.245   0.485   1.00 12.15 ? 125 CYS A C    1 
ATOM   793  O  O    . CYS A 1 98  ? 8.368   2.649   0.557   1.00 11.77 ? 125 CYS A O    1 
ATOM   794  C  CB   . CYS A 1 98  ? 10.215  4.475   -1.576  1.00 12.89 ? 125 CYS A CB   1 
ATOM   795  S  SG   . CYS A 1 98  ? 9.469   3.208   -2.665  1.00 13.48 ? 125 CYS A SG   1 
ATOM   796  N  N    . ILE A 1 99  ? 10.563  2.766   1.015   1.00 12.07 ? 126 ILE A N    1 
ATOM   797  C  CA   . ILE A 1 99  ? 10.578  1.509   1.760   1.00 12.32 ? 126 ILE A CA   1 
ATOM   798  C  C    . ILE A 1 99  ? 9.600   1.572   2.944   1.00 12.95 ? 126 ILE A C    1 
ATOM   799  O  O    . ILE A 1 99  ? 8.874   0.592   3.215   1.00 12.17 ? 126 ILE A O    1 
ATOM   800  C  CB   . ILE A 1 99  ? 12.046  1.171   2.190   1.00 12.99 ? 126 ILE A CB   1 
ATOM   801  C  CG1  . ILE A 1 99  ? 12.871  0.835   0.949   1.00 13.12 ? 126 ILE A CG1  1 
ATOM   802  C  CG2  . ILE A 1 99  ? 12.070  0.020   3.187   1.00 13.48 ? 126 ILE A CG2  1 
ATOM   803  C  CD1  . ILE A 1 99  ? 14.383  0.813   1.146   1.00 13.66 ? 126 ILE A CD1  1 
ATOM   804  N  N    . GLN A 1 100 ? 9.527   2.726   3.624   1.00 12.58 ? 127 GLN A N    1 
ATOM   805  C  CA   . GLN A 1 100 ? 8.588   2.855   4.746   1.00 13.76 ? 127 GLN A CA   1 
ATOM   806  C  C    . GLN A 1 100 ? 7.140   2.682   4.273   1.00 12.64 ? 127 GLN A C    1 
ATOM   807  O  O    . GLN A 1 100 ? 6.330   2.065   4.976   1.00 12.51 ? 127 GLN A O    1 
ATOM   808  C  CB   . GLN A 1 100 ? 8.773   4.185   5.483   1.00 17.10 ? 127 GLN A CB   1 
ATOM   809  C  CG   . GLN A 1 100 ? 7.846   4.326   6.688   1.00 21.21 ? 127 GLN A CG   1 
ATOM   810  C  CD   . GLN A 1 100 ? 8.289   5.334   7.740   1.00 27.04 ? 127 GLN A CD   1 
ATOM   811  O  OE1  . GLN A 1 100 ? 9.461   5.684   7.842   1.00 32.30 ? 127 GLN A OE1  1 
ATOM   812  N  NE2  . GLN A 1 100 ? 7.337   5.771   8.570   1.00 33.35 ? 127 GLN A NE2  1 
ATOM   813  N  N    . ASP A 1 101 ? 6.816   3.195   3.083   1.00 11.99 ? 128 ASP A N    1 
ATOM   814  C  CA   . ASP A 1 101 ? 5.475   2.963   2.524   1.00 11.50 ? 128 ASP A CA   1 
ATOM   815  C  C    . ASP A 1 101 ? 5.190   1.471   2.304   1.00 10.66 ? 128 ASP A C    1 
ATOM   816  O  O    . ASP A 1 101 ? 4.102   0.992   2.609   1.00 9.69  ? 128 ASP A O    1 
ATOM   817  C  CB   . ASP A 1 101 ? 5.247   3.739   1.221   1.00 11.43 ? 128 ASP A CB   1 
ATOM   818  C  CG   . ASP A 1 101 ? 5.075   5.252   1.434   1.00 12.66 ? 128 ASP A CG   1 
ATOM   819  O  OD1  . ASP A 1 101 ? 4.738   5.683   2.559   1.00 12.44 ? 128 ASP A OD1  1 
ATOM   820  O  OD2  . ASP A 1 101 ? 5.245   5.983   0.435   1.00 12.85 ? 128 ASP A OD2  1 
ATOM   821  N  N    . PHE A 1 102 ? 6.146   0.734   1.745   1.00 10.41 ? 129 PHE A N    1 
ATOM   822  C  CA   . PHE A 1 102 ? 5.970   -0.733  1.605   1.00 11.37 ? 129 PHE A CA   1 
ATOM   823  C  C    . PHE A 1 102 ? 5.770   -1.386  2.971   1.00 11.07 ? 129 PHE A C    1 
ATOM   824  O  O    . PHE A 1 102 ? 4.858   -2.178  3.150   1.00 11.75 ? 129 PHE A O    1 
ATOM   825  C  CB   . PHE A 1 102 ? 7.179   -1.384  0.901   1.00 11.90 ? 129 PHE A CB   1 
ATOM   826  C  CG   . PHE A 1 102 ? 7.157   -1.282  -0.606  1.00 12.35 ? 129 PHE A CG   1 
ATOM   827  C  CD1  . PHE A 1 102 ? 6.414   -2.185  -1.358  1.00 13.28 ? 129 PHE A CD1  1 
ATOM   828  C  CD2  . PHE A 1 102 ? 7.935   -0.355  -1.273  1.00 13.13 ? 129 PHE A CD2  1 
ATOM   829  C  CE1  . PHE A 1 102 ? 6.410   -2.139  -2.754  1.00 14.21 ? 129 PHE A CE1  1 
ATOM   830  C  CE2  . PHE A 1 102 ? 7.930   -0.296  -2.663  1.00 14.06 ? 129 PHE A CE2  1 
ATOM   831  C  CZ   . PHE A 1 102 ? 7.181   -1.196  -3.404  1.00 14.23 ? 129 PHE A CZ   1 
ATOM   832  N  N    . ASN A 1 103 ? 6.580   -1.003  3.948   1.00 12.12 ? 130 ASN A N    1 
ATOM   833  C  CA   . ASN A 1 103 ? 6.482   -1.577  5.285   1.00 12.71 ? 130 ASN A CA   1 
ATOM   834  C  C    . ASN A 1 103 ? 5.090   -1.310  5.878   1.00 12.00 ? 130 ASN A C    1 
ATOM   835  O  O    . ASN A 1 103 ? 4.504   -2.194  6.500   1.00 11.83 ? 130 ASN A O    1 
ATOM   836  C  CB   . ASN A 1 103 ? 7.526   -1.007  6.253   1.00 14.10 ? 130 ASN A CB   1 
ATOM   837  C  CG   . ASN A 1 103 ? 8.955   -1.378  5.888   1.00 16.10 ? 130 ASN A CG   1 
ATOM   838  O  OD1  . ASN A 1 103 ? 9.207   -2.370  5.217   1.00 17.16 ? 130 ASN A OD1  1 
ATOM   839  N  ND2  . ASN A 1 103 ? 9.893   -0.562  6.345   1.00 17.93 ? 130 ASN A ND2  1 
ATOM   840  N  N    . THR A 1 104 ? 4.598   -0.083  5.704   1.00 11.50 ? 131 THR A N    1 
ATOM   841  C  CA   . THR A 1 104 ? 3.271   0.292   6.184   1.00 11.56 ? 131 THR A CA   1 
ATOM   842  C  C    . THR A 1 104 ? 2.175   -0.580  5.559   1.00 11.23 ? 131 THR A C    1 
ATOM   843  O  O    . THR A 1 104 ? 1.301   -1.092  6.259   1.00 10.69 ? 131 THR A O    1 
ATOM   844  C  CB   . THR A 1 104 ? 2.989   1.773   5.885   1.00 12.24 ? 131 THR A CB   1 
ATOM   845  O  OG1  . THR A 1 104 ? 3.963   2.592   6.547   1.00 12.35 ? 131 THR A OG1  1 
ATOM   846  C  CG2  . THR A 1 104 ? 1.582   2.184   6.303   1.00 12.51 ? 131 THR A CG2  1 
ATOM   847  N  N    . MET A 1 105 ? 2.243   -0.729  4.245   1.00 10.46 ? 132 MET A N    1 
ATOM   848  C  CA   . MET A 1 105 ? 1.329   -1.604  3.514   1.00 10.91 ? 132 MET A CA   1 
ATOM   849  C  C    . MET A 1 105 ? 1.295   -3.015  4.079   1.00 10.39 ? 132 MET A C    1 
ATOM   850  O  O    . MET A 1 105 ? 0.220   -3.558  4.331   1.00 10.66 ? 132 MET A O    1 
ATOM   851  C  CB   . MET A 1 105 ? 1.680   -1.619  2.028   1.00 10.83 ? 132 MET A CB   1 
ATOM   852  C  CG   . MET A 1 105 ? 0.771   -2.509  1.177   1.00 11.42 ? 132 MET A CG   1 
ATOM   853  S  SD   . MET A 1 105 ? 1.330   -2.624  -0.525  1.00 12.23 ? 132 MET A SD   1 
ATOM   854  C  CE   . MET A 1 105 ? 2.642   -3.828  -0.415  1.00 13.39 ? 132 MET A CE   1 
ATOM   855  N  N    . PHE A 1 106 ? 2.470   -3.619  4.273   1.00 11.32 ? 133 PHE A N    1 
ATOM   856  C  CA   . PHE A 1 106 ? 2.520   -4.992  4.751   1.00 11.51 ? 133 PHE A CA   1 
ATOM   857  C  C    . PHE A 1 106 ? 1.987   -5.057  6.173   1.00 11.73 ? 133 PHE A C    1 
ATOM   858  O  O    . PHE A 1 106 ? 1.157   -5.893  6.484   1.00 12.13 ? 133 PHE A O    1 
ATOM   859  C  CB   . PHE A 1 106 ? 3.948   -5.558  4.674   1.00 11.71 ? 133 PHE A CB   1 
ATOM   860  C  CG   . PHE A 1 106 ? 4.450   -5.768  3.269   1.00 13.01 ? 133 PHE A CG   1 
ATOM   861  C  CD1  . PHE A 1 106 ? 3.721   -6.522  2.345   1.00 14.88 ? 133 PHE A CD1  1 
ATOM   862  C  CD2  . PHE A 1 106 ? 5.651   -5.214  2.871   1.00 13.56 ? 133 PHE A CD2  1 
ATOM   863  C  CE1  . PHE A 1 106 ? 4.189   -6.695  1.045   1.00 14.79 ? 133 PHE A CE1  1 
ATOM   864  C  CE2  . PHE A 1 106 ? 6.122   -5.389  1.573   1.00 14.09 ? 133 PHE A CE2  1 
ATOM   865  C  CZ   . PHE A 1 106 ? 5.397   -6.145  0.671   1.00 14.94 ? 133 PHE A CZ   1 
ATOM   866  N  N    . THR A 1 107 ? 2.435   -4.134  7.021   1.00 12.06 ? 134 THR A N    1 
ATOM   867  C  CA   . THR A 1 107 ? 2.023   -4.110  8.426   1.00 13.06 ? 134 THR A CA   1 
ATOM   868  C  C    . THR A 1 107 ? 0.509   -3.960  8.579   1.00 12.56 ? 134 THR A C    1 
ATOM   869  O  O    . THR A 1 107 ? -0.123  -4.650  9.397   1.00 12.48 ? 134 THR A O    1 
ATOM   870  C  CB   . THR A 1 107 ? 2.770   -2.997  9.159   1.00 14.90 ? 134 THR A CB   1 
ATOM   871  O  OG1  . THR A 1 107 ? 4.151   -3.377  9.249   1.00 17.80 ? 134 THR A OG1  1 
ATOM   872  C  CG2  . THR A 1 107 ? 2.175   -2.743  10.564  1.00 16.42 ? 134 THR A CG2  1 
ATOM   873  N  N    . ASN A 1 108 ? -0.086  -3.083  7.777   1.00 11.71 ? 135 ASN A N    1 
ATOM   874  C  CA   . ASN A 1 108 ? -1.534  -2.898  7.814   1.00 11.50 ? 135 ASN A CA   1 
ATOM   875  C  C    . ASN A 1 108 ? -2.267  -4.226  7.578   1.00 11.73 ? 135 ASN A C    1 
ATOM   876  O  O    . ASN A 1 108 ? -3.260  -4.530  8.237   1.00 12.00 ? 135 ASN A O    1 
ATOM   877  C  CB   . ASN A 1 108 ? -2.021  -1.907  6.769   1.00 11.52 ? 135 ASN A CB   1 
ATOM   878  C  CG   . ASN A 1 108 ? -1.637  -0.471  7.072   1.00 11.15 ? 135 ASN A CG   1 
ATOM   879  O  OD1  . ASN A 1 108 ? -1.269  -0.101  8.198   1.00 12.11 ? 135 ASN A OD1  1 
ATOM   880  N  ND2  . ASN A 1 108 ? -1.696  0.345   6.039   1.00 10.66 ? 135 ASN A ND2  1 
ATOM   881  N  N    . CYS A 1 109 ? -1.778  -5.013  6.617   1.00 11.20 ? 136 CYS A N    1 
ATOM   882  C  CA   . CYS A 1 109 ? -2.390  -6.278  6.281   1.00 12.00 ? 136 CYS A CA   1 
ATOM   883  C  C    . CYS A 1 109 ? -2.304  -7.265  7.480   1.00 12.12 ? 136 CYS A C    1 
ATOM   884  O  O    . CYS A 1 109 ? -3.258  -7.938  7.814   1.00 11.60 ? 136 CYS A O    1 
ATOM   885  C  CB   . CYS A 1 109 ? -1.716  -6.828  5.036   1.00 12.11 ? 136 CYS A CB   1 
ATOM   886  S  SG   . CYS A 1 109 ? -2.500  -8.319  4.424   1.00 13.64 ? 136 CYS A SG   1 
ATOM   887  N  N    . TYR A 1 110 ? -1.149  -7.302  8.126   1.00 12.63 ? 137 TYR A N    1 
ATOM   888  C  CA   . TYR A 1 110 ? -0.953  -8.154  9.291   1.00 12.58 ? 137 TYR A CA   1 
ATOM   889  C  C    . TYR A 1 110 ? -1.787  -7.703  10.483  1.00 13.65 ? 137 TYR A C    1 
ATOM   890  O  O    . TYR A 1 110 ? -2.306  -8.550  11.239  1.00 13.61 ? 137 TYR A O    1 
ATOM   891  C  CB   . TYR A 1 110 ? 0.528   -8.204  9.641   1.00 13.03 ? 137 TYR A CB   1 
ATOM   892  C  CG   . TYR A 1 110 ? 1.426   -8.630  8.481   1.00 13.54 ? 137 TYR A CG   1 
ATOM   893  C  CD1  . TYR A 1 110 ? 1.011   -9.581  7.534   1.00 14.22 ? 137 TYR A CD1  1 
ATOM   894  C  CD2  . TYR A 1 110 ? 2.701   -8.083  8.336   1.00 13.30 ? 137 TYR A CD2  1 
ATOM   895  C  CE1  . TYR A 1 110 ? 1.835   -9.965  6.484   1.00 14.94 ? 137 TYR A CE1  1 
ATOM   896  C  CE2  . TYR A 1 110 ? 3.536   -8.466  7.296   1.00 15.09 ? 137 TYR A CE2  1 
ATOM   897  C  CZ   . TYR A 1 110 ? 3.100   -9.391  6.375   1.00 15.55 ? 137 TYR A CZ   1 
ATOM   898  O  OH   . TYR A 1 110 ? 3.924   -9.750  5.354   1.00 17.21 ? 137 TYR A OH   1 
ATOM   899  N  N    . ILE A 1 111 ? -1.935  -6.396  10.647  1.00 13.64 ? 138 ILE A N    1 
ATOM   900  C  CA   . ILE A 1 111 ? -2.782  -5.858  11.727  1.00 14.42 ? 138 ILE A CA   1 
ATOM   901  C  C    . ILE A 1 111 ? -4.256  -6.245  11.509  1.00 14.18 ? 138 ILE A C    1 
ATOM   902  O  O    . ILE A 1 111 ? -4.906  -6.750  12.411  1.00 14.23 ? 138 ILE A O    1 
ATOM   903  C  CB   . ILE A 1 111 ? -2.644  -4.340  11.883  1.00 15.28 ? 138 ILE A CB   1 
ATOM   904  C  CG1  . ILE A 1 111 ? -1.263  -3.969  12.406  1.00 17.02 ? 138 ILE A CG1  1 
ATOM   905  C  CG2  . ILE A 1 111 ? -3.714  -3.798  12.833  1.00 15.72 ? 138 ILE A CG2  1 
ATOM   906  C  CD1  . ILE A 1 111 ? -0.924  -2.510  12.256  1.00 17.70 ? 138 ILE A CD1  1 
ATOM   907  N  N    . TYR A 1 112 ? -4.792  -5.986  10.314  1.00 13.66 ? 139 TYR A N    1 
ATOM   908  C  CA   . TYR A 1 112 ? -6.210  -6.137  10.065  1.00 13.50 ? 139 TYR A CA   1 
ATOM   909  C  C    . TYR A 1 112 ? -6.625  -7.608  10.085  1.00 14.13 ? 139 TYR A C    1 
ATOM   910  O  O    . TYR A 1 112 ? -7.710  -7.932  10.548  1.00 14.87 ? 139 TYR A O    1 
ATOM   911  C  CB   . TYR A 1 112 ? -6.626  -5.408  8.774   1.00 13.15 ? 139 TYR A CB   1 
ATOM   912  C  CG   . TYR A 1 112 ? -8.089  -5.535  8.474   1.00 13.13 ? 139 TYR A CG   1 
ATOM   913  C  CD1  . TYR A 1 112 ? -9.047  -4.803  9.185   1.00 12.61 ? 139 TYR A CD1  1 
ATOM   914  C  CD2  . TYR A 1 112 ? -8.535  -6.399  7.495   1.00 12.99 ? 139 TYR A CD2  1 
ATOM   915  C  CE1  . TYR A 1 112 ? -10.402 -4.947  8.901   1.00 13.96 ? 139 TYR A CE1  1 
ATOM   916  C  CE2  . TYR A 1 112 ? -9.883  -6.550  7.216   1.00 14.00 ? 139 TYR A CE2  1 
ATOM   917  C  CZ   . TYR A 1 112 ? -10.818 -5.821  7.931   1.00 13.07 ? 139 TYR A CZ   1 
ATOM   918  O  OH   . TYR A 1 112 ? -12.156 -6.005  7.678   1.00 14.19 ? 139 TYR A OH   1 
ATOM   919  N  N    . ASN A 1 113 ? -5.771  -8.491  9.571   1.00 14.22 ? 140 ASN A N    1 
ATOM   920  C  CA   . ASN A 1 113 ? -6.119  -9.889  9.346   1.00 14.65 ? 140 ASN A CA   1 
ATOM   921  C  C    . ASN A 1 113 ? -5.421  -10.757 10.400  1.00 17.39 ? 140 ASN A C    1 
ATOM   922  O  O    . ASN A 1 113 ? -4.869  -10.219 11.357  1.00 17.00 ? 140 ASN A O    1 
ATOM   923  C  CB   . ASN A 1 113 ? -5.745  -10.250 7.908   1.00 13.69 ? 140 ASN A CB   1 
ATOM   924  C  CG   . ASN A 1 113 ? -6.452  -9.352  6.890   1.00 12.99 ? 140 ASN A CG   1 
ATOM   925  O  OD1  . ASN A 1 113 ? -7.643  -9.505  6.646   1.00 13.69 ? 140 ASN A OD1  1 
ATOM   926  N  ND2  . ASN A 1 113 ? -5.731  -8.399  6.305   1.00 11.82 ? 140 ASN A ND2  1 
ATOM   927  N  N    A LYS A 1 114 ? -5.462  -12.073 10.242  0.50 18.49 ? 141 LYS A N    1 
ATOM   928  N  N    B LYS A 1 114 ? -5.459  -12.076 10.209  0.50 18.77 ? 141 LYS A N    1 
ATOM   929  C  CA   A LYS A 1 114 ? -4.812  -12.960 11.196  0.50 20.00 ? 141 LYS A CA   1 
ATOM   930  C  CA   B LYS A 1 114 ? -4.869  -13.034 11.140  0.50 20.52 ? 141 LYS A CA   1 
ATOM   931  C  C    A LYS A 1 114 ? -3.915  -13.963 10.479  0.50 19.51 ? 141 LYS A C    1 
ATOM   932  C  C    B LYS A 1 114 ? -3.870  -13.938 10.433  0.50 19.79 ? 141 LYS A C    1 
ATOM   933  O  O    A LYS A 1 114 ? -4.135  -14.240 9.289   0.50 18.54 ? 141 LYS A O    1 
ATOM   934  O  O    B LYS A 1 114 ? -3.995  -14.156 9.217   0.50 18.67 ? 141 LYS A O    1 
ATOM   935  C  CB   A LYS A 1 114 ? -5.851  -13.650 12.077  0.50 21.11 ? 141 LYS A CB   1 
ATOM   936  C  CB   B LYS A 1 114 ? -5.959  -13.910 11.730  0.50 22.07 ? 141 LYS A CB   1 
ATOM   937  C  CG   A LYS A 1 114 ? -6.898  -14.465 11.342  0.50 21.77 ? 141 LYS A CG   1 
ATOM   938  C  CG   B LYS A 1 114 ? -7.119  -13.154 12.347  0.50 23.83 ? 141 LYS A CG   1 
ATOM   939  C  CD   A LYS A 1 114 ? -7.712  -15.270 12.338  0.50 23.74 ? 141 LYS A CD   1 
ATOM   940  C  CD   B LYS A 1 114 ? -7.901  -14.114 13.206  0.50 25.38 ? 141 LYS A CD   1 
ATOM   941  C  CE   A LYS A 1 114 ? -8.267  -16.531 11.718  0.50 24.39 ? 141 LYS A CE   1 
ATOM   942  C  CE   B LYS A 1 114 ? -9.393  -13.972 13.008  0.50 27.15 ? 141 LYS A CE   1 
ATOM   943  N  NZ   A LYS A 1 114 ? -7.913  -17.702 12.570  0.50 25.26 ? 141 LYS A NZ   1 
ATOM   944  N  NZ   B LYS A 1 114 ? -10.081 -15.137 13.627  0.50 28.19 ? 141 LYS A NZ   1 
ATOM   945  N  N    . PRO A 1 115 ? -2.886  -14.496 11.189  1.00 19.80 ? 142 PRO A N    1 
ATOM   946  C  CA   . PRO A 1 115 ? -1.956  -15.457 10.588  1.00 20.58 ? 142 PRO A CA   1 
ATOM   947  C  C    . PRO A 1 115 ? -2.700  -16.605 9.897   1.00 20.38 ? 142 PRO A C    1 
ATOM   948  O  O    . PRO A 1 115 ? -3.693  -17.102 10.425  1.00 22.09 ? 142 PRO A O    1 
ATOM   949  C  CB   . PRO A 1 115 ? -1.142  -15.967 11.793  1.00 21.79 ? 142 PRO A CB   1 
ATOM   950  C  CG   . PRO A 1 115 ? -1.213  -14.860 12.790  1.00 21.48 ? 142 PRO A CG   1 
ATOM   951  C  CD   . PRO A 1 115 ? -2.561  -14.246 12.617  1.00 21.32 ? 142 PRO A CD   1 
ATOM   952  N  N    . GLY A 1 116 ? -2.259  -16.943 8.696   1.00 20.09 ? 143 GLY A N    1 
ATOM   953  C  CA   . GLY A 1 116 ? -2.869  -18.019 7.926   1.00 20.54 ? 143 GLY A CA   1 
ATOM   954  C  C    . GLY A 1 116 ? -4.008  -17.605 7.019   1.00 20.29 ? 143 GLY A C    1 
ATOM   955  O  O    . GLY A 1 116 ? -4.400  -18.391 6.171   1.00 20.33 ? 143 GLY A O    1 
ATOM   956  N  N    . ASP A 1 117 ? -4.540  -16.382 7.161   1.00 18.12 ? 144 ASP A N    1 
ATOM   957  C  CA   . ASP A 1 117 ? -5.549  -15.906 6.205   1.00 17.21 ? 144 ASP A CA   1 
ATOM   958  C  C    . ASP A 1 117 ? -4.915  -15.822 4.828   1.00 15.39 ? 144 ASP A C    1 
ATOM   959  O  O    . ASP A 1 117 ? -3.747  -15.458 4.700   1.00 15.10 ? 144 ASP A O    1 
ATOM   960  C  CB   . ASP A 1 117 ? -6.073  -14.510 6.581   1.00 17.47 ? 144 ASP A CB   1 
ATOM   961  C  CG   . ASP A 1 117 ? -6.988  -14.510 7.798   1.00 19.48 ? 144 ASP A CG   1 
ATOM   962  O  OD1  . ASP A 1 117 ? -7.498  -15.570 8.231   1.00 20.37 ? 144 ASP A OD1  1 
ATOM   963  O  OD2  . ASP A 1 117 ? -7.205  -13.410 8.332   1.00 19.52 ? 144 ASP A OD2  1 
ATOM   964  N  N    . ASP A 1 118 ? -5.685  -16.091 3.777   1.00 15.31 ? 145 ASP A N    1 
ATOM   965  C  CA   . ASP A 1 118 ? -5.165  -15.985 2.401   1.00 15.03 ? 145 ASP A CA   1 
ATOM   966  C  C    . ASP A 1 118 ? -4.480  -14.653 2.093   1.00 13.92 ? 145 ASP A C    1 
ATOM   967  O  O    . ASP A 1 118 ? -3.425  -14.612 1.441   1.00 13.79 ? 145 ASP A O    1 
ATOM   968  C  CB   . ASP A 1 118 ? -6.281  -16.157 1.373   1.00 16.40 ? 145 ASP A CB   1 
ATOM   969  C  CG   . ASP A 1 118 ? -6.602  -17.612 1.070   1.00 17.48 ? 145 ASP A CG   1 
ATOM   970  O  OD1  . ASP A 1 118 ? -5.765  -18.502 1.277   1.00 19.07 ? 145 ASP A OD1  1 
ATOM   971  O  OD2  . ASP A 1 118 ? -7.715  -17.848 0.583   1.00 18.41 ? 145 ASP A OD2  1 
ATOM   972  N  N    . ILE A 1 119 ? -5.086  -13.559 2.524   1.00 13.81 ? 146 ILE A N    1 
ATOM   973  C  CA   . ILE A 1 119 ? -4.530  -12.237 2.238   1.00 13.40 ? 146 ILE A CA   1 
ATOM   974  C  C    . ILE A 1 119 ? -3.175  -12.069 2.931   1.00 13.31 ? 146 ILE A C    1 
ATOM   975  O  O    . ILE A 1 119 ? -2.264  -11.446 2.392   1.00 13.65 ? 146 ILE A O    1 
ATOM   976  C  CB   . ILE A 1 119 ? -5.514  -11.107 2.621   1.00 13.52 ? 146 ILE A CB   1 
ATOM   977  C  CG1  . ILE A 1 119 ? -5.013  -9.749  2.103   1.00 14.65 ? 146 ILE A CG1  1 
ATOM   978  C  CG2  . ILE A 1 119 ? -5.760  -11.058 4.125   1.00 13.73 ? 146 ILE A CG2  1 
ATOM   979  C  CD1  . ILE A 1 119 ? -5.197  -9.508  0.620   1.00 15.20 ? 146 ILE A CD1  1 
ATOM   980  N  N    . VAL A 1 120 ? -3.051  -12.658 4.116   1.00 13.37 ? 147 VAL A N    1 
ATOM   981  C  CA   . VAL A 1 120 ? -1.792  -12.648 4.868   1.00 13.71 ? 147 VAL A CA   1 
ATOM   982  C  C    . VAL A 1 120 ? -0.720  -13.515 4.200   1.00 14.20 ? 147 VAL A C    1 
ATOM   983  O  O    . VAL A 1 120 ? 0.438   -13.092 4.091   1.00 14.16 ? 147 VAL A O    1 
ATOM   984  C  CB   . VAL A 1 120 ? -2.047  -13.026 6.349   1.00 13.98 ? 147 VAL A CB   1 
ATOM   985  C  CG1  . VAL A 1 120 ? -0.746  -13.217 7.110   1.00 14.34 ? 147 VAL A CG1  1 
ATOM   986  C  CG2  . VAL A 1 120 ? -2.896  -11.940 7.009   1.00 14.05 ? 147 VAL A CG2  1 
ATOM   987  N  N    . LEU A 1 121 ? -1.117  -14.684 3.682   1.00 14.27 ? 148 LEU A N    1 
ATOM   988  C  CA   . LEU A 1 121 ? -0.204  -15.488 2.868   1.00 14.69 ? 148 LEU A CA   1 
ATOM   989  C  C    . LEU A 1 121 ? 0.343   -14.729 1.668   1.00 14.65 ? 148 LEU A C    1 
ATOM   990  O  O    . LEU A 1 121 ? 1.537   -14.819 1.367   1.00 15.30 ? 148 LEU A O    1 
ATOM   991  C  CB   . LEU A 1 121 ? -0.857  -16.798 2.411   1.00 15.27 ? 148 LEU A CB   1 
ATOM   992  C  CG   . LEU A 1 121 ? -1.339  -17.718 3.526   1.00 16.10 ? 148 LEU A CG   1 
ATOM   993  C  CD1  . LEU A 1 121 ? -2.012  -18.906 2.873   1.00 16.53 ? 148 LEU A CD1  1 
ATOM   994  C  CD2  . LEU A 1 121 ? -0.217  -18.154 4.457   1.00 17.55 ? 148 LEU A CD2  1 
ATOM   995  N  N    A MET A 1 122 ? -0.535  -13.974 0.987   0.50 13.64 ? 149 MET A N    1 
ATOM   996  N  N    B MET A 1 122 ? -0.511  -13.968 1.006   0.50 14.38 ? 149 MET A N    1 
ATOM   997  C  CA   A MET A 1 122 ? -0.176  -13.127 -0.155  0.50 13.64 ? 149 MET A CA   1 
ATOM   998  C  CA   B MET A 1 122 ? -0.106  -13.176 -0.120  0.50 14.90 ? 149 MET A CA   1 
ATOM   999  C  C    A MET A 1 122 ? 0.825   -12.050 0.263   0.50 14.28 ? 149 MET A C    1 
ATOM   1000 C  C    B MET A 1 122 ? 0.864   -12.079 0.297   0.50 15.00 ? 149 MET A C    1 
ATOM   1001 O  O    A MET A 1 122 ? 1.844   -11.854 -0.400  0.50 14.33 ? 149 MET A O    1 
ATOM   1002 O  O    B MET A 1 122 ? 1.920   -11.919 -0.317  0.50 15.02 ? 149 MET A O    1 
ATOM   1003 C  CB   A MET A 1 122 ? -1.412  -12.452 -0.802  0.50 13.38 ? 149 MET A CB   1 
ATOM   1004 C  CB   B MET A 1 122 ? -1.335  -12.595 -0.770  0.50 15.70 ? 149 MET A CB   1 
ATOM   1005 C  CG   A MET A 1 122 ? -2.253  -13.344 -1.726  0.50 13.07 ? 149 MET A CG   1 
ATOM   1006 C  CG   B MET A 1 122 ? -2.218  -13.669 -1.374  0.50 16.16 ? 149 MET A CG   1 
ATOM   1007 S  SD   A MET A 1 122 ? -3.232  -12.516 -3.034  0.50 12.12 ? 149 MET A SD   1 
ATOM   1008 S  SD   B MET A 1 122 ? -3.590  -12.808 -2.131  0.50 17.35 ? 149 MET A SD   1 
ATOM   1009 C  CE   A MET A 1 122 ? -4.123  -13.900 -3.719  0.50 11.85 ? 149 MET A CE   1 
ATOM   1010 C  CE   B MET A 1 122 ? -2.633  -11.406 -2.616  0.50 18.03 ? 149 MET A CE   1 
ATOM   1011 N  N    . ALA A 1 123 ? 0.522   -11.341 1.351   1.00 14.33 ? 150 ALA A N    1 
ATOM   1012 C  CA   . ALA A 1 123 ? 1.415   -10.292 1.839   1.00 15.11 ? 150 ALA A CA   1 
ATOM   1013 C  C    . ALA A 1 123 ? 2.781   -10.841 2.256   1.00 15.52 ? 150 ALA A C    1 
ATOM   1014 O  O    . ALA A 1 123 ? 3.796   -10.239 1.880   1.00 16.20 ? 150 ALA A O    1 
ATOM   1015 C  CB   . ALA A 1 123 ? 0.772   -9.487  2.962   1.00 15.03 ? 150 ALA A CB   1 
ATOM   1016 N  N    . GLU A 1 124 ? 2.799   -11.973 2.976   1.00 15.43 ? 151 GLU A N    1 
ATOM   1017 C  CA   . GLU A 1 124 ? 4.033   -12.645 3.405   1.00 16.60 ? 151 GLU A CA   1 
ATOM   1018 C  C    . GLU A 1 124 ? 4.893   -12.992 2.205   1.00 16.69 ? 151 GLU A C    1 
ATOM   1019 O  O    . GLU A 1 124 ? 6.115   -12.761 2.216   1.00 16.46 ? 151 GLU A O    1 
ATOM   1020 C  CB   . GLU A 1 124 ? 3.746   -13.918 4.219   1.00 18.69 ? 151 GLU A CB   1 
ATOM   1021 C  CG   . GLU A 1 124 ? 3.261   -13.638 5.628   1.00 20.87 ? 151 GLU A CG   1 
ATOM   1022 C  CD   . GLU A 1 124 ? 2.778   -14.862 6.379   1.00 23.49 ? 151 GLU A CD   1 
ATOM   1023 O  OE1  . GLU A 1 124 ? 2.725   -15.968 5.817   1.00 29.11 ? 151 GLU A OE1  1 
ATOM   1024 O  OE2  . GLU A 1 124 ? 2.440   -14.714 7.573   1.00 29.27 ? 151 GLU A OE2  1 
ATOM   1025 N  N    . ALA A 1 125 ? 4.261   -13.494 1.145   1.00 16.33 ? 152 ALA A N    1 
ATOM   1026 C  CA   . ALA A 1 125 ? 5.018   -13.843 -0.051  1.00 16.64 ? 152 ALA A CA   1 
ATOM   1027 C  C    . ALA A 1 125 ? 5.581   -12.624 -0.760  1.00 16.73 ? 152 ALA A C    1 
ATOM   1028 O  O    . ALA A 1 125 ? 6.735   -12.622 -1.218  1.00 16.82 ? 152 ALA A O    1 
ATOM   1029 C  CB   . ALA A 1 125 ? 4.166   -14.662 -1.004  1.00 17.26 ? 152 ALA A CB   1 
ATOM   1030 N  N    . LEU A 1 126 ? 4.766   -11.588 -0.892  1.00 15.67 ? 153 LEU A N    1 
ATOM   1031 C  CA   . LEU A 1 126 ? 5.233   -10.342 -1.470  1.00 15.77 ? 153 LEU A CA   1 
ATOM   1032 C  C    . LEU A 1 126 ? 6.336   -9.704  -0.614  1.00 15.45 ? 153 LEU A C    1 
ATOM   1033 O  O    . LEU A 1 126 ? 7.303   -9.167  -1.157  1.00 16.82 ? 153 LEU A O    1 
ATOM   1034 C  CB   . LEU A 1 126 ? 4.080   -9.357  -1.666  1.00 16.29 ? 153 LEU A CB   1 
ATOM   1035 C  CG   . LEU A 1 126 ? 3.062   -9.745  -2.725  1.00 16.53 ? 153 LEU A CG   1 
ATOM   1036 C  CD1  . LEU A 1 126 ? 1.914   -8.746  -2.722  1.00 17.46 ? 153 LEU A CD1  1 
ATOM   1037 C  CD2  . LEU A 1 126 ? 3.691   -9.838  -4.107  1.00 16.92 ? 153 LEU A CD2  1 
ATOM   1038 N  N    . GLU A 1 127 ? 6.191   -9.781  0.701   1.00 16.97 ? 154 GLU A N    1 
ATOM   1039 C  CA   . GLU A 1 127 ? 7.172   -9.214  1.632   1.00 18.79 ? 154 GLU A CA   1 
ATOM   1040 C  C    . GLU A 1 127 ? 8.494   -9.951  1.499   1.00 19.71 ? 154 GLU A C    1 
ATOM   1041 O  O    . GLU A 1 127 ? 9.530   -9.320  1.467   1.00 19.38 ? 154 GLU A O    1 
ATOM   1042 C  CB   . GLU A 1 127 ? 6.681   -9.267  3.082   1.00 21.01 ? 154 GLU A CB   1 
ATOM   1043 C  CG   . GLU A 1 127 ? 7.615   -8.503  4.037   1.00 23.93 ? 154 GLU A CG   1 
ATOM   1044 C  CD   . GLU A 1 127 ? 7.278   -8.629  5.512   1.00 27.63 ? 154 GLU A CD   1 
ATOM   1045 O  OE1  . GLU A 1 127 ? 6.322   -9.313  5.882   1.00 28.37 ? 154 GLU A OE1  1 
ATOM   1046 O  OE2  . GLU A 1 127 ? 8.031   -8.057  6.335   1.00 33.02 ? 154 GLU A OE2  1 
ATOM   1047 N  N    . LYS A 1 128 ? 8.447   -11.276 1.400   1.00 19.35 ? 155 LYS A N    1 
ATOM   1048 C  CA   . LYS A 1 128 ? 9.664   -12.059 1.169   1.00 21.00 ? 155 LYS A CA   1 
ATOM   1049 C  C    . LYS A 1 128 ? 10.375  -11.622 -0.112  1.00 19.85 ? 155 LYS A C    1 
ATOM   1050 O  O    . LYS A 1 128 ? 11.591  -11.425 -0.106  1.00 19.48 ? 155 LYS A O    1 
ATOM   1051 C  CB   . LYS A 1 128 ? 9.323   -13.555 1.135   1.00 22.96 ? 155 LYS A CB   1 
ATOM   1052 C  CG   . LYS A 1 128 ? 10.440  -14.443 0.630   1.00 26.28 ? 155 LYS A CG   1 
ATOM   1053 C  CD   . LYS A 1 128 ? 10.018  -15.905 0.700   1.00 28.82 ? 155 LYS A CD   1 
ATOM   1054 C  CE   . LYS A 1 128 ? 10.791  -16.742 -0.286  1.00 29.92 ? 155 LYS A CE   1 
ATOM   1055 N  NZ   . LYS A 1 128 ? 10.257  -18.126 -0.285  1.00 31.66 ? 155 LYS A NZ   1 
ATOM   1056 N  N    . LEU A 1 129 ? 9.627   -11.466 -1.204  1.00 19.55 ? 156 LEU A N    1 
ATOM   1057 C  CA   . LEU A 1 129 ? 10.189  -11.036 -2.477  1.00 20.63 ? 156 LEU A CA   1 
ATOM   1058 C  C    . LEU A 1 129 ? 10.764  -9.620  -2.368  1.00 20.09 ? 156 LEU A C    1 
ATOM   1059 O  O    . LEU A 1 129 ? 11.852  -9.341  -2.859  1.00 20.23 ? 156 LEU A O    1 
ATOM   1060 C  CB   . LEU A 1 129 ? 9.147   -11.069 -3.612  1.00 22.67 ? 156 LEU A CB   1 
ATOM   1061 C  CG   . LEU A 1 129 ? 8.953   -12.269 -4.539  1.00 26.82 ? 156 LEU A CG   1 
ATOM   1062 C  CD1  . LEU A 1 129 ? 10.073  -13.298 -4.437  1.00 27.36 ? 156 LEU A CD1  1 
ATOM   1063 C  CD2  . LEU A 1 129 ? 7.604   -12.937 -4.356  1.00 27.90 ? 156 LEU A CD2  1 
ATOM   1064 N  N    . PHE A 1 130 ? 10.007  -8.745  -1.703  1.00 17.51 ? 157 PHE A N    1 
ATOM   1065 C  CA   . PHE A 1 130 ? 10.445  -7.391  -1.426  1.00 18.55 ? 157 PHE A CA   1 
ATOM   1066 C  C    . PHE A 1 130 ? 11.795  -7.427  -0.721  1.00 18.42 ? 157 PHE A C    1 
ATOM   1067 O  O    . PHE A 1 130 ? 12.727  -6.784  -1.199  1.00 21.58 ? 157 PHE A O    1 
ATOM   1068 C  CB   . PHE A 1 130 ? 9.397   -6.696  -0.540  1.00 16.72 ? 157 PHE A CB   1 
ATOM   1069 C  CG   . PHE A 1 130 ? 9.786   -5.313  -0.108  1.00 16.43 ? 157 PHE A CG   1 
ATOM   1070 C  CD1  . PHE A 1 130 ? 9.838   -4.296  -1.030  1.00 16.70 ? 157 PHE A CD1  1 
ATOM   1071 C  CD2  . PHE A 1 130 ? 10.049  -5.044  1.228   1.00 16.73 ? 157 PHE A CD2  1 
ATOM   1072 C  CE1  . PHE A 1 130 ? 10.190  -2.996  -0.633  1.00 16.94 ? 157 PHE A CE1  1 
ATOM   1073 C  CE2  . PHE A 1 130 ? 10.401  -3.768  1.632   1.00 17.30 ? 157 PHE A CE2  1 
ATOM   1074 C  CZ   . PHE A 1 130 ? 10.464  -2.753  0.703   1.00 16.11 ? 157 PHE A CZ   1 
ATOM   1075 N  N    . LEU A 1 131 ? 11.884  -8.173  0.380   1.00 21.37 ? 158 LEU A N    1 
ATOM   1076 C  CA   . LEU A 1 131 ? 13.107  -8.214  1.219   1.00 20.99 ? 158 LEU A CA   1 
ATOM   1077 C  C    . LEU A 1 131 ? 14.290  -8.785  0.446   1.00 23.24 ? 158 LEU A C    1 
ATOM   1078 O  O    . LEU A 1 131 ? 15.408  -8.325  0.638   1.00 22.49 ? 158 LEU A O    1 
ATOM   1079 C  CB   . LEU A 1 131 ? 12.912  -8.969  2.531   1.00 23.14 ? 158 LEU A CB   1 
ATOM   1080 C  CG   . LEU A 1 131 ? 12.032  -8.359  3.631   1.00 22.50 ? 158 LEU A CG   1 
ATOM   1081 C  CD1  . LEU A 1 131 ? 11.882  -9.351  4.764   1.00 24.12 ? 158 LEU A CD1  1 
ATOM   1082 C  CD2  . LEU A 1 131 ? 12.636  -7.055  4.149   1.00 24.95 ? 158 LEU A CD2  1 
ATOM   1083 N  N    . GLN A 1 132 ? 14.041  -9.743  -0.455  1.00 22.90 ? 159 GLN A N    1 
ATOM   1084 C  CA   . GLN A 1 132 ? 15.085  -10.221 -1.381  1.00 24.13 ? 159 GLN A CA   1 
ATOM   1085 C  C    . GLN A 1 132 ? 15.610  -9.154  -2.312  1.00 22.81 ? 159 GLN A C    1 
ATOM   1086 O  O    . GLN A 1 132 ? 16.844  -8.990  -2.429  1.00 22.19 ? 159 GLN A O    1 
ATOM   1087 C  CB   . GLN A 1 132 ? 14.587  -11.368 -2.262  1.00 26.01 ? 159 GLN A CB   1 
ATOM   1088 C  CG   . GLN A 1 132 ? 14.438  -12.681 -1.553  1.00 29.09 ? 159 GLN A CG   1 
ATOM   1089 C  CD   . GLN A 1 132 ? 13.913  -13.759 -2.484  1.00 32.60 ? 159 GLN A CD   1 
ATOM   1090 O  OE1  . GLN A 1 132 ? 14.150  -13.725 -3.704  1.00 35.40 ? 159 GLN A OE1  1 
ATOM   1091 N  NE2  . GLN A 1 132 ? 13.189  -14.708 -1.922  1.00 34.01 ? 159 GLN A NE2  1 
ATOM   1092 N  N    . LYS A 1 133 ? 14.695  -8.442  -2.984  1.00 22.21 ? 160 LYS A N    1 
ATOM   1093 C  CA   . LYS A 1 133 ? 15.070  -7.391  -3.917  1.00 23.10 ? 160 LYS A CA   1 
ATOM   1094 C  C    . LYS A 1 133 ? 15.779  -6.228  -3.219  1.00 23.00 ? 160 LYS A C    1 
ATOM   1095 O  O    . LYS A 1 133 ? 16.720  -5.681  -3.778  1.00 23.54 ? 160 LYS A O    1 
ATOM   1096 C  CB   . LYS A 1 133 ? 13.884  -6.869  -4.751  1.00 25.08 ? 160 LYS A CB   1 
ATOM   1097 C  CG   . LYS A 1 133 ? 13.202  -7.892  -5.672  1.00 26.51 ? 160 LYS A CG   1 
ATOM   1098 C  CD   . LYS A 1 133 ? 14.204  -8.595  -6.580  1.00 28.64 ? 160 LYS A CD   1 
ATOM   1099 C  CE   . LYS A 1 133 ? 13.545  -9.190  -7.819  1.00 32.74 ? 160 LYS A CE   1 
ATOM   1100 N  NZ   . LYS A 1 133 ? 14.569  -9.830  -8.688  1.00 34.24 ? 160 LYS A NZ   1 
ATOM   1101 N  N    A ILE A 1 134 ? 15.325  -5.899  -2.001  0.50 20.88 ? 161 ILE A N    1 
ATOM   1102 N  N    B ILE A 1 134 ? 15.380  -5.810  -2.026  0.50 22.86 ? 161 ILE A N    1 
ATOM   1103 C  CA   A ILE A 1 134 ? 15.954  -4.869  -1.160  0.50 19.88 ? 161 ILE A CA   1 
ATOM   1104 C  CA   B ILE A 1 134 ? 16.151  -4.698  -1.457  0.50 22.98 ? 161 ILE A CA   1 
ATOM   1105 C  C    A ILE A 1 134 ? 17.409  -5.162  -0.815  0.50 20.13 ? 161 ILE A C    1 
ATOM   1106 C  C    B ILE A 1 134 ? 17.448  -5.129  -0.746  0.50 21.90 ? 161 ILE A C    1 
ATOM   1107 O  O    A ILE A 1 134 ? 18.238  -4.248  -0.753  0.50 19.69 ? 161 ILE A O    1 
ATOM   1108 O  O    B ILE A 1 134 ? 18.253  -4.262  -0.392  0.50 21.46 ? 161 ILE A O    1 
ATOM   1109 C  CB   A ILE A 1 134 ? 15.168  -4.666  0.143   0.50 18.64 ? 161 ILE A CB   1 
ATOM   1110 C  CB   B ILE A 1 134 ? 15.284  -3.673  -0.706  0.50 22.99 ? 161 ILE A CB   1 
ATOM   1111 C  CG1  A ILE A 1 134 ? 13.838  -3.983  -0.177  0.50 18.06 ? 161 ILE A CG1  1 
ATOM   1112 C  CG1  B ILE A 1 134 ? 14.472  -4.327  0.392   0.50 23.10 ? 161 ILE A CG1  1 
ATOM   1113 C  CG2  A ILE A 1 134 ? 15.989  -3.866  1.155   0.50 18.47 ? 161 ILE A CG2  1 
ATOM   1114 C  CG2  B ILE A 1 134 ? 14.378  -2.951  -1.704  0.50 23.46 ? 161 ILE A CG2  1 
ATOM   1115 C  CD1  A ILE A 1 134 ? 13.898  -2.483  -0.152  0.50 17.58 ? 161 ILE A CD1  1 
ATOM   1116 C  CD1  B ILE A 1 134 ? 13.840  -3.322  1.328   0.50 23.00 ? 161 ILE A CD1  1 
ATOM   1117 N  N    . ASN A 1 135 ? 17.722  -6.437  -0.622  1.00 20.84 ? 162 ASN A N    1 
ATOM   1118 C  CA   . ASN A 1 135 ? 19.095  -6.878  -0.293  1.00 22.86 ? 162 ASN A CA   1 
ATOM   1119 C  C    . ASN A 1 135 ? 20.079  -6.700  -1.459  1.00 24.07 ? 162 ASN A C    1 
ATOM   1120 O  O    . ASN A 1 135 ? 21.288  -6.852  -1.263  1.00 25.20 ? 162 ASN A O    1 
ATOM   1121 C  CB   . ASN A 1 135 ? 19.157  -8.318  0.281   1.00 24.13 ? 162 ASN A CB   1 
ATOM   1122 C  CG   . ASN A 1 135 ? 19.001  -8.355  1.816   1.00 26.20 ? 162 ASN A CG   1 
ATOM   1123 O  OD1  . ASN A 1 135 ? 19.444  -7.453  2.523   1.00 27.04 ? 162 ASN A OD1  1 
ATOM   1124 N  ND2  . ASN A 1 135 ? 18.354  -9.412  2.333   1.00 27.70 ? 162 ASN A ND2  1 
ATOM   1125 N  N    . GLU A 1 136 ? 19.589  -6.392  -2.658  1.00 24.42 ? 163 GLU A N    1 
ATOM   1126 C  CA   . GLU A 1 136 ? 20.478  -5.991  -3.756  1.00 25.95 ? 163 GLU A CA   1 
ATOM   1127 C  C    . GLU A 1 136 ? 20.284  -4.523  -4.140  1.00 25.08 ? 163 GLU A C    1 
ATOM   1128 O  O    . GLU A 1 136 ? 20.562  -4.129  -5.258  1.00 24.28 ? 163 GLU A O    1 
ATOM   1129 C  CB   . GLU A 1 136 ? 20.279  -6.916  -4.961  1.00 29.29 ? 163 GLU A CB   1 
ATOM   1130 C  CG   . GLU A 1 136 ? 20.367  -8.419  -4.668  1.00 32.59 ? 163 GLU A CG   1 
ATOM   1131 C  CD   . GLU A 1 136 ? 21.675  -8.885  -4.056  1.00 36.44 ? 163 GLU A CD   1 
ATOM   1132 O  OE1  . GLU A 1 136 ? 22.735  -8.280  -4.336  1.00 40.00 ? 163 GLU A OE1  1 
ATOM   1133 O  OE2  . GLU A 1 136 ? 21.642  -9.891  -3.298  1.00 41.20 ? 163 GLU A OE2  1 
ATOM   1134 N  N    . LEU A 1 137 ? 19.820  -3.707  -3.200  1.00 23.61 ? 164 LEU A N    1 
ATOM   1135 C  CA   . LEU A 1 137 ? 19.716  -2.273  -3.437  1.00 23.91 ? 164 LEU A CA   1 
ATOM   1136 C  C    . LEU A 1 137 ? 21.134  -1.764  -3.713  1.00 23.06 ? 164 LEU A C    1 
ATOM   1137 O  O    . LEU A 1 137 ? 22.082  -2.202  -3.064  1.00 24.72 ? 164 LEU A O    1 
ATOM   1138 C  CB   . LEU A 1 137 ? 19.129  -1.560  -2.214  1.00 25.29 ? 164 LEU A CB   1 
ATOM   1139 C  CG   . LEU A 1 137 ? 18.584  -0.141  -2.401  1.00 27.67 ? 164 LEU A CG   1 
ATOM   1140 C  CD1  . LEU A 1 137 ? 17.289  -0.153  -3.178  1.00 27.56 ? 164 LEU A CD1  1 
ATOM   1141 C  CD2  . LEU A 1 137 ? 18.397  0.516   -1.048  1.00 28.76 ? 164 LEU A CD2  1 
ATOM   1142 N  N    . PRO A 1 138 ? 21.289  -0.884  -4.714  1.00 23.54 ? 165 PRO A N    1 
ATOM   1143 C  CA   . PRO A 1 138 ? 22.615  -0.332  -5.005  1.00 24.61 ? 165 PRO A CA   1 
ATOM   1144 C  C    . PRO A 1 138 ? 23.216  0.462   -3.825  1.00 27.76 ? 165 PRO A C    1 
ATOM   1145 O  O    . PRO A 1 138 ? 22.484  0.896   -2.921  1.00 29.80 ? 165 PRO A O    1 
ATOM   1146 C  CB   . PRO A 1 138 ? 22.366  0.599   -6.208  1.00 24.99 ? 165 PRO A CB   1 
ATOM   1147 C  CG   . PRO A 1 138 ? 21.003  0.339   -6.693  1.00 23.48 ? 165 PRO A CG   1 
ATOM   1148 C  CD   . PRO A 1 138 ? 20.267  -0.481  -5.691  1.00 23.76 ? 165 PRO A CD   1 
HETATM 1149 C  CAX  . 8Q9 B 2 .   ? -17.592 -10.204 6.132   1.00 36.58 ? 201 8Q9 A CAX  1 
HETATM 1150 C  CAY  . 8Q9 B 2 .   ? -18.962 -10.837 6.371   1.00 37.98 ? 201 8Q9 A CAY  1 
HETATM 1151 O  OAZ  . 8Q9 B 2 .   ? -19.353 -11.518 5.121   1.00 38.99 ? 201 8Q9 A OAZ  1 
HETATM 1152 C  CBA  . 8Q9 B 2 .   ? -19.272 -10.662 3.941   1.00 39.09 ? 201 8Q9 A CBA  1 
HETATM 1153 C  CBB  . 8Q9 B 2 .   ? -17.812 -10.209 3.741   1.00 37.05 ? 201 8Q9 A CBB  1 
HETATM 1154 N  NAW  . 8Q9 B 2 .   ? -16.958 -10.650 4.872   1.00 35.13 ? 201 8Q9 A NAW  1 
HETATM 1155 C  CAV  . 8Q9 B 2 .   ? -15.606 -10.078 4.795   1.00 30.64 ? 201 8Q9 A CAV  1 
HETATM 1156 C  CAU  . 8Q9 B 2 .   ? -14.818 -10.954 3.857   1.00 27.12 ? 201 8Q9 A CAU  1 
HETATM 1157 N  NAT  . 8Q9 B 2 .   ? -13.466 -10.352 3.780   1.00 24.34 ? 201 8Q9 A NAT  1 
HETATM 1158 C  CAR  . 8Q9 B 2 .   ? -12.450 -10.665 4.606   1.00 21.22 ? 201 8Q9 A CAR  1 
HETATM 1159 O  OAS  . 8Q9 B 2 .   ? -12.559 -11.441 5.564   1.00 26.49 ? 201 8Q9 A OAS  1 
HETATM 1160 C  CAQ  . 8Q9 B 2 .   ? -11.143 -9.936  4.406   1.00 18.34 ? 201 8Q9 A CAQ  1 
HETATM 1161 O  OAL  . 8Q9 B 2 .   ? -11.045 -9.427  3.039   1.00 15.73 ? 201 8Q9 A OAL  1 
HETATM 1162 C  CAB  . 8Q9 B 2 .   ? -9.945  -8.611  2.773   1.00 14.14 ? 201 8Q9 A CAB  1 
HETATM 1163 C  CAC  . 8Q9 B 2 .   ? -8.935  -8.251  3.692   1.00 13.83 ? 201 8Q9 A CAC  1 
HETATM 1164 C  CAD  . 8Q9 B 2 .   ? -7.936  -7.415  3.313   1.00 14.10 ? 201 8Q9 A CAD  1 
HETATM 1165 O  OAG  . 8Q9 B 2 .   ? -6.886  -6.950  4.026   1.00 13.48 ? 201 8Q9 A OAG  1 
HETATM 1166 N  NAH  . 8Q9 B 2 .   ? -6.091  -6.106  3.079   1.00 16.25 ? 201 8Q9 A NAH  1 
HETATM 1167 C  CAI  . 8Q9 B 2 .   ? -6.758  -6.150  1.946   1.00 14.93 ? 201 8Q9 A CAI  1 
HETATM 1168 C  CAJ  . 8Q9 B 2 .   ? -6.299  -5.415  0.696   1.00 16.33 ? 201 8Q9 A CAJ  1 
HETATM 1169 C  CAE  . 8Q9 B 2 .   ? -7.852  -6.928  2.042   1.00 14.09 ? 201 8Q9 A CAE  1 
HETATM 1170 C  CAF  . 8Q9 B 2 .   ? -8.797  -7.253  1.127   1.00 13.99 ? 201 8Q9 A CAF  1 
HETATM 1171 C  CAA  . 8Q9 B 2 .   ? -9.862  -8.100  1.469   1.00 13.99 ? 201 8Q9 A CAA  1 
HETATM 1172 N  NAK  . 8Q9 B 2 .   ? -10.898 -8.431  0.653   1.00 14.08 ? 201 8Q9 A NAK  1 
HETATM 1173 S  SAM  . 8Q9 B 2 .   ? -10.656 -9.246  -0.822  1.00 14.80 ? 201 8Q9 A SAM  1 
HETATM 1174 O  OAN  . 8Q9 B 2 .   ? -9.598  -8.551  -1.608  1.00 13.78 ? 201 8Q9 A OAN  1 
HETATM 1175 O  OAO  . 8Q9 B 2 .   ? -11.951 -9.435  -1.517  1.00 14.63 ? 201 8Q9 A OAO  1 
HETATM 1176 C  CAP  . 8Q9 B 2 .   ? -10.001 -10.839 -0.399  1.00 14.64 ? 201 8Q9 A CAP  1 
HETATM 1177 C  CBG  . 8Q9 B 2 .   ? -8.717  -11.183 -0.812  1.00 14.77 ? 201 8Q9 A CBG  1 
HETATM 1178 C  CBF  . 8Q9 B 2 .   ? -8.183  -12.407 -0.500  1.00 15.11 ? 201 8Q9 A CBF  1 
HETATM 1179 BR BRBJ . 8Q9 B 2 .   ? -6.446  -12.742 -1.080  1.00 18.38 ? 201 8Q9 A BRBJ 1 
HETATM 1180 C  CBE  . 8Q9 B 2 .   ? -8.939  -13.345 0.214   1.00 15.42 ? 201 8Q9 A CBE  1 
HETATM 1181 C  CBD  . 8Q9 B 2 .   ? -10.224 -13.034 0.628   1.00 15.75 ? 201 8Q9 A CBD  1 
HETATM 1182 C  CBC  . 8Q9 B 2 .   ? -10.771 -11.762 0.317   1.00 14.77 ? 201 8Q9 A CBC  1 
HETATM 1183 O  OBH  . 8Q9 B 2 .   ? -12.037 -11.378 0.660   1.00 15.50 ? 201 8Q9 A OBH  1 
HETATM 1184 C  CBI  . 8Q9 B 2 .   ? -12.931 -12.339 1.240   1.00 16.78 ? 201 8Q9 A CBI  1 
HETATM 1185 N  N    . NO3 C 3 .   ? -13.449 5.691   12.848  1.00 24.09 ? 202 NO3 A N    1 
HETATM 1186 O  O1   . NO3 C 3 .   ? -12.693 5.563   13.819  1.00 22.33 ? 202 NO3 A O1   1 
HETATM 1187 O  O2   . NO3 C 3 .   ? -14.819 5.896   13.103  1.00 27.59 ? 202 NO3 A O2   1 
HETATM 1188 O  O3   . NO3 C 3 .   ? -12.961 5.648   11.512  1.00 20.56 ? 202 NO3 A O3   1 
HETATM 1189 N  N    . NO3 D 3 .   ? -33.590 7.546   7.105   1.00 25.83 ? 203 NO3 A N    1 
HETATM 1190 O  O1   . NO3 D 3 .   ? -32.561 8.069   6.714   1.00 27.98 ? 203 NO3 A O1   1 
HETATM 1191 O  O2   . NO3 D 3 .   ? -34.765 8.269   7.238   1.00 27.61 ? 203 NO3 A O2   1 
HETATM 1192 O  O3   . NO3 D 3 .   ? -33.637 6.201   7.422   1.00 24.04 ? 203 NO3 A O3   1 
HETATM 1193 C  C1   . EDO E 4 .   ? -2.890  1.234   12.333  1.00 24.67 ? 204 EDO A C1   1 
HETATM 1194 O  O1   . EDO E 4 .   ? -3.785  2.358   12.380  1.00 23.43 ? 204 EDO A O1   1 
HETATM 1195 C  C2   . EDO E 4 .   ? -1.811  1.492   11.283  1.00 23.92 ? 204 EDO A C2   1 
HETATM 1196 O  O2   . EDO E 4 .   ? -2.383  1.783   9.993   1.00 21.42 ? 204 EDO A O2   1 
HETATM 1197 C  C1   . GOL F 5 .   ? 2.570   -12.423 9.533   1.00 40.15 ? 205 GOL A C1   1 
HETATM 1198 O  O1   . GOL F 5 .   ? 3.519   -11.848 8.624   1.00 39.03 ? 205 GOL A O1   1 
HETATM 1199 C  C2   . GOL F 5 .   ? 2.117   -11.367 10.536  1.00 40.27 ? 205 GOL A C2   1 
HETATM 1200 O  O2   . GOL F 5 .   ? 1.034   -11.889 11.331  1.00 39.88 ? 205 GOL A O2   1 
HETATM 1201 C  C3   . GOL F 5 .   ? 3.263   -10.837 11.397  1.00 39.18 ? 205 GOL A C3   1 
HETATM 1202 O  O3   . GOL F 5 .   ? 3.131   -9.443  11.720  1.00 43.21 ? 205 GOL A O3   1 
HETATM 1203 C  C1   . GOL G 5 .   ? 20.262  13.551  3.565   1.00 33.71 ? 206 GOL A C1   1 
HETATM 1204 O  O1   . GOL G 5 .   ? 19.606  14.345  2.596   1.00 30.18 ? 206 GOL A O1   1 
HETATM 1205 C  C2   . GOL G 5 .   ? 19.576  12.199  3.686   1.00 34.99 ? 206 GOL A C2   1 
HETATM 1206 O  O2   . GOL G 5 .   ? 18.147  12.343  3.697   1.00 34.73 ? 206 GOL A O2   1 
HETATM 1207 C  C3   . GOL G 5 .   ? 20.039  11.308  2.534   1.00 36.98 ? 206 GOL A C3   1 
HETATM 1208 O  O3   . GOL G 5 .   ? 18.986  10.432  2.112   1.00 37.21 ? 206 GOL A O3   1 
HETATM 1209 O  O    . HOH H 6 .   ? 13.360  -12.205 1.054   1.00 33.67 ? 301 HOH A O    1 
HETATM 1210 O  O    . HOH H 6 .   ? -3.823  -8.912  13.026  1.00 14.69 ? 302 HOH A O    1 
HETATM 1211 O  O    . HOH H 6 .   ? -5.821  -20.898 0.530   1.00 18.47 ? 303 HOH A O    1 
HETATM 1212 O  O    . HOH H 6 .   ? 2.300   21.384  -0.679  1.00 26.17 ? 304 HOH A O    1 
HETATM 1213 O  O    . HOH H 6 .   ? -19.176 8.808   4.780   1.00 22.74 ? 305 HOH A O    1 
HETATM 1214 O  O    . HOH H 6 .   ? -15.075 9.750   3.227   1.00 25.69 ? 306 HOH A O    1 
HETATM 1215 O  O    . HOH H 6 .   ? 19.673  4.735   1.712   1.00 33.70 ? 307 HOH A O    1 
HETATM 1216 O  O    . HOH H 6 .   ? -6.269  12.445  -1.352  1.00 35.07 ? 308 HOH A O    1 
HETATM 1217 O  O    . HOH H 6 .   ? -7.810  -4.330  -2.440  1.00 19.28 ? 309 HOH A O    1 
HETATM 1218 O  O    . HOH H 6 .   ? -3.677  -0.321  3.759   1.00 13.54 ? 310 HOH A O    1 
HETATM 1219 O  O    . HOH H 6 .   ? -6.432  7.023   2.782   1.00 15.65 ? 311 HOH A O    1 
HETATM 1220 O  O    . HOH H 6 .   ? -4.427  -4.288  4.577   1.00 14.81 ? 312 HOH A O    1 
HETATM 1221 O  O    . HOH H 6 .   ? -1.603  -11.333 11.280  1.00 24.48 ? 313 HOH A O    1 
HETATM 1222 O  O    . HOH H 6 .   ? -18.205 -1.182  3.701   1.00 26.45 ? 314 HOH A O    1 
HETATM 1223 O  O    . HOH H 6 .   ? -6.102  -17.878 9.489   1.00 29.18 ? 315 HOH A O    1 
HETATM 1224 O  O    . HOH H 6 .   ? -19.632 -5.202  -2.532  1.00 21.20 ? 316 HOH A O    1 
HETATM 1225 O  O    . HOH H 6 .   ? -17.780 1.929   8.257   1.00 24.29 ? 317 HOH A O    1 
HETATM 1226 O  O    . HOH H 6 .   ? -2.785  -2.130  0.969   1.00 18.13 ? 318 HOH A O    1 
HETATM 1227 O  O    . HOH H 6 .   ? -3.328  7.242   -3.548  1.00 16.46 ? 319 HOH A O    1 
HETATM 1228 O  O    . HOH H 6 .   ? -1.496  7.026   4.704   1.00 27.00 ? 320 HOH A O    1 
HETATM 1229 O  O    . HOH H 6 .   ? -2.271  -3.510  3.218   1.00 19.44 ? 321 HOH A O    1 
HETATM 1230 O  O    . HOH H 6 .   ? -9.333  1.711   -4.469  1.00 23.74 ? 322 HOH A O    1 
HETATM 1231 O  O    . HOH H 6 .   ? -13.724 -8.883  1.279   1.00 16.22 ? 323 HOH A O    1 
HETATM 1232 O  O    . HOH H 6 .   ? 4.065   5.038   5.138   1.00 33.15 ? 324 HOH A O    1 
HETATM 1233 O  O    . HOH H 6 .   ? -6.156  -4.606  -9.030  1.00 23.60 ? 325 HOH A O    1 
HETATM 1234 O  O    . HOH H 6 .   ? -4.640  -2.457  -0.891  1.00 14.01 ? 326 HOH A O    1 
HETATM 1235 O  O    . HOH H 6 .   ? -22.889 2.874   4.539   1.00 23.05 ? 327 HOH A O    1 
HETATM 1236 O  O    . HOH H 6 .   ? 2.968   -17.134 1.834   1.00 23.31 ? 328 HOH A O    1 
HETATM 1237 O  O    . HOH H 6 .   ? -24.328 9.571   2.320   1.00 31.63 ? 329 HOH A O    1 
HETATM 1238 O  O    . HOH H 6 .   ? 18.078  -6.049  4.485   1.00 22.40 ? 330 HOH A O    1 
HETATM 1239 O  O    . HOH H 6 .   ? -15.681 -6.126  12.501  1.00 19.58 ? 331 HOH A O    1 
HETATM 1240 O  O    . HOH H 6 .   ? -4.002  3.253   0.669   1.00 13.45 ? 332 HOH A O    1 
HETATM 1241 O  O    . HOH H 6 .   ? -15.137 2.609   4.909   1.00 25.68 ? 333 HOH A O    1 
HETATM 1242 O  O    . HOH H 6 .   ? -14.041 1.676   7.349   1.00 17.63 ? 334 HOH A O    1 
HETATM 1243 O  O    . HOH H 6 .   ? 10.772  14.578  2.013   1.00 15.66 ? 335 HOH A O    1 
HETATM 1244 O  O    . HOH H 6 .   ? -8.811  5.683   -0.077  1.00 15.89 ? 336 HOH A O    1 
HETATM 1245 O  O    . HOH H 6 .   ? -8.562  -12.034 5.867   1.00 26.35 ? 337 HOH A O    1 
HETATM 1246 O  O    . HOH H 6 .   ? -8.853  -6.487  -3.350  1.00 15.94 ? 338 HOH A O    1 
HETATM 1247 O  O    . HOH H 6 .   ? -9.305  -2.205  -2.877  1.00 15.79 ? 339 HOH A O    1 
HETATM 1248 O  O    . HOH H 6 .   ? -0.887  3.507   -9.613  1.00 26.14 ? 340 HOH A O    1 
HETATM 1249 O  O    . HOH H 6 .   ? -2.149  13.534  -4.593  1.00 27.18 ? 341 HOH A O    1 
HETATM 1250 O  O    . HOH H 6 .   ? -8.269  -17.173 4.240   1.00 28.45 ? 342 HOH A O    1 
HETATM 1251 O  O    . HOH H 6 .   ? -16.224 6.207   -1.042  1.00 33.00 ? 343 HOH A O    1 
HETATM 1252 O  O    . HOH H 6 .   ? 1.872   8.640   -12.444 1.00 41.32 ? 344 HOH A O    1 
HETATM 1253 O  O    . HOH H 6 .   ? -10.450 3.622   -0.867  1.00 20.06 ? 345 HOH A O    1 
HETATM 1254 O  O    . HOH H 6 .   ? 8.270   -14.965 -1.839  1.00 41.61 ? 346 HOH A O    1 
HETATM 1255 O  O    . HOH H 6 .   ? 10.293  8.315   -11.787 1.00 39.60 ? 347 HOH A O    1 
HETATM 1256 O  O    . HOH H 6 .   ? -5.150  0.850   1.410   1.00 18.10 ? 348 HOH A O    1 
HETATM 1257 O  O    . HOH H 6 .   ? -16.671 1.624   -4.077  1.00 37.35 ? 349 HOH A O    1 
HETATM 1258 O  O    . HOH H 6 .   ? -2.043  -9.868  -9.334  1.00 16.19 ? 350 HOH A O    1 
HETATM 1259 O  O    . HOH H 6 .   ? -6.754  4.537   1.445   1.00 12.57 ? 351 HOH A O    1 
HETATM 1260 O  O    . HOH H 6 .   ? -1.272  11.491  2.239   1.00 28.34 ? 352 HOH A O    1 
HETATM 1261 O  O    . HOH H 6 .   ? 10.643  21.318  -0.986  1.00 18.63 ? 353 HOH A O    1 
HETATM 1262 O  O    . HOH H 6 .   ? 17.941  7.109   -1.823  1.00 20.45 ? 354 HOH A O    1 
HETATM 1263 O  O    . HOH H 6 .   ? -7.888  -13.573 3.568   1.00 15.02 ? 355 HOH A O    1 
HETATM 1264 O  O    . HOH H 6 .   ? 17.288  6.323   2.442   1.00 17.89 ? 356 HOH A O    1 
HETATM 1265 O  O    . HOH H 6 .   ? 11.139  9.879   -5.919  1.00 24.57 ? 357 HOH A O    1 
HETATM 1266 O  O    . HOH H 6 .   ? -9.939  -9.561  8.731   1.00 32.36 ? 358 HOH A O    1 
HETATM 1267 O  O    . HOH H 6 .   ? 4.974   13.812  -6.669  1.00 27.29 ? 359 HOH A O    1 
HETATM 1268 O  O    . HOH H 6 .   ? 16.120  -7.263  3.488   1.00 29.76 ? 360 HOH A O    1 
HETATM 1269 O  O    . HOH H 6 .   ? 17.511  15.154  -7.675  1.00 31.64 ? 361 HOH A O    1 
HETATM 1270 O  O    . HOH H 6 .   ? -8.263  -6.189  -7.662  1.00 27.21 ? 362 HOH A O    1 
HETATM 1271 O  O    . HOH H 6 .   ? 8.893   23.792  1.959   1.00 32.82 ? 363 HOH A O    1 
HETATM 1272 O  O    . HOH H 6 .   ? -3.651  -12.032 -10.843 1.00 36.46 ? 364 HOH A O    1 
HETATM 1273 O  O    . HOH H 6 .   ? -11.124 3.485   -3.611  1.00 35.12 ? 365 HOH A O    1 
HETATM 1274 O  O    . HOH H 6 .   ? -10.721 -3.003  -5.030  1.00 22.92 ? 366 HOH A O    1 
# 
